data_2XXC
# 
_entry.id   2XXC 
# 
_audit_conform.dict_name       mmcif_pdbx.dic 
_audit_conform.dict_version    5.398 
_audit_conform.dict_location   http://mmcif.pdb.org/dictionaries/ascii/mmcif_pdbx.dic 
# 
loop_
_database_2.database_id 
_database_2.database_code 
_database_2.pdbx_database_accession 
_database_2.pdbx_DOI 
PDB   2XXC         pdb_00002xxc 10.2210/pdb2xxc/pdb 
PDBE  EBI-46149    ?            ?                   
WWPDB D_1290046149 ?            ?                   
# 
loop_
_pdbx_audit_revision_history.ordinal 
_pdbx_audit_revision_history.data_content_type 
_pdbx_audit_revision_history.major_revision 
_pdbx_audit_revision_history.minor_revision 
_pdbx_audit_revision_history.revision_date 
1 'Structure model' 1 0 2011-10-12 
2 'Structure model' 1 1 2019-08-14 
3 'Structure model' 1 2 2023-12-20 
4 'Structure model' 1 3 2024-11-13 
# 
_pdbx_audit_revision_details.ordinal             1 
_pdbx_audit_revision_details.revision_ordinal    1 
_pdbx_audit_revision_details.data_content_type   'Structure model' 
_pdbx_audit_revision_details.provider            repository 
_pdbx_audit_revision_details.type                'Initial release' 
_pdbx_audit_revision_details.description         ? 
_pdbx_audit_revision_details.details             ? 
# 
loop_
_pdbx_audit_revision_group.ordinal 
_pdbx_audit_revision_group.revision_ordinal 
_pdbx_audit_revision_group.data_content_type 
_pdbx_audit_revision_group.group 
1 2 'Structure model' 'Data collection'        
2 2 'Structure model' 'Database references'    
3 2 'Structure model' 'Structure summary'      
4 3 'Structure model' 'Data collection'        
5 3 'Structure model' 'Database references'    
6 3 'Structure model' Other                    
7 3 'Structure model' 'Refinement description' 
8 4 'Structure model' 'Structure summary'      
# 
loop_
_pdbx_audit_revision_category.ordinal 
_pdbx_audit_revision_category.revision_ordinal 
_pdbx_audit_revision_category.data_content_type 
_pdbx_audit_revision_category.category 
1 2 'Structure model' audit_author                  
2 2 'Structure model' citation_author               
3 3 'Structure model' chem_comp_atom                
4 3 'Structure model' chem_comp_bond                
5 3 'Structure model' database_2                    
6 3 'Structure model' pdbx_database_status          
7 3 'Structure model' pdbx_initial_refinement_model 
8 4 'Structure model' pdbx_entry_details            
9 4 'Structure model' pdbx_modification_feature     
# 
loop_
_pdbx_audit_revision_item.ordinal 
_pdbx_audit_revision_item.revision_ordinal 
_pdbx_audit_revision_item.data_content_type 
_pdbx_audit_revision_item.item 
1 2 'Structure model' '_audit_author.name'                           
2 2 'Structure model' '_citation_author.name'                        
3 3 'Structure model' '_database_2.pdbx_DOI'                         
4 3 'Structure model' '_database_2.pdbx_database_accession'          
5 3 'Structure model' '_pdbx_database_status.status_code_sf'         
6 4 'Structure model' '_pdbx_entry_details.has_protein_modification' 
# 
_pdbx_database_status.status_code                     REL 
_pdbx_database_status.entry_id                        2XXC 
_pdbx_database_status.deposit_site                    PDBE 
_pdbx_database_status.process_site                    PDBE 
_pdbx_database_status.SG_entry                        . 
_pdbx_database_status.recvd_initial_deposition_date   2010-11-10 
_pdbx_database_status.pdb_format_compatible           Y 
_pdbx_database_status.status_code_sf                  REL 
_pdbx_database_status.status_code_mr                  ? 
_pdbx_database_status.status_code_cs                  ? 
_pdbx_database_status.methods_development_category    ? 
_pdbx_database_status.status_code_nmr_data            ? 
# 
loop_
_pdbx_database_related.db_name 
_pdbx_database_related.db_id 
_pdbx_database_related.content_type 
_pdbx_database_related.details 
PDB 2XXM unspecified 
'CRYSTAL STRUCTURE OF THE HIV-1 CAPSID PROTEIN C- TERMINAL DOMAIN IN COMPLEX WITH A CAMELID VHH AND THE CAI PEPTIDE.' 
PDB 2XT1 unspecified 'CRYSTAL STRUCTURE OF THE HIV-1 CAPSID PROTEIN C- TERMINAL DOMAIN (146-231) IN COMPLEX WITH A CAMELID VHH.' 
PDB 2XV6 unspecified 'CRYSTAL STRUCTURE OF THE HIV-1 CAPSID PROTEIN C- TERMINAL DOMAIN (146-220) IN COMPLEX WITH A CAMELID VHH.' 
# 
loop_
_audit_author.name 
_audit_author.pdbx_ordinal 
_audit_author.identifier_ORCID 
'Igonet, S.'        1 ? 
'Vaney, M.C.'       2 ? 
'Bartonova, V.'     3 ? 
'Helma, J.'         4 ? 
'Rothbauer, U.'     5 ? 
'Leonhardt, H.'     6 ? 
'Stura, E.'         7 ? 
'Krausslich, H.-G.' 8 ? 
'Rey, F.A.'         9 ? 
# 
_citation.id                        primary 
_citation.title                     
'Targeting HIV-1 Virion Formation with Nanobodies -Implications for the Design of Assembly Inhibitors' 
_citation.journal_abbrev            'To be Published' 
_citation.journal_volume            ? 
_citation.page_first                ? 
_citation.page_last                 ? 
_citation.year                      ? 
_citation.journal_id_ASTM           ? 
_citation.country                   ? 
_citation.journal_id_ISSN           ? 
_citation.journal_id_CSD            0353 
_citation.book_publisher            ? 
_citation.pdbx_database_id_PubMed   ? 
_citation.pdbx_database_id_DOI      ? 
# 
loop_
_citation_author.citation_id 
_citation_author.name 
_citation_author.ordinal 
_citation_author.identifier_ORCID 
primary 'Igonet, S.'        1 ? 
primary 'Vaney, M.C.'       2 ? 
primary 'Bartonova, V.'     3 ? 
primary 'Helma, J.'         4 ? 
primary 'Rothbauer, U.'     5 ? 
primary 'Leonhardt, H.'     6 ? 
primary 'Stura, E.'         7 ? 
primary 'Krausslich, H.-G.' 8 ? 
primary 'Rey, F.A.'         9 ? 
# 
loop_
_entity.id 
_entity.type 
_entity.src_method 
_entity.pdbx_description 
_entity.formula_weight 
_entity.pdbx_number_of_molecules 
_entity.pdbx_ec 
_entity.pdbx_mutation 
_entity.pdbx_fragment 
_entity.details 
1 polymer man 'CAMELID VHH 9' 13213.812 1   ? ? ? ? 
2 water   nat water           18.015    155 ? ? ? ? 
# 
_entity_poly.entity_id                      1 
_entity_poly.type                           'polypeptide(L)' 
_entity_poly.nstd_linkage                   no 
_entity_poly.nstd_monomer                   no 
_entity_poly.pdbx_seq_one_letter_code       
;MAQVQLVESGGGLVQAGGSLRLSCAASGSFFMSNVMAWYRQAPGKARELIAAIRGGDMSTVYDDSVKGRFTITRDDDKNI
LYLQMNDLKPEDTAMYYCKASGSSWGQGTQVTVSSHHHHHH
;
_entity_poly.pdbx_seq_one_letter_code_can   
;MAQVQLVESGGGLVQAGGSLRLSCAASGSFFMSNVMAWYRQAPGKARELIAAIRGGDMSTVYDDSVKGRFTITRDDDKNI
LYLQMNDLKPEDTAMYYCKASGSSWGQGTQVTVSSHHHHHH
;
_entity_poly.pdbx_strand_id                 B 
_entity_poly.pdbx_target_identifier         ? 
# 
_pdbx_entity_nonpoly.entity_id   2 
_pdbx_entity_nonpoly.name        water 
_pdbx_entity_nonpoly.comp_id     HOH 
# 
loop_
_entity_poly_seq.entity_id 
_entity_poly_seq.num 
_entity_poly_seq.mon_id 
_entity_poly_seq.hetero 
1 1   MET n 
1 2   ALA n 
1 3   GLN n 
1 4   VAL n 
1 5   GLN n 
1 6   LEU n 
1 7   VAL n 
1 8   GLU n 
1 9   SER n 
1 10  GLY n 
1 11  GLY n 
1 12  GLY n 
1 13  LEU n 
1 14  VAL n 
1 15  GLN n 
1 16  ALA n 
1 17  GLY n 
1 18  GLY n 
1 19  SER n 
1 20  LEU n 
1 21  ARG n 
1 22  LEU n 
1 23  SER n 
1 24  CYS n 
1 25  ALA n 
1 26  ALA n 
1 27  SER n 
1 28  GLY n 
1 29  SER n 
1 30  PHE n 
1 31  PHE n 
1 32  MET n 
1 33  SER n 
1 34  ASN n 
1 35  VAL n 
1 36  MET n 
1 37  ALA n 
1 38  TRP n 
1 39  TYR n 
1 40  ARG n 
1 41  GLN n 
1 42  ALA n 
1 43  PRO n 
1 44  GLY n 
1 45  LYS n 
1 46  ALA n 
1 47  ARG n 
1 48  GLU n 
1 49  LEU n 
1 50  ILE n 
1 51  ALA n 
1 52  ALA n 
1 53  ILE n 
1 54  ARG n 
1 55  GLY n 
1 56  GLY n 
1 57  ASP n 
1 58  MET n 
1 59  SER n 
1 60  THR n 
1 61  VAL n 
1 62  TYR n 
1 63  ASP n 
1 64  ASP n 
1 65  SER n 
1 66  VAL n 
1 67  LYS n 
1 68  GLY n 
1 69  ARG n 
1 70  PHE n 
1 71  THR n 
1 72  ILE n 
1 73  THR n 
1 74  ARG n 
1 75  ASP n 
1 76  ASP n 
1 77  ASP n 
1 78  LYS n 
1 79  ASN n 
1 80  ILE n 
1 81  LEU n 
1 82  TYR n 
1 83  LEU n 
1 84  GLN n 
1 85  MET n 
1 86  ASN n 
1 87  ASP n 
1 88  LEU n 
1 89  LYS n 
1 90  PRO n 
1 91  GLU n 
1 92  ASP n 
1 93  THR n 
1 94  ALA n 
1 95  MET n 
1 96  TYR n 
1 97  TYR n 
1 98  CYS n 
1 99  LYS n 
1 100 ALA n 
1 101 SER n 
1 102 GLY n 
1 103 SER n 
1 104 SER n 
1 105 TRP n 
1 106 GLY n 
1 107 GLN n 
1 108 GLY n 
1 109 THR n 
1 110 GLN n 
1 111 VAL n 
1 112 THR n 
1 113 VAL n 
1 114 SER n 
1 115 SER n 
1 116 HIS n 
1 117 HIS n 
1 118 HIS n 
1 119 HIS n 
1 120 HIS n 
1 121 HIS n 
# 
_entity_src_gen.entity_id                          1 
_entity_src_gen.pdbx_src_id                        1 
_entity_src_gen.pdbx_alt_source_flag               sample 
_entity_src_gen.pdbx_seq_type                      ? 
_entity_src_gen.pdbx_beg_seq_num                   ? 
_entity_src_gen.pdbx_end_seq_num                   ? 
_entity_src_gen.gene_src_common_name               ALPACA 
_entity_src_gen.gene_src_genus                     ? 
_entity_src_gen.pdbx_gene_src_gene                 ? 
_entity_src_gen.gene_src_species                   ? 
_entity_src_gen.gene_src_strain                    ? 
_entity_src_gen.gene_src_tissue                    ? 
_entity_src_gen.gene_src_tissue_fraction           ? 
_entity_src_gen.gene_src_details                   ? 
_entity_src_gen.pdbx_gene_src_fragment             ? 
_entity_src_gen.pdbx_gene_src_scientific_name      'VICUGNA PACOS' 
_entity_src_gen.pdbx_gene_src_ncbi_taxonomy_id     30538 
_entity_src_gen.pdbx_gene_src_variant              ? 
_entity_src_gen.pdbx_gene_src_cell_line            ? 
_entity_src_gen.pdbx_gene_src_atcc                 ? 
_entity_src_gen.pdbx_gene_src_organ                ? 
_entity_src_gen.pdbx_gene_src_organelle            ? 
_entity_src_gen.pdbx_gene_src_cell                 ? 
_entity_src_gen.pdbx_gene_src_cellular_location    ? 
_entity_src_gen.host_org_common_name               ? 
_entity_src_gen.pdbx_host_org_scientific_name      'ESCHERICHIA COLI' 
_entity_src_gen.pdbx_host_org_ncbi_taxonomy_id     469008 
_entity_src_gen.host_org_genus                     ? 
_entity_src_gen.pdbx_host_org_gene                 ? 
_entity_src_gen.pdbx_host_org_organ                ? 
_entity_src_gen.host_org_species                   ? 
_entity_src_gen.pdbx_host_org_tissue               ? 
_entity_src_gen.pdbx_host_org_tissue_fraction      ? 
_entity_src_gen.pdbx_host_org_strain               'BL21(DE3)' 
_entity_src_gen.pdbx_host_org_variant              CODONPLUS-RIL 
_entity_src_gen.pdbx_host_org_cell_line            ? 
_entity_src_gen.pdbx_host_org_atcc                 ? 
_entity_src_gen.pdbx_host_org_culture_collection   ? 
_entity_src_gen.pdbx_host_org_cell                 ? 
_entity_src_gen.pdbx_host_org_organelle            ? 
_entity_src_gen.pdbx_host_org_cellular_location    ? 
_entity_src_gen.pdbx_host_org_vector_type          ? 
_entity_src_gen.pdbx_host_org_vector               ? 
_entity_src_gen.host_org_details                   ? 
_entity_src_gen.expression_system_id               ? 
_entity_src_gen.plasmid_name                       ? 
_entity_src_gen.plasmid_details                    ? 
_entity_src_gen.pdbx_description                   ? 
# 
loop_
_chem_comp.id 
_chem_comp.type 
_chem_comp.mon_nstd_flag 
_chem_comp.name 
_chem_comp.pdbx_synonyms 
_chem_comp.formula 
_chem_comp.formula_weight 
ALA 'L-peptide linking' y ALANINE         ? 'C3 H7 N O2'     89.093  
ARG 'L-peptide linking' y ARGININE        ? 'C6 H15 N4 O2 1' 175.209 
ASN 'L-peptide linking' y ASPARAGINE      ? 'C4 H8 N2 O3'    132.118 
ASP 'L-peptide linking' y 'ASPARTIC ACID' ? 'C4 H7 N O4'     133.103 
CYS 'L-peptide linking' y CYSTEINE        ? 'C3 H7 N O2 S'   121.158 
GLN 'L-peptide linking' y GLUTAMINE       ? 'C5 H10 N2 O3'   146.144 
GLU 'L-peptide linking' y 'GLUTAMIC ACID' ? 'C5 H9 N O4'     147.129 
GLY 'peptide linking'   y GLYCINE         ? 'C2 H5 N O2'     75.067  
HIS 'L-peptide linking' y HISTIDINE       ? 'C6 H10 N3 O2 1' 156.162 
HOH non-polymer         . WATER           ? 'H2 O'           18.015  
ILE 'L-peptide linking' y ISOLEUCINE      ? 'C6 H13 N O2'    131.173 
LEU 'L-peptide linking' y LEUCINE         ? 'C6 H13 N O2'    131.173 
LYS 'L-peptide linking' y LYSINE          ? 'C6 H15 N2 O2 1' 147.195 
MET 'L-peptide linking' y METHIONINE      ? 'C5 H11 N O2 S'  149.211 
PHE 'L-peptide linking' y PHENYLALANINE   ? 'C9 H11 N O2'    165.189 
PRO 'L-peptide linking' y PROLINE         ? 'C5 H9 N O2'     115.130 
SER 'L-peptide linking' y SERINE          ? 'C3 H7 N O3'     105.093 
THR 'L-peptide linking' y THREONINE       ? 'C4 H9 N O3'     119.119 
TRP 'L-peptide linking' y TRYPTOPHAN      ? 'C11 H12 N2 O2'  204.225 
TYR 'L-peptide linking' y TYROSINE        ? 'C9 H11 N O3'    181.189 
VAL 'L-peptide linking' y VALINE          ? 'C5 H11 N O2'    117.146 
# 
loop_
_pdbx_poly_seq_scheme.asym_id 
_pdbx_poly_seq_scheme.entity_id 
_pdbx_poly_seq_scheme.seq_id 
_pdbx_poly_seq_scheme.mon_id 
_pdbx_poly_seq_scheme.ndb_seq_num 
_pdbx_poly_seq_scheme.pdb_seq_num 
_pdbx_poly_seq_scheme.auth_seq_num 
_pdbx_poly_seq_scheme.pdb_mon_id 
_pdbx_poly_seq_scheme.auth_mon_id 
_pdbx_poly_seq_scheme.pdb_strand_id 
_pdbx_poly_seq_scheme.pdb_ins_code 
_pdbx_poly_seq_scheme.hetero 
A 1 1   MET 1   -1  ?   ?   ?   B . n 
A 1 2   ALA 2   0   0   ALA ALA B . n 
A 1 3   GLN 3   1   1   GLN GLN B . n 
A 1 4   VAL 4   2   2   VAL VAL B . n 
A 1 5   GLN 5   3   3   GLN GLN B . n 
A 1 6   LEU 6   4   4   LEU LEU B . n 
A 1 7   VAL 7   5   5   VAL VAL B . n 
A 1 8   GLU 8   6   6   GLU GLU B . n 
A 1 9   SER 9   7   7   SER SER B . n 
A 1 10  GLY 10  8   8   GLY GLY B . n 
A 1 11  GLY 11  9   9   GLY GLY B . n 
A 1 12  GLY 12  10  10  GLY GLY B . n 
A 1 13  LEU 13  11  11  LEU LEU B . n 
A 1 14  VAL 14  12  12  VAL VAL B . n 
A 1 15  GLN 15  13  13  GLN GLN B . n 
A 1 16  ALA 16  14  14  ALA ALA B . n 
A 1 17  GLY 17  15  15  GLY GLY B . n 
A 1 18  GLY 18  16  16  GLY GLY B . n 
A 1 19  SER 19  17  17  SER SER B . n 
A 1 20  LEU 20  18  18  LEU LEU B . n 
A 1 21  ARG 21  19  19  ARG ARG B . n 
A 1 22  LEU 22  20  20  LEU LEU B . n 
A 1 23  SER 23  21  21  SER SER B . n 
A 1 24  CYS 24  22  22  CYS CYS B . n 
A 1 25  ALA 25  23  23  ALA ALA B . n 
A 1 26  ALA 26  24  24  ALA ALA B . n 
A 1 27  SER 27  25  25  SER SER B . n 
A 1 28  GLY 28  26  26  GLY GLY B . n 
A 1 29  SER 29  27  27  SER SER B . n 
A 1 30  PHE 30  28  28  PHE PHE B . n 
A 1 31  PHE 31  29  29  PHE PHE B . n 
A 1 32  MET 32  30  30  MET MET B . n 
A 1 33  SER 33  31  31  SER SER B . n 
A 1 34  ASN 34  32  32  ASN ASN B . n 
A 1 35  VAL 35  33  33  VAL VAL B . n 
A 1 36  MET 36  34  34  MET MET B . n 
A 1 37  ALA 37  35  35  ALA ALA B . n 
A 1 38  TRP 38  36  36  TRP TRP B . n 
A 1 39  TYR 39  37  37  TYR TYR B . n 
A 1 40  ARG 40  38  38  ARG ARG B . n 
A 1 41  GLN 41  39  39  GLN GLN B . n 
A 1 42  ALA 42  40  40  ALA ALA B . n 
A 1 43  PRO 43  41  41  PRO PRO B . n 
A 1 44  GLY 44  42  42  GLY GLY B . n 
A 1 45  LYS 45  43  43  LYS LYS B . n 
A 1 46  ALA 46  44  44  ALA ALA B . n 
A 1 47  ARG 47  45  45  ARG ARG B . n 
A 1 48  GLU 48  46  46  GLU GLU B . n 
A 1 49  LEU 49  47  47  LEU LEU B . n 
A 1 50  ILE 50  48  48  ILE ILE B . n 
A 1 51  ALA 51  49  49  ALA ALA B . n 
A 1 52  ALA 52  50  50  ALA ALA B . n 
A 1 53  ILE 53  51  51  ILE ILE B . n 
A 1 54  ARG 54  52  52  ARG ARG B . n 
A 1 55  GLY 55  52  52  GLY GLY B A n 
A 1 56  GLY 56  53  53  GLY GLY B . n 
A 1 57  ASP 57  54  54  ASP ASP B . n 
A 1 58  MET 58  55  55  MET MET B . n 
A 1 59  SER 59  56  56  SER SER B . n 
A 1 60  THR 60  57  57  THR THR B . n 
A 1 61  VAL 61  58  58  VAL VAL B . n 
A 1 62  TYR 62  59  59  TYR TYR B . n 
A 1 63  ASP 63  60  60  ASP ASP B . n 
A 1 64  ASP 64  61  61  ASP ASP B . n 
A 1 65  SER 65  62  62  SER SER B . n 
A 1 66  VAL 66  63  63  VAL VAL B . n 
A 1 67  LYS 67  64  64  LYS LYS B . n 
A 1 68  GLY 68  65  65  GLY GLY B . n 
A 1 69  ARG 69  66  66  ARG ARG B . n 
A 1 70  PHE 70  67  67  PHE PHE B . n 
A 1 71  THR 71  68  68  THR THR B . n 
A 1 72  ILE 72  69  69  ILE ILE B . n 
A 1 73  THR 73  70  70  THR THR B . n 
A 1 74  ARG 74  71  71  ARG ARG B . n 
A 1 75  ASP 75  72  72  ASP ASP B . n 
A 1 76  ASP 76  73  73  ASP ASP B . n 
A 1 77  ASP 77  74  74  ASP ASP B . n 
A 1 78  LYS 78  75  75  LYS LYS B . n 
A 1 79  ASN 79  76  76  ASN ASN B . n 
A 1 80  ILE 80  77  77  ILE ILE B . n 
A 1 81  LEU 81  78  78  LEU LEU B . n 
A 1 82  TYR 82  79  79  TYR TYR B . n 
A 1 83  LEU 83  80  80  LEU LEU B . n 
A 1 84  GLN 84  81  81  GLN GLN B . n 
A 1 85  MET 85  82  82  MET MET B . n 
A 1 86  ASN 86  82  82  ASN ASN B A n 
A 1 87  ASP 87  82  82  ASP ASP B B n 
A 1 88  LEU 88  82  82  LEU LEU B C n 
A 1 89  LYS 89  83  83  LYS LYS B . n 
A 1 90  PRO 90  84  84  PRO PRO B . n 
A 1 91  GLU 91  85  85  GLU GLU B . n 
A 1 92  ASP 92  86  86  ASP ASP B . n 
A 1 93  THR 93  87  87  THR THR B . n 
A 1 94  ALA 94  88  88  ALA ALA B . n 
A 1 95  MET 95  89  89  MET MET B . n 
A 1 96  TYR 96  90  90  TYR TYR B . n 
A 1 97  TYR 97  91  91  TYR TYR B . n 
A 1 98  CYS 98  92  92  CYS CYS B . n 
A 1 99  LYS 99  93  93  LYS LYS B . n 
A 1 100 ALA 100 94  94  ALA ALA B . n 
A 1 101 SER 101 95  95  SER SER B . n 
A 1 102 GLY 102 96  96  GLY GLY B . n 
A 1 103 SER 103 101 101 SER SER B . n 
A 1 104 SER 104 102 102 SER SER B . n 
A 1 105 TRP 105 103 103 TRP TRP B . n 
A 1 106 GLY 106 104 104 GLY GLY B . n 
A 1 107 GLN 107 105 105 GLN GLN B . n 
A 1 108 GLY 108 106 106 GLY GLY B . n 
A 1 109 THR 109 107 107 THR THR B . n 
A 1 110 GLN 110 108 108 GLN GLN B . n 
A 1 111 VAL 111 109 109 VAL VAL B . n 
A 1 112 THR 112 110 110 THR THR B . n 
A 1 113 VAL 113 111 111 VAL VAL B . n 
A 1 114 SER 114 112 112 SER SER B . n 
A 1 115 SER 115 113 113 SER SER B . n 
A 1 116 HIS 116 114 ?   ?   ?   B . n 
A 1 117 HIS 117 115 ?   ?   ?   B . n 
A 1 118 HIS 118 116 ?   ?   ?   B . n 
A 1 119 HIS 119 117 ?   ?   ?   B . n 
A 1 120 HIS 120 118 ?   ?   ?   B . n 
A 1 121 HIS 121 119 ?   ?   ?   B . n 
# 
loop_
_pdbx_nonpoly_scheme.asym_id 
_pdbx_nonpoly_scheme.entity_id 
_pdbx_nonpoly_scheme.mon_id 
_pdbx_nonpoly_scheme.ndb_seq_num 
_pdbx_nonpoly_scheme.pdb_seq_num 
_pdbx_nonpoly_scheme.auth_seq_num 
_pdbx_nonpoly_scheme.pdb_mon_id 
_pdbx_nonpoly_scheme.auth_mon_id 
_pdbx_nonpoly_scheme.pdb_strand_id 
_pdbx_nonpoly_scheme.pdb_ins_code 
B 2 HOH 1   2001 2001 HOH HOH B . 
B 2 HOH 2   2002 2002 HOH HOH B . 
B 2 HOH 3   2003 2003 HOH HOH B . 
B 2 HOH 4   2004 2004 HOH HOH B . 
B 2 HOH 5   2005 2005 HOH HOH B . 
B 2 HOH 6   2006 2006 HOH HOH B . 
B 2 HOH 7   2007 2007 HOH HOH B . 
B 2 HOH 8   2008 2008 HOH HOH B . 
B 2 HOH 9   2009 2009 HOH HOH B . 
B 2 HOH 10  2010 2010 HOH HOH B . 
B 2 HOH 11  2011 2011 HOH HOH B . 
B 2 HOH 12  2012 2012 HOH HOH B . 
B 2 HOH 13  2013 2013 HOH HOH B . 
B 2 HOH 14  2014 2014 HOH HOH B . 
B 2 HOH 15  2015 2015 HOH HOH B . 
B 2 HOH 16  2016 2016 HOH HOH B . 
B 2 HOH 17  2017 2017 HOH HOH B . 
B 2 HOH 18  2018 2018 HOH HOH B . 
B 2 HOH 19  2019 2019 HOH HOH B . 
B 2 HOH 20  2020 2020 HOH HOH B . 
B 2 HOH 21  2021 2021 HOH HOH B . 
B 2 HOH 22  2022 2022 HOH HOH B . 
B 2 HOH 23  2023 2023 HOH HOH B . 
B 2 HOH 24  2024 2024 HOH HOH B . 
B 2 HOH 25  2025 2025 HOH HOH B . 
B 2 HOH 26  2026 2026 HOH HOH B . 
B 2 HOH 27  2027 2027 HOH HOH B . 
B 2 HOH 28  2028 2028 HOH HOH B . 
B 2 HOH 29  2029 2029 HOH HOH B . 
B 2 HOH 30  2030 2030 HOH HOH B . 
B 2 HOH 31  2031 2031 HOH HOH B . 
B 2 HOH 32  2032 2032 HOH HOH B . 
B 2 HOH 33  2033 2033 HOH HOH B . 
B 2 HOH 34  2034 2034 HOH HOH B . 
B 2 HOH 35  2035 2035 HOH HOH B . 
B 2 HOH 36  2036 2036 HOH HOH B . 
B 2 HOH 37  2037 2037 HOH HOH B . 
B 2 HOH 38  2038 2038 HOH HOH B . 
B 2 HOH 39  2039 2039 HOH HOH B . 
B 2 HOH 40  2040 2040 HOH HOH B . 
B 2 HOH 41  2041 2041 HOH HOH B . 
B 2 HOH 42  2042 2042 HOH HOH B . 
B 2 HOH 43  2043 2043 HOH HOH B . 
B 2 HOH 44  2044 2044 HOH HOH B . 
B 2 HOH 45  2045 2045 HOH HOH B . 
B 2 HOH 46  2046 2046 HOH HOH B . 
B 2 HOH 47  2047 2047 HOH HOH B . 
B 2 HOH 48  2048 2048 HOH HOH B . 
B 2 HOH 49  2049 2049 HOH HOH B . 
B 2 HOH 50  2050 2050 HOH HOH B . 
B 2 HOH 51  2051 2051 HOH HOH B . 
B 2 HOH 52  2052 2052 HOH HOH B . 
B 2 HOH 53  2053 2053 HOH HOH B . 
B 2 HOH 54  2054 2054 HOH HOH B . 
B 2 HOH 55  2055 2055 HOH HOH B . 
B 2 HOH 56  2056 2056 HOH HOH B . 
B 2 HOH 57  2057 2057 HOH HOH B . 
B 2 HOH 58  2058 2058 HOH HOH B . 
B 2 HOH 59  2059 2059 HOH HOH B . 
B 2 HOH 60  2060 2060 HOH HOH B . 
B 2 HOH 61  2061 2061 HOH HOH B . 
B 2 HOH 62  2062 2062 HOH HOH B . 
B 2 HOH 63  2063 2063 HOH HOH B . 
B 2 HOH 64  2064 2064 HOH HOH B . 
B 2 HOH 65  2065 2065 HOH HOH B . 
B 2 HOH 66  2066 2066 HOH HOH B . 
B 2 HOH 67  2067 2067 HOH HOH B . 
B 2 HOH 68  2068 2068 HOH HOH B . 
B 2 HOH 69  2069 2069 HOH HOH B . 
B 2 HOH 70  2070 2070 HOH HOH B . 
B 2 HOH 71  2071 2071 HOH HOH B . 
B 2 HOH 72  2072 2072 HOH HOH B . 
B 2 HOH 73  2073 2073 HOH HOH B . 
B 2 HOH 74  2074 2074 HOH HOH B . 
B 2 HOH 75  2075 2075 HOH HOH B . 
B 2 HOH 76  2076 2076 HOH HOH B . 
B 2 HOH 77  2077 2077 HOH HOH B . 
B 2 HOH 78  2078 2078 HOH HOH B . 
B 2 HOH 79  2079 2079 HOH HOH B . 
B 2 HOH 80  2080 2080 HOH HOH B . 
B 2 HOH 81  2081 2081 HOH HOH B . 
B 2 HOH 82  2082 2082 HOH HOH B . 
B 2 HOH 83  2083 2083 HOH HOH B . 
B 2 HOH 84  2084 2084 HOH HOH B . 
B 2 HOH 85  2085 2085 HOH HOH B . 
B 2 HOH 86  2086 2086 HOH HOH B . 
B 2 HOH 87  2087 2087 HOH HOH B . 
B 2 HOH 88  2088 2088 HOH HOH B . 
B 2 HOH 89  2089 2089 HOH HOH B . 
B 2 HOH 90  2090 2090 HOH HOH B . 
B 2 HOH 91  2091 2091 HOH HOH B . 
B 2 HOH 92  2092 2092 HOH HOH B . 
B 2 HOH 93  2093 2093 HOH HOH B . 
B 2 HOH 94  2094 2094 HOH HOH B . 
B 2 HOH 95  2095 2095 HOH HOH B . 
B 2 HOH 96  2096 2096 HOH HOH B . 
B 2 HOH 97  2097 2097 HOH HOH B . 
B 2 HOH 98  2098 2098 HOH HOH B . 
B 2 HOH 99  2099 2099 HOH HOH B . 
B 2 HOH 100 2100 2100 HOH HOH B . 
B 2 HOH 101 2101 2101 HOH HOH B . 
B 2 HOH 102 2102 2102 HOH HOH B . 
B 2 HOH 103 2103 2103 HOH HOH B . 
B 2 HOH 104 2104 2104 HOH HOH B . 
B 2 HOH 105 2105 2105 HOH HOH B . 
B 2 HOH 106 2106 2106 HOH HOH B . 
B 2 HOH 107 2107 2107 HOH HOH B . 
B 2 HOH 108 2108 2108 HOH HOH B . 
B 2 HOH 109 2109 2109 HOH HOH B . 
B 2 HOH 110 2110 2110 HOH HOH B . 
B 2 HOH 111 2111 2111 HOH HOH B . 
B 2 HOH 112 2112 2112 HOH HOH B . 
B 2 HOH 113 2113 2113 HOH HOH B . 
B 2 HOH 114 2114 2114 HOH HOH B . 
B 2 HOH 115 2115 2115 HOH HOH B . 
B 2 HOH 116 2116 2116 HOH HOH B . 
B 2 HOH 117 2117 2117 HOH HOH B . 
B 2 HOH 118 2118 2118 HOH HOH B . 
B 2 HOH 119 2119 2119 HOH HOH B . 
B 2 HOH 120 2120 2120 HOH HOH B . 
B 2 HOH 121 2121 2121 HOH HOH B . 
B 2 HOH 122 2122 2122 HOH HOH B . 
B 2 HOH 123 2123 2123 HOH HOH B . 
B 2 HOH 124 2124 2124 HOH HOH B . 
B 2 HOH 125 2125 2125 HOH HOH B . 
B 2 HOH 126 2126 2126 HOH HOH B . 
B 2 HOH 127 2127 2127 HOH HOH B . 
B 2 HOH 128 2128 2128 HOH HOH B . 
B 2 HOH 129 2129 2129 HOH HOH B . 
B 2 HOH 130 2130 2130 HOH HOH B . 
B 2 HOH 131 2131 2131 HOH HOH B . 
B 2 HOH 132 2132 2132 HOH HOH B . 
B 2 HOH 133 2133 2133 HOH HOH B . 
B 2 HOH 134 2134 2134 HOH HOH B . 
B 2 HOH 135 2135 2135 HOH HOH B . 
B 2 HOH 136 2136 2136 HOH HOH B . 
B 2 HOH 137 2137 2137 HOH HOH B . 
B 2 HOH 138 2138 2138 HOH HOH B . 
B 2 HOH 139 2139 2139 HOH HOH B . 
B 2 HOH 140 2140 2140 HOH HOH B . 
B 2 HOH 141 2141 2141 HOH HOH B . 
B 2 HOH 142 2142 2142 HOH HOH B . 
B 2 HOH 143 2143 2143 HOH HOH B . 
B 2 HOH 144 2144 2144 HOH HOH B . 
B 2 HOH 145 2145 2145 HOH HOH B . 
B 2 HOH 146 2146 2146 HOH HOH B . 
B 2 HOH 147 2147 2147 HOH HOH B . 
B 2 HOH 148 2148 2148 HOH HOH B . 
B 2 HOH 149 2149 2149 HOH HOH B . 
B 2 HOH 150 2150 2150 HOH HOH B . 
B 2 HOH 151 2151 2151 HOH HOH B . 
B 2 HOH 152 2152 2152 HOH HOH B . 
B 2 HOH 153 2153 2153 HOH HOH B . 
B 2 HOH 154 2154 2154 HOH HOH B . 
B 2 HOH 155 2155 2155 HOH HOH B . 
# 
loop_
_software.name 
_software.classification 
_software.version 
_software.citation_id 
_software.pdbx_ordinal 
BUSTER refinement       2.9.3 ? 1 
XDS    'data reduction' .     ? 2 
SCALA  'data scaling'   .     ? 3 
PHASER phasing          .     ? 4 
# 
_cell.entry_id           2XXC 
_cell.length_a           80.208 
_cell.length_b           80.208 
_cell.length_c           52.686 
_cell.angle_alpha        90.00 
_cell.angle_beta         90.00 
_cell.angle_gamma        90.00 
_cell.Z_PDB              8 
_cell.pdbx_unique_axis   ? 
# 
_symmetry.entry_id                         2XXC 
_symmetry.space_group_name_H-M             'P 41 21 2' 
_symmetry.pdbx_full_space_group_name_H-M   ? 
_symmetry.cell_setting                     ? 
_symmetry.Int_Tables_number                92 
# 
_exptl.entry_id          2XXC 
_exptl.method            'X-RAY DIFFRACTION' 
_exptl.crystals_number   3 
# 
_exptl_crystal.id                    1 
_exptl_crystal.density_meas          ? 
_exptl_crystal.density_Matthews      3.39 
_exptl_crystal.density_percent_sol   63.72 
_exptl_crystal.description           NONE 
# 
_exptl_crystal_grow.crystal_id      1 
_exptl_crystal_grow.method          ? 
_exptl_crystal_grow.temp            ? 
_exptl_crystal_grow.temp_details    ? 
_exptl_crystal_grow.pH              ? 
_exptl_crystal_grow.pdbx_pH_range   ? 
_exptl_crystal_grow.pdbx_details    '28-30 % W/V PEG 4000, 100 MM SODIUM CITRATE PH 4.6, 100 MM AMMONIUM SULFATE' 
# 
_diffrn.id                     1 
_diffrn.ambient_temp           100 
_diffrn.ambient_temp_details   ? 
_diffrn.crystal_id             1 
# 
_diffrn_detector.diffrn_id              1 
_diffrn_detector.detector               CCD 
_diffrn_detector.type                   'ADSC QUANTUM 315r' 
_diffrn_detector.pdbx_collection_date   2009-03-10 
_diffrn_detector.details                
'KIRKPATRICK-BAEZ PAIR OF BI-MORPH MIRRORS PLUS CHANNEL CUT CRYOGENICALLY COOLED MONOCHROMATOR CRYSTAL' 
# 
_diffrn_radiation.diffrn_id                        1 
_diffrn_radiation.wavelength_id                    1 
_diffrn_radiation.pdbx_monochromatic_or_laue_m_l   M 
_diffrn_radiation.monochromator                    ? 
_diffrn_radiation.pdbx_diffrn_protocol             'SINGLE WAVELENGTH' 
_diffrn_radiation.pdbx_scattering_type             x-ray 
# 
_diffrn_radiation_wavelength.id           1 
_diffrn_radiation_wavelength.wavelength   0.98 
_diffrn_radiation_wavelength.wt           1.0 
# 
_diffrn_source.diffrn_id                   1 
_diffrn_source.source                      SYNCHROTRON 
_diffrn_source.type                        'SOLEIL BEAMLINE PROXIMA 1' 
_diffrn_source.pdbx_synchrotron_site       SOLEIL 
_diffrn_source.pdbx_synchrotron_beamline   'PROXIMA 1' 
_diffrn_source.pdbx_wavelength             0.98 
_diffrn_source.pdbx_wavelength_list        ? 
# 
_reflns.pdbx_diffrn_id               1 
_reflns.pdbx_ordinal                 1 
_reflns.entry_id                     2XXC 
_reflns.observed_criterion_sigma_I   0.0 
_reflns.observed_criterion_sigma_F   ? 
_reflns.d_resolution_low             32.00 
_reflns.d_resolution_high            1.67 
_reflns.number_obs                   19028 
_reflns.number_all                   ? 
_reflns.percent_possible_obs         93.4 
_reflns.pdbx_Rmerge_I_obs            0.05 
_reflns.pdbx_Rsym_value              ? 
_reflns.pdbx_netI_over_sigmaI        19.50 
_reflns.B_iso_Wilson_estimate        25.32 
_reflns.pdbx_redundancy              6.5 
_reflns.pdbx_CC_half                 ? 
_reflns.pdbx_Rpim_I_all              ? 
_reflns.pdbx_Rrim_I_all              ? 
# 
_reflns_shell.pdbx_diffrn_id         1 
_reflns_shell.pdbx_ordinal           1 
_reflns_shell.d_res_high             1.67 
_reflns_shell.d_res_low              1.76 
_reflns_shell.percent_possible_all   58.3 
_reflns_shell.Rmerge_I_obs           0.48 
_reflns_shell.pdbx_Rsym_value        ? 
_reflns_shell.meanI_over_sigI_obs    1.90 
_reflns_shell.pdbx_redundancy        3.0 
_reflns_shell.number_measured_obs    ? 
_reflns_shell.number_unique_all      ? 
_reflns_shell.number_unique_obs      ? 
_reflns_shell.pdbx_CC_half           ? 
_reflns_shell.pdbx_Rpim_I_all        ? 
_reflns_shell.pdbx_Rrim_I_all        ? 
# 
_refine.pdbx_refine_id                           'X-RAY DIFFRACTION' 
_refine.entry_id                                 2XXC 
_refine.pdbx_diffrn_id                           1 
_refine.pdbx_TLS_residual_ADP_flag               ? 
_refine.ls_number_reflns_obs                     18940 
_refine.ls_number_reflns_all                     ? 
_refine.pdbx_ls_sigma_I                          ? 
_refine.pdbx_ls_sigma_F                          0.0 
_refine.pdbx_data_cutoff_high_absF               ? 
_refine.pdbx_data_cutoff_low_absF                ? 
_refine.pdbx_data_cutoff_high_rms_absF           ? 
_refine.ls_d_res_low                             13.19 
_refine.ls_d_res_high                            1.67 
_refine.ls_percent_reflns_obs                    92.64 
_refine.ls_R_factor_obs                          0.1815 
_refine.ls_R_factor_all                          ? 
_refine.ls_R_factor_R_work                       0.1800 
_refine.ls_R_factor_R_free                       0.2101 
_refine.ls_R_factor_R_free_error                 ? 
_refine.ls_R_factor_R_free_error_details         ? 
_refine.ls_percent_reflns_R_free                 5.06 
_refine.ls_number_reflns_R_free                  958 
_refine.ls_number_parameters                     ? 
_refine.ls_number_restraints                     ? 
_refine.occupancy_min                            ? 
_refine.occupancy_max                            ? 
_refine.correlation_coeff_Fo_to_Fc               0.9447 
_refine.correlation_coeff_Fo_to_Fc_free          0.9249 
_refine.B_iso_mean                               30.26 
_refine.aniso_B[1][1]                            5.1261 
_refine.aniso_B[2][2]                            5.1261 
_refine.aniso_B[3][3]                            -10.2522 
_refine.aniso_B[1][2]                            0.0000 
_refine.aniso_B[1][3]                            0.0000 
_refine.aniso_B[2][3]                            0.0000 
_refine.solvent_model_details                    ? 
_refine.solvent_model_param_ksol                 ? 
_refine.solvent_model_param_bsol                 ? 
_refine.pdbx_solvent_vdw_probe_radii             ? 
_refine.pdbx_solvent_ion_probe_radii             ? 
_refine.pdbx_solvent_shrinkage_radii             ? 
_refine.pdbx_ls_cross_valid_method               THROUGHOUT 
_refine.details                                  
;IDEAL-DIST CONTACT TERM CONTACT SETUP. ALL ATOMS HAVE CCP4 ATOM TYPE FROM LIBRARY. THE 6XHISTIDINE TAG AT THE C-TERMINUS IS DISORDERED
;
_refine.pdbx_starting_model                      'PDB ENTRY 2XT1' 
_refine.pdbx_method_to_determine_struct          'MOLECULAR REPLACEMENT' 
_refine.pdbx_isotropic_thermal_model             ? 
_refine.pdbx_stereochemistry_target_values       ? 
_refine.pdbx_stereochem_target_val_spec_case     ? 
_refine.pdbx_R_Free_selection_details            RANDOM 
_refine.pdbx_overall_ESU_R                       ? 
_refine.pdbx_overall_ESU_R_Free                  ? 
_refine.overall_SU_ML                            ? 
_refine.pdbx_overall_phase_error                 ? 
_refine.overall_SU_B                             ? 
_refine.overall_SU_R_Cruickshank_DPI             0.083 
_refine.pdbx_overall_SU_R_free_Cruickshank_DPI   0.085 
_refine.pdbx_overall_SU_R_Blow_DPI               0.092 
_refine.pdbx_overall_SU_R_free_Blow_DPI          0.092 
# 
_refine_analyze.pdbx_refine_id                  'X-RAY DIFFRACTION' 
_refine_analyze.entry_id                        2XXC 
_refine_analyze.Luzzati_coordinate_error_obs    0.183 
_refine_analyze.Luzzati_sigma_a_obs             ? 
_refine_analyze.Luzzati_d_res_low_obs           ? 
_refine_analyze.Luzzati_coordinate_error_free   ? 
_refine_analyze.Luzzati_sigma_a_free            ? 
_refine_analyze.Luzzati_d_res_low_free          ? 
_refine_analyze.number_disordered_residues      ? 
_refine_analyze.occupancy_sum_hydrogen          ? 
_refine_analyze.occupancy_sum_non_hydrogen      ? 
# 
_refine_hist.pdbx_refine_id                   'X-RAY DIFFRACTION' 
_refine_hist.cycle_id                         LAST 
_refine_hist.pdbx_number_atoms_protein        855 
_refine_hist.pdbx_number_atoms_nucleic_acid   0 
_refine_hist.pdbx_number_atoms_ligand         0 
_refine_hist.number_atoms_solvent             155 
_refine_hist.number_atoms_total               1010 
_refine_hist.d_res_high                       1.67 
_refine_hist.d_res_low                        13.19 
# 
loop_
_refine_ls_restr.type 
_refine_ls_restr.dev_ideal 
_refine_ls_restr.dev_ideal_target 
_refine_ls_restr.weight 
_refine_ls_restr.number 
_refine_ls_restr.pdbx_refine_id 
_refine_ls_restr.pdbx_restraint_function 
t_bond_d                  0.010 ? 2.00  944  'X-RAY DIFFRACTION' HARMONIC     
t_angle_deg               1.15  ? 2.00  1282 'X-RAY DIFFRACTION' HARMONIC     
t_dihedral_angle_d        ?     ? 2.00  348  'X-RAY DIFFRACTION' SINUSOIDAL   
t_incorr_chiral_ct        ?     ? ?     ?    'X-RAY DIFFRACTION' ?            
t_pseud_angle             ?     ? ?     ?    'X-RAY DIFFRACTION' ?            
t_trig_c_planes           ?     ? 2.00  21   'X-RAY DIFFRACTION' HARMONIC     
t_gen_planes              ?     ? 5.00  149  'X-RAY DIFFRACTION' HARMONIC     
t_it                      ?     ? 20.00 944  'X-RAY DIFFRACTION' HARMONIC     
t_nbd                     ?     ? ?     ?    'X-RAY DIFFRACTION' ?            
t_omega_torsion           3.76  ? ?     ?    'X-RAY DIFFRACTION' ?            
t_other_torsion           16.75 ? ?     ?    'X-RAY DIFFRACTION' ?            
t_improper_torsion        ?     ? ?     ?    'X-RAY DIFFRACTION' ?            
t_chiral_improper_torsion ?     ? 5.00  119  'X-RAY DIFFRACTION' SEMIHARMONIC 
t_sum_occupancies         ?     ? ?     ?    'X-RAY DIFFRACTION' ?            
t_utility_distance        ?     ? ?     ?    'X-RAY DIFFRACTION' ?            
t_utility_angle           ?     ? ?     ?    'X-RAY DIFFRACTION' ?            
t_utility_torsion         ?     ? ?     ?    'X-RAY DIFFRACTION' ?            
t_ideal_dist_contact      ?     ? 4.00  1205 'X-RAY DIFFRACTION' SEMIHARMONIC 
# 
_refine_ls_shell.pdbx_refine_id                   'X-RAY DIFFRACTION' 
_refine_ls_shell.pdbx_total_number_of_bins_used   10 
_refine_ls_shell.d_res_high                       1.67 
_refine_ls_shell.d_res_low                        1.76 
_refine_ls_shell.number_reflns_R_work             1477 
_refine_ls_shell.R_factor_R_work                  0.2517 
_refine_ls_shell.percent_reflns_obs               92.64 
_refine_ls_shell.R_factor_R_free                  0.2749 
_refine_ls_shell.R_factor_R_free_error            ? 
_refine_ls_shell.percent_reflns_R_free            5.98 
_refine_ls_shell.number_reflns_R_free             94 
_refine_ls_shell.number_reflns_all                1571 
_refine_ls_shell.R_factor_all                     0.2531 
_refine_ls_shell.R_factor_obs                     ? 
_refine_ls_shell.number_reflns_obs                ? 
# 
_struct.entry_id                  2XXC 
_struct.title                     'Crystal structure of a camelid VHH raised against the HIV-1 capsid protein C-terminal domain.' 
_struct.pdbx_model_details        ? 
_struct.pdbx_CASP_flag            ? 
_struct.pdbx_model_type_details   ? 
# 
_struct_keywords.entry_id        2XXC 
_struct_keywords.pdbx_keywords   'IMMUNE SYSTEM' 
_struct_keywords.text            'IMMUNE SYSTEM' 
# 
loop_
_struct_asym.id 
_struct_asym.pdbx_blank_PDB_chainid_flag 
_struct_asym.pdbx_modified 
_struct_asym.entity_id 
_struct_asym.details 
A N N 1 ? 
B N N 2 ? 
# 
_struct_ref.id                         1 
_struct_ref.db_name                    PDB 
_struct_ref.db_code                    2XXC 
_struct_ref.entity_id                  1 
_struct_ref.pdbx_seq_one_letter_code   ? 
_struct_ref.pdbx_align_begin           ? 
_struct_ref.pdbx_db_accession          2XXC 
_struct_ref.pdbx_db_isoform            ? 
# 
_struct_ref_seq.align_id                      1 
_struct_ref_seq.ref_id                        1 
_struct_ref_seq.pdbx_PDB_id_code              2XXC 
_struct_ref_seq.pdbx_strand_id                B 
_struct_ref_seq.seq_align_beg                 1 
_struct_ref_seq.pdbx_seq_align_beg_ins_code   ? 
_struct_ref_seq.seq_align_end                 121 
_struct_ref_seq.pdbx_seq_align_end_ins_code   ? 
_struct_ref_seq.pdbx_db_accession             2XXC 
_struct_ref_seq.db_align_beg                  -1 
_struct_ref_seq.pdbx_db_align_beg_ins_code    ? 
_struct_ref_seq.db_align_end                  119 
_struct_ref_seq.pdbx_db_align_end_ins_code    ? 
_struct_ref_seq.pdbx_auth_seq_align_beg       -1 
_struct_ref_seq.pdbx_auth_seq_align_end       119 
# 
_pdbx_struct_assembly.id                   1 
_pdbx_struct_assembly.details              author_and_software_defined_assembly 
_pdbx_struct_assembly.method_details       PISA 
_pdbx_struct_assembly.oligomeric_details   dimeric 
_pdbx_struct_assembly.oligomeric_count     2 
# 
loop_
_pdbx_struct_assembly_prop.biol_id 
_pdbx_struct_assembly_prop.type 
_pdbx_struct_assembly_prop.value 
_pdbx_struct_assembly_prop.details 
1 'ABSA (A^2)' 1710  ? 
1 MORE         -5.5  ? 
1 'SSA (A^2)'  10050 ? 
# 
_pdbx_struct_assembly_gen.assembly_id       1 
_pdbx_struct_assembly_gen.oper_expression   1,2 
_pdbx_struct_assembly_gen.asym_id_list      A,B 
# 
loop_
_pdbx_struct_oper_list.id 
_pdbx_struct_oper_list.type 
_pdbx_struct_oper_list.name 
_pdbx_struct_oper_list.symmetry_operation 
_pdbx_struct_oper_list.matrix[1][1] 
_pdbx_struct_oper_list.matrix[1][2] 
_pdbx_struct_oper_list.matrix[1][3] 
_pdbx_struct_oper_list.vector[1] 
_pdbx_struct_oper_list.matrix[2][1] 
_pdbx_struct_oper_list.matrix[2][2] 
_pdbx_struct_oper_list.matrix[2][3] 
_pdbx_struct_oper_list.vector[2] 
_pdbx_struct_oper_list.matrix[3][1] 
_pdbx_struct_oper_list.matrix[3][2] 
_pdbx_struct_oper_list.matrix[3][3] 
_pdbx_struct_oper_list.vector[3] 
1 'identity operation'         1_555 x,y,z  1.0000000000  0.0000000000  0.0000000000 0.0000000000   0.0000000000  1.0000000000 0.0000000000  0.0000000000   0.0000000000 0.0000000000  1.0000000000  0.0000000000   
2 'crystal symmetry operation' 7_555 y,x,-z -0.7123874908 -0.5837192578 0.3895842541 -11.1720980315 -0.5837192578 0.1846778599 -0.7906743427 -13.8037393247 0.3895842541 -0.7906743427 -0.4722903691 -12.4344689848 
# 
_struct_conf.conf_type_id            HELX_P 
_struct_conf.id                      HELX_P1 
_struct_conf.pdbx_PDB_helix_id       1 
_struct_conf.beg_label_comp_id       LYS 
_struct_conf.beg_label_asym_id       A 
_struct_conf.beg_label_seq_id        89 
_struct_conf.pdbx_beg_PDB_ins_code   ? 
_struct_conf.end_label_comp_id       THR 
_struct_conf.end_label_asym_id       A 
_struct_conf.end_label_seq_id        93 
_struct_conf.pdbx_end_PDB_ins_code   ? 
_struct_conf.beg_auth_comp_id        LYS 
_struct_conf.beg_auth_asym_id        B 
_struct_conf.beg_auth_seq_id         83 
_struct_conf.end_auth_comp_id        THR 
_struct_conf.end_auth_asym_id        B 
_struct_conf.end_auth_seq_id         87 
_struct_conf.pdbx_PDB_helix_class    5 
_struct_conf.details                 ? 
_struct_conf.pdbx_PDB_helix_length   5 
# 
_struct_conf_type.id          HELX_P 
_struct_conf_type.criteria    ? 
_struct_conf_type.reference   ? 
# 
loop_
_struct_conn.id 
_struct_conn.conn_type_id 
_struct_conn.pdbx_leaving_atom_flag 
_struct_conn.pdbx_PDB_id 
_struct_conn.ptnr1_label_asym_id 
_struct_conn.ptnr1_label_comp_id 
_struct_conn.ptnr1_label_seq_id 
_struct_conn.ptnr1_label_atom_id 
_struct_conn.pdbx_ptnr1_label_alt_id 
_struct_conn.pdbx_ptnr1_PDB_ins_code 
_struct_conn.pdbx_ptnr1_standard_comp_id 
_struct_conn.ptnr1_symmetry 
_struct_conn.ptnr2_label_asym_id 
_struct_conn.ptnr2_label_comp_id 
_struct_conn.ptnr2_label_seq_id 
_struct_conn.ptnr2_label_atom_id 
_struct_conn.pdbx_ptnr2_label_alt_id 
_struct_conn.pdbx_ptnr2_PDB_ins_code 
_struct_conn.ptnr1_auth_asym_id 
_struct_conn.ptnr1_auth_comp_id 
_struct_conn.ptnr1_auth_seq_id 
_struct_conn.ptnr2_auth_asym_id 
_struct_conn.ptnr2_auth_comp_id 
_struct_conn.ptnr2_auth_seq_id 
_struct_conn.ptnr2_symmetry 
_struct_conn.pdbx_ptnr3_label_atom_id 
_struct_conn.pdbx_ptnr3_label_seq_id 
_struct_conn.pdbx_ptnr3_label_comp_id 
_struct_conn.pdbx_ptnr3_label_asym_id 
_struct_conn.pdbx_ptnr3_label_alt_id 
_struct_conn.pdbx_ptnr3_PDB_ins_code 
_struct_conn.details 
_struct_conn.pdbx_dist_value 
_struct_conn.pdbx_value_order 
_struct_conn.pdbx_role 
disulf1 disulf ? ? A CYS 24 SG A ? ? 1_555 A CYS 98 SG A ? B CYS 22 B CYS 92 1_555 ? ? ? ? ? ? ? 2.020 ? ? 
disulf2 disulf ? ? A CYS 24 SG B ? ? 1_555 A CYS 98 SG B ? B CYS 22 B CYS 92 1_555 ? ? ? ? ? ? ? 2.202 ? ? 
# 
_struct_conn_type.id          disulf 
_struct_conn_type.criteria    ? 
_struct_conn_type.reference   ? 
# 
loop_
_pdbx_modification_feature.ordinal 
_pdbx_modification_feature.label_comp_id 
_pdbx_modification_feature.label_asym_id 
_pdbx_modification_feature.label_seq_id 
_pdbx_modification_feature.label_alt_id 
_pdbx_modification_feature.modified_residue_label_comp_id 
_pdbx_modification_feature.modified_residue_label_asym_id 
_pdbx_modification_feature.modified_residue_label_seq_id 
_pdbx_modification_feature.modified_residue_label_alt_id 
_pdbx_modification_feature.auth_comp_id 
_pdbx_modification_feature.auth_asym_id 
_pdbx_modification_feature.auth_seq_id 
_pdbx_modification_feature.PDB_ins_code 
_pdbx_modification_feature.symmetry 
_pdbx_modification_feature.modified_residue_auth_comp_id 
_pdbx_modification_feature.modified_residue_auth_asym_id 
_pdbx_modification_feature.modified_residue_auth_seq_id 
_pdbx_modification_feature.modified_residue_PDB_ins_code 
_pdbx_modification_feature.modified_residue_symmetry 
_pdbx_modification_feature.comp_id_linking_atom 
_pdbx_modification_feature.modified_residue_id_linking_atom 
_pdbx_modification_feature.modified_residue_id 
_pdbx_modification_feature.ref_pcm_id 
_pdbx_modification_feature.ref_comp_id 
_pdbx_modification_feature.type 
_pdbx_modification_feature.category 
1 CYS A 24 A CYS A 98 A CYS B 22 ? 1_555 CYS B 92 ? 1_555 SG SG . . . None 'Disulfide bridge' 
2 CYS A 24 B CYS A 98 B CYS B 22 ? 1_555 CYS B 92 ? 1_555 SG SG . . . None 'Disulfide bridge' 
# 
loop_
_struct_sheet.id 
_struct_sheet.type 
_struct_sheet.number_strands 
_struct_sheet.details 
BA ? 4 ? 
BB ? 6 ? 
# 
loop_
_struct_sheet_order.sheet_id 
_struct_sheet_order.range_id_1 
_struct_sheet_order.range_id_2 
_struct_sheet_order.offset 
_struct_sheet_order.sense 
BA 1 2 ? anti-parallel 
BA 2 3 ? anti-parallel 
BA 3 4 ? anti-parallel 
BB 1 2 ? parallel      
BB 2 3 ? anti-parallel 
BB 3 4 ? anti-parallel 
BB 4 5 ? anti-parallel 
BB 5 6 ? anti-parallel 
# 
loop_
_struct_sheet_range.sheet_id 
_struct_sheet_range.id 
_struct_sheet_range.beg_label_comp_id 
_struct_sheet_range.beg_label_asym_id 
_struct_sheet_range.beg_label_seq_id 
_struct_sheet_range.pdbx_beg_PDB_ins_code 
_struct_sheet_range.end_label_comp_id 
_struct_sheet_range.end_label_asym_id 
_struct_sheet_range.end_label_seq_id 
_struct_sheet_range.pdbx_end_PDB_ins_code 
_struct_sheet_range.beg_auth_comp_id 
_struct_sheet_range.beg_auth_asym_id 
_struct_sheet_range.beg_auth_seq_id 
_struct_sheet_range.end_auth_comp_id 
_struct_sheet_range.end_auth_asym_id 
_struct_sheet_range.end_auth_seq_id 
BA 1 LEU A 6   ? GLY A 10  ? LEU B 4   GLY B 8   
BA 2 LEU A 20  ? ALA A 26  ? LEU B 18  ALA B 24  
BA 3 ILE A 80  ? MET A 85  ? ILE B 77  MET B 82  
BA 4 PHE A 70  ? ASP A 75  ? PHE B 67  ASP B 72  
BB 1 GLY A 12  ? GLN A 15  ? GLY B 10  GLN B 13  
BB 2 THR A 109 ? SER A 114 ? THR B 107 SER B 112 
BB 3 ALA A 94  ? ALA A 100 ? ALA B 88  ALA B 94  
BB 4 VAL A 35  ? GLN A 41  ? VAL B 33  GLN B 39  
BB 5 GLU A 48  ? ARG A 54  ? GLU B 46  ARG B 52  
BB 6 SER A 59  ? TYR A 62  ? SER B 56  TYR B 59  
# 
loop_
_pdbx_struct_sheet_hbond.sheet_id 
_pdbx_struct_sheet_hbond.range_id_1 
_pdbx_struct_sheet_hbond.range_id_2 
_pdbx_struct_sheet_hbond.range_1_label_atom_id 
_pdbx_struct_sheet_hbond.range_1_label_comp_id 
_pdbx_struct_sheet_hbond.range_1_label_asym_id 
_pdbx_struct_sheet_hbond.range_1_label_seq_id 
_pdbx_struct_sheet_hbond.range_1_PDB_ins_code 
_pdbx_struct_sheet_hbond.range_1_auth_atom_id 
_pdbx_struct_sheet_hbond.range_1_auth_comp_id 
_pdbx_struct_sheet_hbond.range_1_auth_asym_id 
_pdbx_struct_sheet_hbond.range_1_auth_seq_id 
_pdbx_struct_sheet_hbond.range_2_label_atom_id 
_pdbx_struct_sheet_hbond.range_2_label_comp_id 
_pdbx_struct_sheet_hbond.range_2_label_asym_id 
_pdbx_struct_sheet_hbond.range_2_label_seq_id 
_pdbx_struct_sheet_hbond.range_2_PDB_ins_code 
_pdbx_struct_sheet_hbond.range_2_auth_atom_id 
_pdbx_struct_sheet_hbond.range_2_auth_comp_id 
_pdbx_struct_sheet_hbond.range_2_auth_asym_id 
_pdbx_struct_sheet_hbond.range_2_auth_seq_id 
BA 1 2 N SER A 9   ? N SER B 7   O SER A 23  ? O SER B 21  
BA 2 3 N CYS A 24  ? N CYS B 22  O LEU A 81  ? O LEU B 78  
BA 3 4 N GLN A 84  ? N GLN B 81  O THR A 71  ? O THR B 68  
BB 1 2 N GLY A 12  ? N GLY B 10  O GLN A 110 ? O GLN B 108 
BB 2 3 N VAL A 111 ? N VAL B 109 O ALA A 94  ? O ALA B 88  
BB 3 4 N LYS A 99  ? N LYS B 93  O ALA A 37  ? O ALA B 35  
BB 4 5 N ARG A 40  ? N ARG B 38  O GLU A 48  ? O GLU B 46  
BB 5 6 N ARG A 54  ? N ARG B 52  O SER A 59  ? O SER B 56  
# 
_pdbx_entry_details.entry_id                   2XXC 
_pdbx_entry_details.compound_details           ? 
_pdbx_entry_details.source_details             ? 
_pdbx_entry_details.nonpolymer_details         ? 
_pdbx_entry_details.sequence_details           
;THE VHH RESIDUES (CHAIN B) ARE NUMBERED ACCORDING TO THE
KABAT NUMBERING. THE 6XHISTIDINE TAG AT THE C-TERMINUS
IS DISORDERED
;
_pdbx_entry_details.has_ligand_of_interest     ? 
_pdbx_entry_details.has_protein_modification   Y 
# 
loop_
_pdbx_validate_rmsd_bond.id 
_pdbx_validate_rmsd_bond.PDB_model_num 
_pdbx_validate_rmsd_bond.auth_atom_id_1 
_pdbx_validate_rmsd_bond.auth_asym_id_1 
_pdbx_validate_rmsd_bond.auth_comp_id_1 
_pdbx_validate_rmsd_bond.auth_seq_id_1 
_pdbx_validate_rmsd_bond.PDB_ins_code_1 
_pdbx_validate_rmsd_bond.label_alt_id_1 
_pdbx_validate_rmsd_bond.auth_atom_id_2 
_pdbx_validate_rmsd_bond.auth_asym_id_2 
_pdbx_validate_rmsd_bond.auth_comp_id_2 
_pdbx_validate_rmsd_bond.auth_seq_id_2 
_pdbx_validate_rmsd_bond.PDB_ins_code_2 
_pdbx_validate_rmsd_bond.label_alt_id_2 
_pdbx_validate_rmsd_bond.bond_value 
_pdbx_validate_rmsd_bond.bond_target_value 
_pdbx_validate_rmsd_bond.bond_deviation 
_pdbx_validate_rmsd_bond.bond_standard_deviation 
_pdbx_validate_rmsd_bond.linker_flag 
1 1 CB B CYS 22 ? B SG B CYS 22 ? B 1.677 1.812 -0.135 0.016 N 
2 1 CB B GLU 46 ? ? CG B GLU 46 ? ? 1.375 1.517 -0.142 0.019 N 
3 1 C  B ARG 52 ? ? N  B GLY 52 A ? 1.480 1.336 0.144  0.023 Y 
4 1 C  B ASN 82 A ? N  B ASP 82 B ? 1.102 1.336 -0.234 0.023 Y 
# 
loop_
_pdbx_validate_rmsd_angle.id 
_pdbx_validate_rmsd_angle.PDB_model_num 
_pdbx_validate_rmsd_angle.auth_atom_id_1 
_pdbx_validate_rmsd_angle.auth_asym_id_1 
_pdbx_validate_rmsd_angle.auth_comp_id_1 
_pdbx_validate_rmsd_angle.auth_seq_id_1 
_pdbx_validate_rmsd_angle.PDB_ins_code_1 
_pdbx_validate_rmsd_angle.label_alt_id_1 
_pdbx_validate_rmsd_angle.auth_atom_id_2 
_pdbx_validate_rmsd_angle.auth_asym_id_2 
_pdbx_validate_rmsd_angle.auth_comp_id_2 
_pdbx_validate_rmsd_angle.auth_seq_id_2 
_pdbx_validate_rmsd_angle.PDB_ins_code_2 
_pdbx_validate_rmsd_angle.label_alt_id_2 
_pdbx_validate_rmsd_angle.auth_atom_id_3 
_pdbx_validate_rmsd_angle.auth_asym_id_3 
_pdbx_validate_rmsd_angle.auth_comp_id_3 
_pdbx_validate_rmsd_angle.auth_seq_id_3 
_pdbx_validate_rmsd_angle.PDB_ins_code_3 
_pdbx_validate_rmsd_angle.label_alt_id_3 
_pdbx_validate_rmsd_angle.angle_value 
_pdbx_validate_rmsd_angle.angle_target_value 
_pdbx_validate_rmsd_angle.angle_deviation 
_pdbx_validate_rmsd_angle.angle_standard_deviation 
_pdbx_validate_rmsd_angle.linker_flag 
1 1 CA B ARG 52 ? ? C B ARG 52 ? ? N B GLY 52 A ? 103.24 116.20 -12.96 2.00 Y 
2 1 O  B ARG 52 ? ? C B ARG 52 ? ? N B GLY 52 A ? 139.12 123.20 15.92  1.70 Y 
# 
loop_
_pdbx_validate_torsion.id 
_pdbx_validate_torsion.PDB_model_num 
_pdbx_validate_torsion.auth_comp_id 
_pdbx_validate_torsion.auth_asym_id 
_pdbx_validate_torsion.auth_seq_id 
_pdbx_validate_torsion.PDB_ins_code 
_pdbx_validate_torsion.label_alt_id 
_pdbx_validate_torsion.phi 
_pdbx_validate_torsion.psi 
1 1 GLN B 1  ? ? 45.15   -91.85 
2 1 PHE B 28 ? ? -141.14 12.76  
# 
_pdbx_validate_polymer_linkage.id               1 
_pdbx_validate_polymer_linkage.PDB_model_num    1 
_pdbx_validate_polymer_linkage.auth_atom_id_1   C 
_pdbx_validate_polymer_linkage.auth_asym_id_1   B 
_pdbx_validate_polymer_linkage.auth_comp_id_1   ASN 
_pdbx_validate_polymer_linkage.auth_seq_id_1    82 
_pdbx_validate_polymer_linkage.PDB_ins_code_1   A 
_pdbx_validate_polymer_linkage.label_alt_id_1   ? 
_pdbx_validate_polymer_linkage.auth_atom_id_2   N 
_pdbx_validate_polymer_linkage.auth_asym_id_2   B 
_pdbx_validate_polymer_linkage.auth_comp_id_2   ASP 
_pdbx_validate_polymer_linkage.auth_seq_id_2    82 
_pdbx_validate_polymer_linkage.PDB_ins_code_2   B 
_pdbx_validate_polymer_linkage.label_alt_id_2   ? 
_pdbx_validate_polymer_linkage.dist             1.10 
# 
loop_
_pdbx_distant_solvent_atoms.id 
_pdbx_distant_solvent_atoms.PDB_model_num 
_pdbx_distant_solvent_atoms.auth_atom_id 
_pdbx_distant_solvent_atoms.label_alt_id 
_pdbx_distant_solvent_atoms.auth_asym_id 
_pdbx_distant_solvent_atoms.auth_comp_id 
_pdbx_distant_solvent_atoms.auth_seq_id 
_pdbx_distant_solvent_atoms.PDB_ins_code 
_pdbx_distant_solvent_atoms.neighbor_macromolecule_distance 
_pdbx_distant_solvent_atoms.neighbor_ligand_distance 
1 1 O ? B HOH 2010 ? 6.33 . 
2 1 O ? B HOH 2011 ? 7.09 . 
3 1 O ? B HOH 2032 ? 6.54 . 
# 
loop_
_pdbx_unobs_or_zero_occ_residues.id 
_pdbx_unobs_or_zero_occ_residues.PDB_model_num 
_pdbx_unobs_or_zero_occ_residues.polymer_flag 
_pdbx_unobs_or_zero_occ_residues.occupancy_flag 
_pdbx_unobs_or_zero_occ_residues.auth_asym_id 
_pdbx_unobs_or_zero_occ_residues.auth_comp_id 
_pdbx_unobs_or_zero_occ_residues.auth_seq_id 
_pdbx_unobs_or_zero_occ_residues.PDB_ins_code 
_pdbx_unobs_or_zero_occ_residues.label_asym_id 
_pdbx_unobs_or_zero_occ_residues.label_comp_id 
_pdbx_unobs_or_zero_occ_residues.label_seq_id 
1 1 Y 1 B MET -1  ? A MET 1   
2 1 Y 1 B HIS 114 ? A HIS 116 
3 1 Y 1 B HIS 115 ? A HIS 117 
4 1 Y 1 B HIS 116 ? A HIS 118 
5 1 Y 1 B HIS 117 ? A HIS 119 
6 1 Y 1 B HIS 118 ? A HIS 120 
7 1 Y 1 B HIS 119 ? A HIS 121 
# 
loop_
_chem_comp_atom.comp_id 
_chem_comp_atom.atom_id 
_chem_comp_atom.type_symbol 
_chem_comp_atom.pdbx_aromatic_flag 
_chem_comp_atom.pdbx_stereo_config 
_chem_comp_atom.pdbx_ordinal 
ALA N    N N N 1   
ALA CA   C N S 2   
ALA C    C N N 3   
ALA O    O N N 4   
ALA CB   C N N 5   
ALA OXT  O N N 6   
ALA H    H N N 7   
ALA H2   H N N 8   
ALA HA   H N N 9   
ALA HB1  H N N 10  
ALA HB2  H N N 11  
ALA HB3  H N N 12  
ALA HXT  H N N 13  
ARG N    N N N 14  
ARG CA   C N S 15  
ARG C    C N N 16  
ARG O    O N N 17  
ARG CB   C N N 18  
ARG CG   C N N 19  
ARG CD   C N N 20  
ARG NE   N N N 21  
ARG CZ   C N N 22  
ARG NH1  N N N 23  
ARG NH2  N N N 24  
ARG OXT  O N N 25  
ARG H    H N N 26  
ARG H2   H N N 27  
ARG HA   H N N 28  
ARG HB2  H N N 29  
ARG HB3  H N N 30  
ARG HG2  H N N 31  
ARG HG3  H N N 32  
ARG HD2  H N N 33  
ARG HD3  H N N 34  
ARG HE   H N N 35  
ARG HH11 H N N 36  
ARG HH12 H N N 37  
ARG HH21 H N N 38  
ARG HH22 H N N 39  
ARG HXT  H N N 40  
ASN N    N N N 41  
ASN CA   C N S 42  
ASN C    C N N 43  
ASN O    O N N 44  
ASN CB   C N N 45  
ASN CG   C N N 46  
ASN OD1  O N N 47  
ASN ND2  N N N 48  
ASN OXT  O N N 49  
ASN H    H N N 50  
ASN H2   H N N 51  
ASN HA   H N N 52  
ASN HB2  H N N 53  
ASN HB3  H N N 54  
ASN HD21 H N N 55  
ASN HD22 H N N 56  
ASN HXT  H N N 57  
ASP N    N N N 58  
ASP CA   C N S 59  
ASP C    C N N 60  
ASP O    O N N 61  
ASP CB   C N N 62  
ASP CG   C N N 63  
ASP OD1  O N N 64  
ASP OD2  O N N 65  
ASP OXT  O N N 66  
ASP H    H N N 67  
ASP H2   H N N 68  
ASP HA   H N N 69  
ASP HB2  H N N 70  
ASP HB3  H N N 71  
ASP HD2  H N N 72  
ASP HXT  H N N 73  
CYS N    N N N 74  
CYS CA   C N R 75  
CYS C    C N N 76  
CYS O    O N N 77  
CYS CB   C N N 78  
CYS SG   S N N 79  
CYS OXT  O N N 80  
CYS H    H N N 81  
CYS H2   H N N 82  
CYS HA   H N N 83  
CYS HB2  H N N 84  
CYS HB3  H N N 85  
CYS HG   H N N 86  
CYS HXT  H N N 87  
GLN N    N N N 88  
GLN CA   C N S 89  
GLN C    C N N 90  
GLN O    O N N 91  
GLN CB   C N N 92  
GLN CG   C N N 93  
GLN CD   C N N 94  
GLN OE1  O N N 95  
GLN NE2  N N N 96  
GLN OXT  O N N 97  
GLN H    H N N 98  
GLN H2   H N N 99  
GLN HA   H N N 100 
GLN HB2  H N N 101 
GLN HB3  H N N 102 
GLN HG2  H N N 103 
GLN HG3  H N N 104 
GLN HE21 H N N 105 
GLN HE22 H N N 106 
GLN HXT  H N N 107 
GLU N    N N N 108 
GLU CA   C N S 109 
GLU C    C N N 110 
GLU O    O N N 111 
GLU CB   C N N 112 
GLU CG   C N N 113 
GLU CD   C N N 114 
GLU OE1  O N N 115 
GLU OE2  O N N 116 
GLU OXT  O N N 117 
GLU H    H N N 118 
GLU H2   H N N 119 
GLU HA   H N N 120 
GLU HB2  H N N 121 
GLU HB3  H N N 122 
GLU HG2  H N N 123 
GLU HG3  H N N 124 
GLU HE2  H N N 125 
GLU HXT  H N N 126 
GLY N    N N N 127 
GLY CA   C N N 128 
GLY C    C N N 129 
GLY O    O N N 130 
GLY OXT  O N N 131 
GLY H    H N N 132 
GLY H2   H N N 133 
GLY HA2  H N N 134 
GLY HA3  H N N 135 
GLY HXT  H N N 136 
HIS N    N N N 137 
HIS CA   C N S 138 
HIS C    C N N 139 
HIS O    O N N 140 
HIS CB   C N N 141 
HIS CG   C Y N 142 
HIS ND1  N Y N 143 
HIS CD2  C Y N 144 
HIS CE1  C Y N 145 
HIS NE2  N Y N 146 
HIS OXT  O N N 147 
HIS H    H N N 148 
HIS H2   H N N 149 
HIS HA   H N N 150 
HIS HB2  H N N 151 
HIS HB3  H N N 152 
HIS HD1  H N N 153 
HIS HD2  H N N 154 
HIS HE1  H N N 155 
HIS HE2  H N N 156 
HIS HXT  H N N 157 
HOH O    O N N 158 
HOH H1   H N N 159 
HOH H2   H N N 160 
ILE N    N N N 161 
ILE CA   C N S 162 
ILE C    C N N 163 
ILE O    O N N 164 
ILE CB   C N S 165 
ILE CG1  C N N 166 
ILE CG2  C N N 167 
ILE CD1  C N N 168 
ILE OXT  O N N 169 
ILE H    H N N 170 
ILE H2   H N N 171 
ILE HA   H N N 172 
ILE HB   H N N 173 
ILE HG12 H N N 174 
ILE HG13 H N N 175 
ILE HG21 H N N 176 
ILE HG22 H N N 177 
ILE HG23 H N N 178 
ILE HD11 H N N 179 
ILE HD12 H N N 180 
ILE HD13 H N N 181 
ILE HXT  H N N 182 
LEU N    N N N 183 
LEU CA   C N S 184 
LEU C    C N N 185 
LEU O    O N N 186 
LEU CB   C N N 187 
LEU CG   C N N 188 
LEU CD1  C N N 189 
LEU CD2  C N N 190 
LEU OXT  O N N 191 
LEU H    H N N 192 
LEU H2   H N N 193 
LEU HA   H N N 194 
LEU HB2  H N N 195 
LEU HB3  H N N 196 
LEU HG   H N N 197 
LEU HD11 H N N 198 
LEU HD12 H N N 199 
LEU HD13 H N N 200 
LEU HD21 H N N 201 
LEU HD22 H N N 202 
LEU HD23 H N N 203 
LEU HXT  H N N 204 
LYS N    N N N 205 
LYS CA   C N S 206 
LYS C    C N N 207 
LYS O    O N N 208 
LYS CB   C N N 209 
LYS CG   C N N 210 
LYS CD   C N N 211 
LYS CE   C N N 212 
LYS NZ   N N N 213 
LYS OXT  O N N 214 
LYS H    H N N 215 
LYS H2   H N N 216 
LYS HA   H N N 217 
LYS HB2  H N N 218 
LYS HB3  H N N 219 
LYS HG2  H N N 220 
LYS HG3  H N N 221 
LYS HD2  H N N 222 
LYS HD3  H N N 223 
LYS HE2  H N N 224 
LYS HE3  H N N 225 
LYS HZ1  H N N 226 
LYS HZ2  H N N 227 
LYS HZ3  H N N 228 
LYS HXT  H N N 229 
MET N    N N N 230 
MET CA   C N S 231 
MET C    C N N 232 
MET O    O N N 233 
MET CB   C N N 234 
MET CG   C N N 235 
MET SD   S N N 236 
MET CE   C N N 237 
MET OXT  O N N 238 
MET H    H N N 239 
MET H2   H N N 240 
MET HA   H N N 241 
MET HB2  H N N 242 
MET HB3  H N N 243 
MET HG2  H N N 244 
MET HG3  H N N 245 
MET HE1  H N N 246 
MET HE2  H N N 247 
MET HE3  H N N 248 
MET HXT  H N N 249 
PHE N    N N N 250 
PHE CA   C N S 251 
PHE C    C N N 252 
PHE O    O N N 253 
PHE CB   C N N 254 
PHE CG   C Y N 255 
PHE CD1  C Y N 256 
PHE CD2  C Y N 257 
PHE CE1  C Y N 258 
PHE CE2  C Y N 259 
PHE CZ   C Y N 260 
PHE OXT  O N N 261 
PHE H    H N N 262 
PHE H2   H N N 263 
PHE HA   H N N 264 
PHE HB2  H N N 265 
PHE HB3  H N N 266 
PHE HD1  H N N 267 
PHE HD2  H N N 268 
PHE HE1  H N N 269 
PHE HE2  H N N 270 
PHE HZ   H N N 271 
PHE HXT  H N N 272 
PRO N    N N N 273 
PRO CA   C N S 274 
PRO C    C N N 275 
PRO O    O N N 276 
PRO CB   C N N 277 
PRO CG   C N N 278 
PRO CD   C N N 279 
PRO OXT  O N N 280 
PRO H    H N N 281 
PRO HA   H N N 282 
PRO HB2  H N N 283 
PRO HB3  H N N 284 
PRO HG2  H N N 285 
PRO HG3  H N N 286 
PRO HD2  H N N 287 
PRO HD3  H N N 288 
PRO HXT  H N N 289 
SER N    N N N 290 
SER CA   C N S 291 
SER C    C N N 292 
SER O    O N N 293 
SER CB   C N N 294 
SER OG   O N N 295 
SER OXT  O N N 296 
SER H    H N N 297 
SER H2   H N N 298 
SER HA   H N N 299 
SER HB2  H N N 300 
SER HB3  H N N 301 
SER HG   H N N 302 
SER HXT  H N N 303 
THR N    N N N 304 
THR CA   C N S 305 
THR C    C N N 306 
THR O    O N N 307 
THR CB   C N R 308 
THR OG1  O N N 309 
THR CG2  C N N 310 
THR OXT  O N N 311 
THR H    H N N 312 
THR H2   H N N 313 
THR HA   H N N 314 
THR HB   H N N 315 
THR HG1  H N N 316 
THR HG21 H N N 317 
THR HG22 H N N 318 
THR HG23 H N N 319 
THR HXT  H N N 320 
TRP N    N N N 321 
TRP CA   C N S 322 
TRP C    C N N 323 
TRP O    O N N 324 
TRP CB   C N N 325 
TRP CG   C Y N 326 
TRP CD1  C Y N 327 
TRP CD2  C Y N 328 
TRP NE1  N Y N 329 
TRP CE2  C Y N 330 
TRP CE3  C Y N 331 
TRP CZ2  C Y N 332 
TRP CZ3  C Y N 333 
TRP CH2  C Y N 334 
TRP OXT  O N N 335 
TRP H    H N N 336 
TRP H2   H N N 337 
TRP HA   H N N 338 
TRP HB2  H N N 339 
TRP HB3  H N N 340 
TRP HD1  H N N 341 
TRP HE1  H N N 342 
TRP HE3  H N N 343 
TRP HZ2  H N N 344 
TRP HZ3  H N N 345 
TRP HH2  H N N 346 
TRP HXT  H N N 347 
TYR N    N N N 348 
TYR CA   C N S 349 
TYR C    C N N 350 
TYR O    O N N 351 
TYR CB   C N N 352 
TYR CG   C Y N 353 
TYR CD1  C Y N 354 
TYR CD2  C Y N 355 
TYR CE1  C Y N 356 
TYR CE2  C Y N 357 
TYR CZ   C Y N 358 
TYR OH   O N N 359 
TYR OXT  O N N 360 
TYR H    H N N 361 
TYR H2   H N N 362 
TYR HA   H N N 363 
TYR HB2  H N N 364 
TYR HB3  H N N 365 
TYR HD1  H N N 366 
TYR HD2  H N N 367 
TYR HE1  H N N 368 
TYR HE2  H N N 369 
TYR HH   H N N 370 
TYR HXT  H N N 371 
VAL N    N N N 372 
VAL CA   C N S 373 
VAL C    C N N 374 
VAL O    O N N 375 
VAL CB   C N N 376 
VAL CG1  C N N 377 
VAL CG2  C N N 378 
VAL OXT  O N N 379 
VAL H    H N N 380 
VAL H2   H N N 381 
VAL HA   H N N 382 
VAL HB   H N N 383 
VAL HG11 H N N 384 
VAL HG12 H N N 385 
VAL HG13 H N N 386 
VAL HG21 H N N 387 
VAL HG22 H N N 388 
VAL HG23 H N N 389 
VAL HXT  H N N 390 
# 
loop_
_chem_comp_bond.comp_id 
_chem_comp_bond.atom_id_1 
_chem_comp_bond.atom_id_2 
_chem_comp_bond.value_order 
_chem_comp_bond.pdbx_aromatic_flag 
_chem_comp_bond.pdbx_stereo_config 
_chem_comp_bond.pdbx_ordinal 
ALA N   CA   sing N N 1   
ALA N   H    sing N N 2   
ALA N   H2   sing N N 3   
ALA CA  C    sing N N 4   
ALA CA  CB   sing N N 5   
ALA CA  HA   sing N N 6   
ALA C   O    doub N N 7   
ALA C   OXT  sing N N 8   
ALA CB  HB1  sing N N 9   
ALA CB  HB2  sing N N 10  
ALA CB  HB3  sing N N 11  
ALA OXT HXT  sing N N 12  
ARG N   CA   sing N N 13  
ARG N   H    sing N N 14  
ARG N   H2   sing N N 15  
ARG CA  C    sing N N 16  
ARG CA  CB   sing N N 17  
ARG CA  HA   sing N N 18  
ARG C   O    doub N N 19  
ARG C   OXT  sing N N 20  
ARG CB  CG   sing N N 21  
ARG CB  HB2  sing N N 22  
ARG CB  HB3  sing N N 23  
ARG CG  CD   sing N N 24  
ARG CG  HG2  sing N N 25  
ARG CG  HG3  sing N N 26  
ARG CD  NE   sing N N 27  
ARG CD  HD2  sing N N 28  
ARG CD  HD3  sing N N 29  
ARG NE  CZ   sing N N 30  
ARG NE  HE   sing N N 31  
ARG CZ  NH1  sing N N 32  
ARG CZ  NH2  doub N N 33  
ARG NH1 HH11 sing N N 34  
ARG NH1 HH12 sing N N 35  
ARG NH2 HH21 sing N N 36  
ARG NH2 HH22 sing N N 37  
ARG OXT HXT  sing N N 38  
ASN N   CA   sing N N 39  
ASN N   H    sing N N 40  
ASN N   H2   sing N N 41  
ASN CA  C    sing N N 42  
ASN CA  CB   sing N N 43  
ASN CA  HA   sing N N 44  
ASN C   O    doub N N 45  
ASN C   OXT  sing N N 46  
ASN CB  CG   sing N N 47  
ASN CB  HB2  sing N N 48  
ASN CB  HB3  sing N N 49  
ASN CG  OD1  doub N N 50  
ASN CG  ND2  sing N N 51  
ASN ND2 HD21 sing N N 52  
ASN ND2 HD22 sing N N 53  
ASN OXT HXT  sing N N 54  
ASP N   CA   sing N N 55  
ASP N   H    sing N N 56  
ASP N   H2   sing N N 57  
ASP CA  C    sing N N 58  
ASP CA  CB   sing N N 59  
ASP CA  HA   sing N N 60  
ASP C   O    doub N N 61  
ASP C   OXT  sing N N 62  
ASP CB  CG   sing N N 63  
ASP CB  HB2  sing N N 64  
ASP CB  HB3  sing N N 65  
ASP CG  OD1  doub N N 66  
ASP CG  OD2  sing N N 67  
ASP OD2 HD2  sing N N 68  
ASP OXT HXT  sing N N 69  
CYS N   CA   sing N N 70  
CYS N   H    sing N N 71  
CYS N   H2   sing N N 72  
CYS CA  C    sing N N 73  
CYS CA  CB   sing N N 74  
CYS CA  HA   sing N N 75  
CYS C   O    doub N N 76  
CYS C   OXT  sing N N 77  
CYS CB  SG   sing N N 78  
CYS CB  HB2  sing N N 79  
CYS CB  HB3  sing N N 80  
CYS SG  HG   sing N N 81  
CYS OXT HXT  sing N N 82  
GLN N   CA   sing N N 83  
GLN N   H    sing N N 84  
GLN N   H2   sing N N 85  
GLN CA  C    sing N N 86  
GLN CA  CB   sing N N 87  
GLN CA  HA   sing N N 88  
GLN C   O    doub N N 89  
GLN C   OXT  sing N N 90  
GLN CB  CG   sing N N 91  
GLN CB  HB2  sing N N 92  
GLN CB  HB3  sing N N 93  
GLN CG  CD   sing N N 94  
GLN CG  HG2  sing N N 95  
GLN CG  HG3  sing N N 96  
GLN CD  OE1  doub N N 97  
GLN CD  NE2  sing N N 98  
GLN NE2 HE21 sing N N 99  
GLN NE2 HE22 sing N N 100 
GLN OXT HXT  sing N N 101 
GLU N   CA   sing N N 102 
GLU N   H    sing N N 103 
GLU N   H2   sing N N 104 
GLU CA  C    sing N N 105 
GLU CA  CB   sing N N 106 
GLU CA  HA   sing N N 107 
GLU C   O    doub N N 108 
GLU C   OXT  sing N N 109 
GLU CB  CG   sing N N 110 
GLU CB  HB2  sing N N 111 
GLU CB  HB3  sing N N 112 
GLU CG  CD   sing N N 113 
GLU CG  HG2  sing N N 114 
GLU CG  HG3  sing N N 115 
GLU CD  OE1  doub N N 116 
GLU CD  OE2  sing N N 117 
GLU OE2 HE2  sing N N 118 
GLU OXT HXT  sing N N 119 
GLY N   CA   sing N N 120 
GLY N   H    sing N N 121 
GLY N   H2   sing N N 122 
GLY CA  C    sing N N 123 
GLY CA  HA2  sing N N 124 
GLY CA  HA3  sing N N 125 
GLY C   O    doub N N 126 
GLY C   OXT  sing N N 127 
GLY OXT HXT  sing N N 128 
HIS N   CA   sing N N 129 
HIS N   H    sing N N 130 
HIS N   H2   sing N N 131 
HIS CA  C    sing N N 132 
HIS CA  CB   sing N N 133 
HIS CA  HA   sing N N 134 
HIS C   O    doub N N 135 
HIS C   OXT  sing N N 136 
HIS CB  CG   sing N N 137 
HIS CB  HB2  sing N N 138 
HIS CB  HB3  sing N N 139 
HIS CG  ND1  sing Y N 140 
HIS CG  CD2  doub Y N 141 
HIS ND1 CE1  doub Y N 142 
HIS ND1 HD1  sing N N 143 
HIS CD2 NE2  sing Y N 144 
HIS CD2 HD2  sing N N 145 
HIS CE1 NE2  sing Y N 146 
HIS CE1 HE1  sing N N 147 
HIS NE2 HE2  sing N N 148 
HIS OXT HXT  sing N N 149 
HOH O   H1   sing N N 150 
HOH O   H2   sing N N 151 
ILE N   CA   sing N N 152 
ILE N   H    sing N N 153 
ILE N   H2   sing N N 154 
ILE CA  C    sing N N 155 
ILE CA  CB   sing N N 156 
ILE CA  HA   sing N N 157 
ILE C   O    doub N N 158 
ILE C   OXT  sing N N 159 
ILE CB  CG1  sing N N 160 
ILE CB  CG2  sing N N 161 
ILE CB  HB   sing N N 162 
ILE CG1 CD1  sing N N 163 
ILE CG1 HG12 sing N N 164 
ILE CG1 HG13 sing N N 165 
ILE CG2 HG21 sing N N 166 
ILE CG2 HG22 sing N N 167 
ILE CG2 HG23 sing N N 168 
ILE CD1 HD11 sing N N 169 
ILE CD1 HD12 sing N N 170 
ILE CD1 HD13 sing N N 171 
ILE OXT HXT  sing N N 172 
LEU N   CA   sing N N 173 
LEU N   H    sing N N 174 
LEU N   H2   sing N N 175 
LEU CA  C    sing N N 176 
LEU CA  CB   sing N N 177 
LEU CA  HA   sing N N 178 
LEU C   O    doub N N 179 
LEU C   OXT  sing N N 180 
LEU CB  CG   sing N N 181 
LEU CB  HB2  sing N N 182 
LEU CB  HB3  sing N N 183 
LEU CG  CD1  sing N N 184 
LEU CG  CD2  sing N N 185 
LEU CG  HG   sing N N 186 
LEU CD1 HD11 sing N N 187 
LEU CD1 HD12 sing N N 188 
LEU CD1 HD13 sing N N 189 
LEU CD2 HD21 sing N N 190 
LEU CD2 HD22 sing N N 191 
LEU CD2 HD23 sing N N 192 
LEU OXT HXT  sing N N 193 
LYS N   CA   sing N N 194 
LYS N   H    sing N N 195 
LYS N   H2   sing N N 196 
LYS CA  C    sing N N 197 
LYS CA  CB   sing N N 198 
LYS CA  HA   sing N N 199 
LYS C   O    doub N N 200 
LYS C   OXT  sing N N 201 
LYS CB  CG   sing N N 202 
LYS CB  HB2  sing N N 203 
LYS CB  HB3  sing N N 204 
LYS CG  CD   sing N N 205 
LYS CG  HG2  sing N N 206 
LYS CG  HG3  sing N N 207 
LYS CD  CE   sing N N 208 
LYS CD  HD2  sing N N 209 
LYS CD  HD3  sing N N 210 
LYS CE  NZ   sing N N 211 
LYS CE  HE2  sing N N 212 
LYS CE  HE3  sing N N 213 
LYS NZ  HZ1  sing N N 214 
LYS NZ  HZ2  sing N N 215 
LYS NZ  HZ3  sing N N 216 
LYS OXT HXT  sing N N 217 
MET N   CA   sing N N 218 
MET N   H    sing N N 219 
MET N   H2   sing N N 220 
MET CA  C    sing N N 221 
MET CA  CB   sing N N 222 
MET CA  HA   sing N N 223 
MET C   O    doub N N 224 
MET C   OXT  sing N N 225 
MET CB  CG   sing N N 226 
MET CB  HB2  sing N N 227 
MET CB  HB3  sing N N 228 
MET CG  SD   sing N N 229 
MET CG  HG2  sing N N 230 
MET CG  HG3  sing N N 231 
MET SD  CE   sing N N 232 
MET CE  HE1  sing N N 233 
MET CE  HE2  sing N N 234 
MET CE  HE3  sing N N 235 
MET OXT HXT  sing N N 236 
PHE N   CA   sing N N 237 
PHE N   H    sing N N 238 
PHE N   H2   sing N N 239 
PHE CA  C    sing N N 240 
PHE CA  CB   sing N N 241 
PHE CA  HA   sing N N 242 
PHE C   O    doub N N 243 
PHE C   OXT  sing N N 244 
PHE CB  CG   sing N N 245 
PHE CB  HB2  sing N N 246 
PHE CB  HB3  sing N N 247 
PHE CG  CD1  doub Y N 248 
PHE CG  CD2  sing Y N 249 
PHE CD1 CE1  sing Y N 250 
PHE CD1 HD1  sing N N 251 
PHE CD2 CE2  doub Y N 252 
PHE CD2 HD2  sing N N 253 
PHE CE1 CZ   doub Y N 254 
PHE CE1 HE1  sing N N 255 
PHE CE2 CZ   sing Y N 256 
PHE CE2 HE2  sing N N 257 
PHE CZ  HZ   sing N N 258 
PHE OXT HXT  sing N N 259 
PRO N   CA   sing N N 260 
PRO N   CD   sing N N 261 
PRO N   H    sing N N 262 
PRO CA  C    sing N N 263 
PRO CA  CB   sing N N 264 
PRO CA  HA   sing N N 265 
PRO C   O    doub N N 266 
PRO C   OXT  sing N N 267 
PRO CB  CG   sing N N 268 
PRO CB  HB2  sing N N 269 
PRO CB  HB3  sing N N 270 
PRO CG  CD   sing N N 271 
PRO CG  HG2  sing N N 272 
PRO CG  HG3  sing N N 273 
PRO CD  HD2  sing N N 274 
PRO CD  HD3  sing N N 275 
PRO OXT HXT  sing N N 276 
SER N   CA   sing N N 277 
SER N   H    sing N N 278 
SER N   H2   sing N N 279 
SER CA  C    sing N N 280 
SER CA  CB   sing N N 281 
SER CA  HA   sing N N 282 
SER C   O    doub N N 283 
SER C   OXT  sing N N 284 
SER CB  OG   sing N N 285 
SER CB  HB2  sing N N 286 
SER CB  HB3  sing N N 287 
SER OG  HG   sing N N 288 
SER OXT HXT  sing N N 289 
THR N   CA   sing N N 290 
THR N   H    sing N N 291 
THR N   H2   sing N N 292 
THR CA  C    sing N N 293 
THR CA  CB   sing N N 294 
THR CA  HA   sing N N 295 
THR C   O    doub N N 296 
THR C   OXT  sing N N 297 
THR CB  OG1  sing N N 298 
THR CB  CG2  sing N N 299 
THR CB  HB   sing N N 300 
THR OG1 HG1  sing N N 301 
THR CG2 HG21 sing N N 302 
THR CG2 HG22 sing N N 303 
THR CG2 HG23 sing N N 304 
THR OXT HXT  sing N N 305 
TRP N   CA   sing N N 306 
TRP N   H    sing N N 307 
TRP N   H2   sing N N 308 
TRP CA  C    sing N N 309 
TRP CA  CB   sing N N 310 
TRP CA  HA   sing N N 311 
TRP C   O    doub N N 312 
TRP C   OXT  sing N N 313 
TRP CB  CG   sing N N 314 
TRP CB  HB2  sing N N 315 
TRP CB  HB3  sing N N 316 
TRP CG  CD1  doub Y N 317 
TRP CG  CD2  sing Y N 318 
TRP CD1 NE1  sing Y N 319 
TRP CD1 HD1  sing N N 320 
TRP CD2 CE2  doub Y N 321 
TRP CD2 CE3  sing Y N 322 
TRP NE1 CE2  sing Y N 323 
TRP NE1 HE1  sing N N 324 
TRP CE2 CZ2  sing Y N 325 
TRP CE3 CZ3  doub Y N 326 
TRP CE3 HE3  sing N N 327 
TRP CZ2 CH2  doub Y N 328 
TRP CZ2 HZ2  sing N N 329 
TRP CZ3 CH2  sing Y N 330 
TRP CZ3 HZ3  sing N N 331 
TRP CH2 HH2  sing N N 332 
TRP OXT HXT  sing N N 333 
TYR N   CA   sing N N 334 
TYR N   H    sing N N 335 
TYR N   H2   sing N N 336 
TYR CA  C    sing N N 337 
TYR CA  CB   sing N N 338 
TYR CA  HA   sing N N 339 
TYR C   O    doub N N 340 
TYR C   OXT  sing N N 341 
TYR CB  CG   sing N N 342 
TYR CB  HB2  sing N N 343 
TYR CB  HB3  sing N N 344 
TYR CG  CD1  doub Y N 345 
TYR CG  CD2  sing Y N 346 
TYR CD1 CE1  sing Y N 347 
TYR CD1 HD1  sing N N 348 
TYR CD2 CE2  doub Y N 349 
TYR CD2 HD2  sing N N 350 
TYR CE1 CZ   doub Y N 351 
TYR CE1 HE1  sing N N 352 
TYR CE2 CZ   sing Y N 353 
TYR CE2 HE2  sing N N 354 
TYR CZ  OH   sing N N 355 
TYR OH  HH   sing N N 356 
TYR OXT HXT  sing N N 357 
VAL N   CA   sing N N 358 
VAL N   H    sing N N 359 
VAL N   H2   sing N N 360 
VAL CA  C    sing N N 361 
VAL CA  CB   sing N N 362 
VAL CA  HA   sing N N 363 
VAL C   O    doub N N 364 
VAL C   OXT  sing N N 365 
VAL CB  CG1  sing N N 366 
VAL CB  CG2  sing N N 367 
VAL CB  HB   sing N N 368 
VAL CG1 HG11 sing N N 369 
VAL CG1 HG12 sing N N 370 
VAL CG1 HG13 sing N N 371 
VAL CG2 HG21 sing N N 372 
VAL CG2 HG22 sing N N 373 
VAL CG2 HG23 sing N N 374 
VAL OXT HXT  sing N N 375 
# 
_pdbx_initial_refinement_model.id               1 
_pdbx_initial_refinement_model.entity_id_list   ? 
_pdbx_initial_refinement_model.type             'experimental model' 
_pdbx_initial_refinement_model.source_name      PDB 
_pdbx_initial_refinement_model.accession_code   2XT1 
_pdbx_initial_refinement_model.details          'PDB ENTRY 2XT1' 
# 
_atom_sites.entry_id                    2XXC 
_atom_sites.fract_transf_matrix[1][1]   0.00077921 
_atom_sites.fract_transf_matrix[1][2]   0.01241379 
_atom_sites.fract_transf_matrix[1][3]   0.00086124 
_atom_sites.fract_transf_matrix[2][1]   -0.00746574 
_atom_sites.fract_transf_matrix[2][2]   0.00115675 
_atom_sites.fract_transf_matrix[2][3]   -0.00991845 
_atom_sites.fract_transf_matrix[3][1]   -0.01515482 
_atom_sites.fract_transf_matrix[3][2]   0.00015857 
_atom_sites.fract_transf_matrix[3][3]   0.01142571 
_atom_sites.fract_transf_vector[1]      -0.106822 
_atom_sites.fract_transf_vector[2]      -0.297594 
_atom_sites.fract_transf_vector[3]      -0.012525 
# 
loop_
_atom_type.symbol 
C 
N 
O 
S 
# 
loop_
_atom_site.group_PDB 
_atom_site.id 
_atom_site.type_symbol 
_atom_site.label_atom_id 
_atom_site.label_alt_id 
_atom_site.label_comp_id 
_atom_site.label_asym_id 
_atom_site.label_entity_id 
_atom_site.label_seq_id 
_atom_site.pdbx_PDB_ins_code 
_atom_site.Cartn_x 
_atom_site.Cartn_y 
_atom_site.Cartn_z 
_atom_site.occupancy 
_atom_site.B_iso_or_equiv 
_atom_site.pdbx_formal_charge 
_atom_site.auth_seq_id 
_atom_site.auth_comp_id 
_atom_site.auth_asym_id 
_atom_site.auth_atom_id 
_atom_site.pdbx_PDB_model_num 
ATOM   1    N N   . ALA A 1 2   ? -17.006 2.149   3.969   1.00 51.62 ? 0    ALA B N   1 
ATOM   2    C CA  . ALA A 1 2   ? -17.487 0.790   4.184   1.00 51.04 ? 0    ALA B CA  1 
ATOM   3    C C   . ALA A 1 2   ? -16.965 0.269   5.523   1.00 53.67 ? 0    ALA B C   1 
ATOM   4    O O   . ALA A 1 2   ? -15.825 -0.179  5.592   1.00 55.36 ? 0    ALA B O   1 
ATOM   5    C CB  . ALA A 1 2   ? -17.036 -0.113  3.043   1.00 51.71 ? 0    ALA B CB  1 
ATOM   6    N N   . GLN A 1 3   ? -17.792 0.290   6.564   1.00 46.70 ? 1    GLN B N   1 
ATOM   7    C CA  . GLN A 1 3   ? -17.419 -0.088  7.947   1.00 45.07 ? 1    GLN B CA  1 
ATOM   8    C C   . GLN A 1 3   ? -16.079 0.503   8.406   1.00 42.04 ? 1    GLN B C   1 
ATOM   9    O O   . GLN A 1 3   ? -16.079 1.597   8.891   1.00 41.93 ? 1    GLN B O   1 
ATOM   10   C CB  . GLN A 1 3   ? -17.545 -1.590  8.216   1.00 46.94 ? 1    GLN B CB  1 
ATOM   11   C CG  . GLN A 1 3   ? -17.094 -2.116  9.609   1.00 68.00 ? 1    GLN B CG  1 
ATOM   12   C CD  . GLN A 1 3   ? -17.338 -1.135  10.743  1.00 93.64 ? 1    GLN B CD  1 
ATOM   13   O OE1 . GLN A 1 3   ? -18.207 -0.285  10.678  1.00 91.00 ? 1    GLN B OE1 1 
ATOM   14   N NE2 . GLN A 1 3   ? -16.566 -1.270  11.793  1.00 86.52 ? 1    GLN B NE2 1 
ATOM   15   N N   . VAL A 1 4   ? -14.958 -0.193  8.233   1.00 33.15 ? 2    VAL B N   1 
ATOM   16   C CA  . VAL A 1 4   ? -13.654 0.344   8.640   1.00 30.57 ? 2    VAL B CA  1 
ATOM   17   C C   . VAL A 1 4   ? -13.175 1.394   7.627   1.00 29.03 ? 2    VAL B C   1 
ATOM   18   O O   . VAL A 1 4   ? -13.202 1.138   6.422   1.00 26.53 ? 2    VAL B O   1 
ATOM   19   C CB  . VAL A 1 4   ? -12.620 -0.781  8.925   1.00 34.86 ? 2    VAL B CB  1 
ATOM   20   C CG1 . VAL A 1 4   ? -11.187 -0.276  8.849   1.00 33.99 ? 2    VAL B CG1 1 
ATOM   21   C CG2 . VAL A 1 4   ? -12.891 -1.437  10.279  1.00 35.30 ? 2    VAL B CG2 1 
ATOM   22   N N   . GLN A 1 5   ? -12.809 2.601   8.118   1.00 24.97 ? 3    GLN B N   1 
ATOM   23   C CA  . GLN A 1 5   ? -12.316 3.692   7.270   1.00 23.88 ? 3    GLN B CA  1 
ATOM   24   C C   . GLN A 1 5   ? -10.800 3.694   7.315   1.00 25.07 ? 3    GLN B C   1 
ATOM   25   O O   . GLN A 1 5   ? -10.223 3.446   8.379   1.00 24.56 ? 3    GLN B O   1 
ATOM   26   C CB  . GLN A 1 5   ? -12.863 5.060   7.735   1.00 25.93 ? 3    GLN B CB  1 
ATOM   27   C CG  . GLN A 1 5   ? -14.398 5.135   7.774   1.00 34.82 ? 3    GLN B CG  1 
ATOM   28   C CD  . GLN A 1 5   ? -15.050 4.809   6.450   1.00 56.75 ? 3    GLN B CD  1 
ATOM   29   O OE1 . GLN A 1 5   ? -15.790 3.827   6.326   1.00 57.13 ? 3    GLN B OE1 1 
ATOM   30   N NE2 . GLN A 1 5   ? -14.766 5.604   5.427   1.00 47.03 ? 3    GLN B NE2 1 
ATOM   31   N N   . LEU A 1 6   ? -10.161 4.040   6.184   1.00 20.99 ? 4    LEU B N   1 
ATOM   32   C CA  . LEU A 1 6   ? -8.703  4.073   6.075   1.00 20.87 ? 4    LEU B CA  1 
ATOM   33   C C   . LEU A 1 6   ? -8.225  5.472   5.764   1.00 25.77 ? 4    LEU B C   1 
ATOM   34   O O   . LEU A 1 6   ? -8.682  6.080   4.777   1.00 25.71 ? 4    LEU B O   1 
ATOM   35   C CB  . LEU A 1 6   ? -8.224  3.088   4.978   1.00 21.02 ? 4    LEU B CB  1 
ATOM   36   C CG  . LEU A 1 6   ? -8.608  1.624   5.145   1.00 23.97 ? 4    LEU B CG  1 
ATOM   37   C CD1 . LEU A 1 6   ? -8.023  0.789   4.021   1.00 24.22 ? 4    LEU B CD1 1 
ATOM   38   C CD2 . LEU A 1 6   ? -8.154  1.060   6.492   1.00 25.47 ? 4    LEU B CD2 1 
ATOM   39   N N   . VAL A 1 7   ? -7.353  5.988   6.617   1.00 23.16 ? 5    VAL B N   1 
ATOM   40   C CA  . VAL A 1 7   ? -6.751  7.289   6.396   1.00 24.02 ? 5    VAL B CA  1 
ATOM   41   C C   . VAL A 1 7   ? -5.318  7.114   5.924   1.00 22.99 ? 5    VAL B C   1 
ATOM   42   O O   . VAL A 1 7   ? -4.498  6.719   6.672   1.00 21.29 ? 5    VAL B O   1 
ATOM   43   C CB  . VAL A 1 7   ? -6.735  8.193   7.651   1.00 30.74 ? 5    VAL B CB  1 
ATOM   44   C CG1 . VAL A 1 7   ? -6.117  9.501   7.341   1.00 31.52 ? 5    VAL B CG1 1 
ATOM   45   C CG2 . VAL A 1 7   ? -8.108  8.493   8.093   1.00 32.80 ? 5    VAL B CG2 1 
ATOM   46   N N   . GLU A 1 8   ? -5.092  7.431   4.662   1.00 21.70 ? 6    GLU B N   1 
ATOM   47   C CA  . GLU A 1 8   ? -3.815  7.283   4.000   1.00 21.26 ? 6    GLU B CA  1 
ATOM   48   C C   . GLU A 1 8   ? -2.929  8.515   4.175   1.00 25.76 ? 6    GLU B C   1 
ATOM   49   O O   . GLU A 1 8   ? -3.416  9.649   4.102   1.00 25.52 ? 6    GLU B O   1 
ATOM   50   C CB  . GLU A 1 8   ? -4.063  7.027   2.521   1.00 23.46 ? 6    GLU B CB  1 
ATOM   51   C CG  . GLU A 1 8   ? -2.871  6.482   1.778   1.00 28.41 ? 6    GLU B CG  1 
ATOM   52   C CD  . GLU A 1 8   ? -3.192  5.926   0.411   1.00 26.55 ? 6    GLU B CD  1 
ATOM   53   O OE1 . GLU A 1 8   ? -4.266  5.305   0.223   1.00 28.07 ? 6    GLU B OE1 1 
ATOM   54   O OE2 . GLU A 1 8   ? -2.298  6.026   -0.448  1.00 26.41 ? 6    GLU B OE2 1 
ATOM   55   N N   . SER A 1 9   ? -1.612  8.286   4.323   1.00 20.71 ? 7    SER B N   1 
ATOM   56   C CA  . SER A 1 9   ? -0.624  9.358   4.456   1.00 20.90 ? 7    SER B CA  1 
ATOM   57   C C   . SER A 1 9   ? 0.708   8.848   3.894   1.00 24.13 ? 7    SER B C   1 
ATOM   58   O O   . SER A 1 9   ? 0.850   7.644   3.622   1.00 22.04 ? 7    SER B O   1 
ATOM   59   C CB  . SER A 1 9   ? -0.510  9.816   5.915   1.00 23.81 ? 7    SER B CB  1 
ATOM   60   O OG  . SER A 1 9   ? 0.050   8.831   6.763   1.00 27.83 ? 7    SER B OG  1 
ATOM   61   N N   . GLY A 1 10  ? 1.618   9.770   3.610   1.00 21.94 ? 8    GLY B N   1 
ATOM   62   C CA  . GLY A 1 10  ? 2.906   9.411   3.025   1.00 21.56 ? 8    GLY B CA  1 
ATOM   63   C C   . GLY A 1 10  ? 2.996   9.781   1.560   1.00 26.84 ? 8    GLY B C   1 
ATOM   64   O O   . GLY A 1 10  ? 2.105   10.431  1.041   1.00 27.97 ? 8    GLY B O   1 
ATOM   65   N N   . GLY A 1 11  ? 4.052   9.356   0.901   1.00 25.23 ? 9    GLY B N   1 
ATOM   66   C CA  . GLY A 1 11  ? 4.282   9.690   -0.496  1.00 26.73 ? 9    GLY B CA  1 
ATOM   67   C C   . GLY A 1 11  ? 5.183   10.897  -0.624  1.00 31.25 ? 9    GLY B C   1 
ATOM   68   O O   . GLY A 1 11  ? 5.861   11.271  0.333   1.00 31.30 ? 9    GLY B O   1 
ATOM   69   N N   . GLY A 1 12  ? 5.186   11.484  -1.804  1.00 27.26 ? 10   GLY B N   1 
ATOM   70   C CA  . GLY A 1 12  ? 6.004   12.641  -2.118  1.00 26.12 ? 10   GLY B CA  1 
ATOM   71   C C   . GLY A 1 12  ? 6.815   12.437  -3.376  1.00 26.95 ? 10   GLY B C   1 
ATOM   72   O O   . GLY A 1 12  ? 6.389   11.740  -4.312  1.00 24.77 ? 10   GLY B O   1 
ATOM   73   N N   . LEU A 1 13  ? 7.996   13.054  -3.392  1.00 21.61 ? 11   LEU B N   1 
ATOM   74   C CA  . LEU A 1 13  ? 8.907   13.093  -4.522  1.00 20.74 ? 11   LEU B CA  1 
ATOM   75   C C   . LEU A 1 13  ? 10.251  12.621  -4.055  1.00 24.00 ? 11   LEU B C   1 
ATOM   76   O O   . LEU A 1 13  ? 10.777  13.122  -3.055  1.00 22.78 ? 11   LEU B O   1 
ATOM   77   C CB  . LEU A 1 13  ? 8.990   14.549  -5.043  1.00 20.50 ? 11   LEU B CB  1 
ATOM   78   C CG  . LEU A 1 13  ? 9.992   14.880  -6.151  1.00 24.89 ? 11   LEU B CG  1 
ATOM   79   C CD1 . LEU A 1 13  ? 9.664   14.122  -7.445  1.00 24.90 ? 11   LEU B CD1 1 
ATOM   80   C CD2 . LEU A 1 13  ? 9.960   16.374  -6.453  1.00 25.46 ? 11   LEU B CD2 1 
ATOM   81   N N   . VAL A 1 14  ? 10.816  11.665  -4.782  1.00 21.61 ? 12   VAL B N   1 
ATOM   82   C CA  . VAL A 1 14  ? 12.096  11.075  -4.413  1.00 21.01 ? 12   VAL B CA  1 
ATOM   83   C C   . VAL A 1 14  ? 12.916  10.764  -5.658  1.00 24.17 ? 12   VAL B C   1 
ATOM   84   O O   . VAL A 1 14  ? 12.347  10.525  -6.718  1.00 24.21 ? 12   VAL B O   1 
ATOM   85   C CB  . VAL A 1 14  ? 11.865  9.811   -3.515  1.00 24.44 ? 12   VAL B CB  1 
ATOM   86   C CG1 . VAL A 1 14  ? 11.171  8.678   -4.296  1.00 23.87 ? 12   VAL B CG1 1 
ATOM   87   C CG2 . VAL A 1 14  ? 13.149  9.320   -2.858  1.00 24.28 ? 12   VAL B CG2 1 
ATOM   88   N N   . GLN A 1 15  ? 14.227  10.795  -5.553  1.00 22.20 ? 13   GLN B N   1 
ATOM   89   C CA  . GLN A 1 15  ? 15.076  10.341  -6.631  1.00 22.99 ? 13   GLN B CA  1 
ATOM   90   C C   . GLN A 1 15  ? 15.102  8.811   -6.805  1.00 25.96 ? 13   GLN B C   1 
ATOM   91   O O   . GLN A 1 15  ? 14.975  8.090   -5.879  1.00 23.33 ? 13   GLN B O   1 
ATOM   92   C CB  . GLN A 1 15  ? 16.494  10.842  -6.433  1.00 25.29 ? 13   GLN B CB  1 
ATOM   93   C CG  . GLN A 1 15  ? 16.742  12.195  -6.979  1.00 47.93 ? 13   GLN B CG  1 
ATOM   94   C CD  . GLN A 1 15  ? 18.226  12.509  -7.196  1.00 52.69 ? 13   GLN B CD  1 
ATOM   95   O OE1 . GLN A 1 15  ? 18.712  12.441  -8.311  1.00 26.41 ? 13   GLN B OE1 1 
ATOM   96   N NE2 . GLN A 1 15  ? 18.929  12.863  -6.116  1.00 35.37 ? 13   GLN B NE2 1 
ATOM   97   N N   . ALA A 1 16  ? 15.299  8.365   -8.034  1.00 25.55 ? 14   ALA B N   1 
ATOM   98   C CA  . ALA A 1 16  ? 15.430  6.964   -8.324  1.00 26.75 ? 14   ALA B CA  1 
ATOM   99   C C   . ALA A 1 16  ? 16.437  6.380   -7.392  1.00 28.71 ? 14   ALA B C   1 
ATOM   100  O O   . ALA A 1 16  ? 17.429  6.960   -7.169  1.00 28.04 ? 14   ALA B O   1 
ATOM   101  C CB  . ALA A 1 16  ? 15.859  6.755   -9.713  1.00 28.26 ? 14   ALA B CB  1 
ATOM   102  N N   . GLY A 1 17  ? 16.145  5.232   -6.838  1.00 25.10 ? 15   GLY B N   1 
ATOM   103  C CA  . GLY A 1 17  ? 17.017  4.563   -5.920  1.00 24.36 ? 15   GLY B CA  1 
ATOM   104  C C   . GLY A 1 17  ? 16.641  4.811   -4.480  1.00 26.19 ? 15   GLY B C   1 
ATOM   105  O O   . GLY A 1 17  ? 17.036  4.126   -3.613  1.00 25.76 ? 15   GLY B O   1 
ATOM   106  N N   . GLY A 1 18  ? 15.863  5.840   -4.288  1.00 23.45 ? 16   GLY B N   1 
ATOM   107  C CA  . GLY A 1 18  ? 15.398  6.259   -2.971  1.00 23.36 ? 16   GLY B CA  1 
ATOM   108  C C   . GLY A 1 18  ? 14.267  5.438   -2.381  1.00 23.36 ? 16   GLY B C   1 
ATOM   109  O O   . GLY A 1 18  ? 13.780  4.485   -2.991  1.00 23.45 ? 16   GLY B O   1 
ATOM   110  N N   . SER A 1 19  ? 13.815  5.851   -1.205  1.00 20.65 ? 17   SER B N   1 
ATOM   111  C CA  . SER A 1 19  ? 12.793  5.171   -0.414  1.00 19.66 ? 17   SER B CA  1 
ATOM   112  C C   . SER A 1 19  ? 11.721  6.116   0.059   1.00 23.60 ? 17   SER B C   1 
ATOM   113  O O   . SER A 1 19  ? 12.009  7.266   0.368   1.00 23.16 ? 17   SER B O   1 
ATOM   114  C CB  . SER A 1 19  ? 13.430  4.548   0.834   1.00 24.03 ? 17   SER B CB  1 
ATOM   115  O OG  . SER A 1 19  ? 14.362  3.520   0.550   1.00 33.86 ? 17   SER B OG  1 
ATOM   116  N N   . LEU A 1 20  ? 10.477  5.607   0.202   1.00 18.92 ? 18   LEU B N   1 
ATOM   117  C CA  . LEU A 1 20  ? 9.361   6.357   0.779   1.00 18.29 ? 18   LEU B CA  1 
ATOM   118  C C   . LEU A 1 20  ? 8.480   5.338   1.468   1.00 22.58 ? 18   LEU B C   1 
ATOM   119  O O   . LEU A 1 20  ? 8.408   4.197   1.026   1.00 22.06 ? 18   LEU B O   1 
ATOM   120  C CB  . LEU A 1 20  ? 8.513   7.072   -0.303  1.00 18.84 ? 18   LEU B CB  1 
ATOM   121  C CG  . LEU A 1 20  ? 9.118   8.303   -1.019  1.00 22.67 ? 18   LEU B CG  1 
ATOM   122  C CD1 . LEU A 1 20  ? 8.206   8.721   -2.194  1.00 23.17 ? 18   LEU B CD1 1 
ATOM   123  C CD2 . LEU A 1 20  ? 9.262   9.501   -0.048  1.00 26.00 ? 18   LEU B CD2 1 
ATOM   124  N N   . ARG A 1 21  ? 7.788   5.743   2.513   1.00 20.37 ? 19   ARG B N   1 
ATOM   125  C CA  . ARG A 1 21  ? 6.854   4.846   3.191   1.00 19.78 ? 19   ARG B CA  1 
ATOM   126  C C   . ARG A 1 21  ? 5.453   5.432   3.104   1.00 23.57 ? 19   ARG B C   1 
ATOM   127  O O   . ARG A 1 21  ? 5.262   6.633   3.287   1.00 23.27 ? 19   ARG B O   1 
ATOM   128  C CB  . ARG A 1 21  ? 7.266   4.622   4.661   1.00 20.22 ? 19   ARG B CB  1 
ATOM   129  C CG  . ARG A 1 21  ? 6.467   3.504   5.379   1.00 22.27 ? 19   ARG B CG  1 
ATOM   130  C CD  . ARG A 1 21  ? 6.742   3.411   6.878   1.00 23.31 ? 19   ARG B CD  1 
ATOM   131  N NE  . ARG A 1 21  ? 6.306   4.616   7.589   1.00 25.79 ? 19   ARG B NE  1 
ATOM   132  C CZ  . ARG A 1 21  ? 6.318   4.776   8.909   1.00 34.42 ? 19   ARG B CZ  1 
ATOM   133  N NH1 . ARG A 1 21  ? 6.682   3.778   9.704   1.00 28.51 ? 19   ARG B NH1 1 
ATOM   134  N NH2 . ARG A 1 21  ? 5.937   5.928   9.446   1.00 27.60 ? 19   ARG B NH2 1 
ATOM   135  N N   . LEU A 1 22  ? 4.465   4.582   2.830   1.00 19.23 ? 20   LEU B N   1 
ATOM   136  C CA  . LEU A 1 22  ? 3.065   4.969   2.842   1.00 18.32 ? 20   LEU B CA  1 
ATOM   137  C C   . LEU A 1 22  ? 2.438   4.337   4.077   1.00 20.94 ? 20   LEU B C   1 
ATOM   138  O O   . LEU A 1 22  ? 2.835   3.237   4.486   1.00 18.68 ? 20   LEU B O   1 
ATOM   139  C CB  . LEU A 1 22  ? 2.316   4.475   1.567   1.00 18.17 ? 20   LEU B CB  1 
ATOM   140  C CG  . LEU A 1 22  ? 2.984   4.828   0.231   1.00 22.04 ? 20   LEU B CG  1 
ATOM   141  C CD1 . LEU A 1 22  ? 2.155   4.354   -0.958  1.00 21.43 ? 20   LEU B CD1 1 
ATOM   142  C CD2 . LEU A 1 22  ? 3.264   6.305   0.118   1.00 24.83 ? 20   LEU B CD2 1 
ATOM   143  N N   . SER A 1 23  ? 1.483   5.035   4.686   1.00 18.82 ? 21   SER B N   1 
ATOM   144  C CA  . SER A 1 23  ? 0.782   4.531   5.863   1.00 19.00 ? 21   SER B CA  1 
ATOM   145  C C   . SER A 1 23  ? -0.715  4.602   5.617   1.00 22.58 ? 21   SER B C   1 
ATOM   146  O O   . SER A 1 23  ? -1.201  5.468   4.878   1.00 20.87 ? 21   SER B O   1 
ATOM   147  C CB  . SER A 1 23  ? 1.101   5.397   7.085   1.00 21.45 ? 21   SER B CB  1 
ATOM   148  O OG  . SER A 1 23  ? 2.450   5.220   7.464   1.00 27.34 ? 21   SER B OG  1 
ATOM   149  N N   A CYS A 1 24  ? -1.465  3.695   6.258   0.40 19.75 ? 22   CYS B N   1 
ATOM   150  N N   B CYS A 1 24  ? -1.445  3.747   6.301   0.60 19.18 ? 22   CYS B N   1 
ATOM   151  C CA  A CYS A 1 24  ? -2.924  3.691   6.215   0.40 20.31 ? 22   CYS B CA  1 
ATOM   152  C CA  B CYS A 1 24  ? -2.871  3.654   6.168   0.60 19.71 ? 22   CYS B CA  1 
ATOM   153  C C   A CYS A 1 24  ? -3.467  3.316   7.551   0.40 24.41 ? 22   CYS B C   1 
ATOM   154  C C   B CYS A 1 24  ? -3.438  3.317   7.551   0.60 24.06 ? 22   CYS B C   1 
ATOM   155  O O   A CYS A 1 24  ? -3.417  2.151   7.956   0.40 24.29 ? 22   CYS B O   1 
ATOM   156  O O   B CYS A 1 24  ? -3.386  2.188   7.950   0.60 23.91 ? 22   CYS B O   1 
ATOM   157  C CB  A CYS A 1 24  ? -3.481  2.823   5.096   0.40 21.10 ? 22   CYS B CB  1 
ATOM   158  C CB  B CYS A 1 24  ? -3.131  2.572   5.136   0.60 20.10 ? 22   CYS B CB  1 
ATOM   159  S SG  A CYS A 1 24  ? -3.797  3.751   3.585   0.40 25.28 ? 22   CYS B SG  1 
ATOM   160  S SG  B CYS A 1 24  ? -4.669  1.932   4.938   0.60 23.53 ? 22   CYS B SG  1 
ATOM   161  N N   . ALA A 1 25  ? -3.919  4.338   8.263   1.00 21.04 ? 23   ALA B N   1 
ATOM   162  C CA  . ALA A 1 25  ? -4.439  4.228   9.637   1.00 20.99 ? 23   ALA B CA  1 
ATOM   163  C C   . ALA A 1 25  ? -5.935  3.940   9.595   1.00 24.95 ? 23   ALA B C   1 
ATOM   164  O O   . ALA A 1 25  ? -6.732  4.713   9.045   1.00 24.41 ? 23   ALA B O   1 
ATOM   165  C CB  . ALA A 1 25  ? -4.152  5.512   10.425  1.00 22.32 ? 23   ALA B CB  1 
ATOM   166  N N   . ALA A 1 26  ? -6.302  2.798   10.145  1.00 22.39 ? 24   ALA B N   1 
ATOM   167  C CA  . ALA A 1 26  ? -7.686  2.349   10.140  1.00 22.63 ? 24   ALA B CA  1 
ATOM   168  C C   . ALA A 1 26  ? -8.450  2.849   11.336  1.00 26.91 ? 24   ALA B C   1 
ATOM   169  O O   . ALA A 1 26  ? -7.872  3.040   12.406  1.00 25.14 ? 24   ALA B O   1 
ATOM   170  C CB  . ALA A 1 26  ? -7.739  0.846   10.103  1.00 23.37 ? 24   ALA B CB  1 
ATOM   171  N N   . SER A 1 27  ? -9.783  2.977   11.173  1.00 24.78 ? 25   SER B N   1 
ATOM   172  C CA  . SER A 1 27  ? -10.674 3.448   12.243  1.00 25.59 ? 25   SER B CA  1 
ATOM   173  C C   . SER A 1 27  ? -10.953 2.350   13.287  1.00 30.01 ? 25   SER B C   1 
ATOM   174  O O   . SER A 1 27  ? -11.506 2.643   14.343  1.00 29.91 ? 25   SER B O   1 
ATOM   175  C CB  . SER A 1 27  ? -11.985 3.966   11.659  1.00 27.17 ? 25   SER B CB  1 
ATOM   176  O OG  . SER A 1 27  ? -12.640 2.942   10.929  1.00 29.63 ? 25   SER B OG  1 
ATOM   177  N N   . GLY A 1 28  ? -10.570 1.110   12.981  1.00 26.78 ? 26   GLY B N   1 
ATOM   178  C CA  . GLY A 1 28  ? -10.731 -0.034  13.874  1.00 26.24 ? 26   GLY B CA  1 
ATOM   179  C C   . GLY A 1 28  ? -9.854  -1.193  13.445  1.00 28.54 ? 26   GLY B C   1 
ATOM   180  O O   . GLY A 1 28  ? -9.113  -1.073  12.462  1.00 26.40 ? 26   GLY B O   1 
ATOM   181  N N   . SER A 1 29  ? -9.942  -2.332  14.147  1.00 24.90 ? 27   SER B N   1 
ATOM   182  C CA  . SER A 1 29  ? -9.165  -3.524  13.773  1.00 24.00 ? 27   SER B CA  1 
ATOM   183  C C   . SER A 1 29  ? -9.566  -4.019  12.396  1.00 28.12 ? 27   SER B C   1 
ATOM   184  O O   . SER A 1 29  ? -10.740 -3.945  12.028  1.00 27.07 ? 27   SER B O   1 
ATOM   185  C CB  . SER A 1 29  ? -9.396  -4.653  14.777  1.00 27.25 ? 27   SER B CB  1 
ATOM   186  O OG  . SER A 1 29  ? -8.963  -4.237  16.063  1.00 33.20 ? 27   SER B OG  1 
ATOM   187  N N   . PHE A 1 30  ? -8.598  -4.505  11.645  1.00 24.42 ? 28   PHE B N   1 
ATOM   188  C CA  . PHE A 1 30  ? -8.870  -5.069  10.345  1.00 24.26 ? 28   PHE B CA  1 
ATOM   189  C C   . PHE A 1 30  ? -8.034  -6.309  10.036  1.00 28.18 ? 28   PHE B C   1 
ATOM   190  O O   . PHE A 1 30  ? -8.007  -6.743  8.933   1.00 27.61 ? 28   PHE B O   1 
ATOM   191  C CB  . PHE A 1 30  ? -8.773  -4.013  9.230   1.00 24.81 ? 28   PHE B CB  1 
ATOM   192  C CG  . PHE A 1 30  ? -7.415  -3.387  9.094   1.00 25.43 ? 28   PHE B CG  1 
ATOM   193  C CD1 . PHE A 1 30  ? -6.987  -2.408  9.949   1.00 25.98 ? 28   PHE B CD1 1 
ATOM   194  C CD2 . PHE A 1 30  ? -6.576  -3.785  8.125   1.00 27.08 ? 28   PHE B CD2 1 
ATOM   195  C CE1 . PHE A 1 30  ? -5.734  -1.859  9.807   1.00 28.57 ? 28   PHE B CE1 1 
ATOM   196  C CE2 . PHE A 1 30  ? -5.344  -3.240  8.000   1.00 28.17 ? 28   PHE B CE2 1 
ATOM   197  C CZ  . PHE A 1 30  ? -4.933  -2.276  8.854   1.00 27.12 ? 28   PHE B CZ  1 
ATOM   198  N N   . PHE A 1 31  ? -7.379  -6.868  11.041  1.00 26.42 ? 29   PHE B N   1 
ATOM   199  C CA  . PHE A 1 31  ? -6.533  -8.044  10.856  1.00 26.60 ? 29   PHE B CA  1 
ATOM   200  C C   . PHE A 1 31  ? -7.322  -9.311  10.407  1.00 30.65 ? 29   PHE B C   1 
ATOM   201  O O   . PHE A 1 31  ? -6.761  -10.219 9.877   1.00 30.41 ? 29   PHE B O   1 
ATOM   202  C CB  . PHE A 1 31  ? -5.709  -8.307  12.110  1.00 28.13 ? 29   PHE B CB  1 
ATOM   203  C CG  . PHE A 1 31  ? -6.523  -8.562  13.321  1.00 29.08 ? 29   PHE B CG  1 
ATOM   204  C CD1 . PHE A 1 31  ? -7.061  -9.801  13.573  1.00 32.81 ? 29   PHE B CD1 1 
ATOM   205  C CD2 . PHE A 1 31  ? -6.766  -7.574  14.216  1.00 31.80 ? 29   PHE B CD2 1 
ATOM   206  C CE1 . PHE A 1 31  ? -7.814  -10.025 14.672  1.00 34.04 ? 29   PHE B CE1 1 
ATOM   207  C CE2 . PHE A 1 31  ? -7.514  -7.818  15.332  1.00 34.43 ? 29   PHE B CE2 1 
ATOM   208  C CZ  . PHE A 1 31  ? -8.031  -9.042  15.550  1.00 32.75 ? 29   PHE B CZ  1 
ATOM   209  N N   A MET A 1 32  ? -8.633  -9.248  10.614  0.50 27.53 ? 30   MET B N   1 
ATOM   210  N N   B MET A 1 32  ? -8.630  -9.289  10.613  0.50 27.33 ? 30   MET B N   1 
ATOM   211  C CA  A MET A 1 32  ? -9.629  -10.275 10.272  0.50 27.74 ? 30   MET B CA  1 
ATOM   212  C CA  B MET A 1 32  ? -9.488  -10.412 10.207  0.50 27.37 ? 30   MET B CA  1 
ATOM   213  C C   A MET A 1 32  ? -10.018 -10.271 8.780   0.50 30.56 ? 30   MET B C   1 
ATOM   214  C C   B MET A 1 32  ? -9.765  -10.405 8.701   0.50 30.43 ? 30   MET B C   1 
ATOM   215  O O   A MET A 1 32  ? -10.699 -11.195 8.326   0.50 29.24 ? 30   MET B O   1 
ATOM   216  O O   B MET A 1 32  ? -10.129 -11.451 8.156   0.50 28.93 ? 30   MET B O   1 
ATOM   217  C CB  A MET A 1 32  ? -10.882 -10.130 11.172  0.50 30.24 ? 30   MET B CB  1 
ATOM   218  C CB  B MET A 1 32  ? -10.815 -10.413 10.988  0.50 29.96 ? 30   MET B CB  1 
ATOM   219  C CG  A MET A 1 32  ? -11.452 -8.711  11.237  0.50 33.78 ? 30   MET B CG  1 
ATOM   220  C CG  B MET A 1 32  ? -10.641 -10.629 12.480  0.50 33.78 ? 30   MET B CG  1 
ATOM   221  S SD  A MET A 1 32  ? -10.511 -7.530  12.263  0.50 37.29 ? 30   MET B SD  1 
ATOM   222  S SD  B MET A 1 32  ? -12.147 -11.239 13.266  0.50 38.34 ? 30   MET B SD  1 
ATOM   223  C CE  A MET A 1 32  ? -11.169 -7.921  13.892  0.50 33.69 ? 30   MET B CE  1 
ATOM   224  C CE  B MET A 1 32  ? -12.048 -12.964 12.840  0.50 35.00 ? 30   MET B CE  1 
ATOM   225  N N   . SER A 1 33  ? -9.585  -9.235  8.028   1.00 26.01 ? 31   SER B N   1 
ATOM   226  C CA  . SER A 1 33  ? -9.834  -9.087  6.578   1.00 24.20 ? 31   SER B CA  1 
ATOM   227  C C   . SER A 1 33  ? -9.025  -10.124 5.833   1.00 27.20 ? 31   SER B C   1 
ATOM   228  O O   . SER A 1 33  ? -7.845  -10.300 6.122   1.00 26.32 ? 31   SER B O   1 
ATOM   229  C CB  . SER A 1 33  ? -9.406  -7.701  6.097   1.00 25.40 ? 31   SER B CB  1 
ATOM   230  O OG  . SER A 1 33  ? -10.287 -6.686  6.545   1.00 29.14 ? 31   SER B OG  1 
ATOM   231  N N   . ASN A 1 34  ? -9.657  -10.853 4.897   1.00 23.98 ? 32   ASN B N   1 
ATOM   232  C CA  . ASN A 1 34  ? -8.899  -11.844 4.151   1.00 22.74 ? 32   ASN B CA  1 
ATOM   233  C C   . ASN A 1 34  ? -7.794  -11.209 3.334   1.00 25.01 ? 32   ASN B C   1 
ATOM   234  O O   . ASN A 1 34  ? -6.750  -11.822 3.160   1.00 23.57 ? 32   ASN B O   1 
ATOM   235  C CB  . ASN A 1 34  ? -9.800  -12.660 3.265   1.00 23.55 ? 32   ASN B CB  1 
ATOM   236  C CG  . ASN A 1 34  ? -10.380 -13.837 3.999   1.00 48.80 ? 32   ASN B CG  1 
ATOM   237  O OD1 . ASN A 1 34  ? -9.744  -14.886 4.133   1.00 49.81 ? 32   ASN B OD1 1 
ATOM   238  N ND2 . ASN A 1 34  ? -11.562 -13.666 4.549   1.00 37.65 ? 32   ASN B ND2 1 
ATOM   239  N N   . VAL A 1 35  ? -8.032  -9.993  2.822   1.00 20.90 ? 33   VAL B N   1 
ATOM   240  C CA  . VAL A 1 35  ? -7.039  -9.267  2.028   1.00 19.61 ? 33   VAL B CA  1 
ATOM   241  C C   . VAL A 1 35  ? -6.813  -7.876  2.630   1.00 22.23 ? 33   VAL B C   1 
ATOM   242  O O   . VAL A 1 35  ? -7.776  -7.163  2.917   1.00 21.81 ? 33   VAL B O   1 
ATOM   243  C CB  . VAL A 1 35  ? -7.452  -9.130  0.531   1.00 22.35 ? 33   VAL B CB  1 
ATOM   244  C CG1 . VAL A 1 35  ? -6.388  -8.385  -0.277  1.00 21.90 ? 33   VAL B CG1 1 
ATOM   245  C CG2 . VAL A 1 35  ? -7.752  -10.489 -0.104  1.00 22.58 ? 33   VAL B CG2 1 
ATOM   246  N N   . MET A 1 36  ? -5.535  -7.519  2.823   1.00 18.54 ? 34   MET B N   1 
ATOM   247  C CA  A MET A 1 36  ? -5.100  -6.192  3.286   0.50 17.61 ? 34   MET B CA  1 
ATOM   248  C CA  B MET A 1 36  ? -5.125  -6.171  3.257   0.50 18.74 ? 34   MET B CA  1 
ATOM   249  C C   . MET A 1 36  ? -4.068  -5.802  2.255   1.00 21.36 ? 34   MET B C   1 
ATOM   250  O O   . MET A 1 36  ? -3.054  -6.490  2.132   1.00 19.93 ? 34   MET B O   1 
ATOM   251  C CB  A MET A 1 36  ? -4.523  -6.254  4.705   0.50 19.65 ? 34   MET B CB  1 
ATOM   252  C CB  B MET A 1 36  ? -4.586  -6.115  4.684   0.50 21.64 ? 34   MET B CB  1 
ATOM   253  C CG  A MET A 1 36  ? -5.587  -6.567  5.748   0.50 22.21 ? 34   MET B CG  1 
ATOM   254  C CG  B MET A 1 36  ? -5.525  -6.706  5.717   0.50 25.44 ? 34   MET B CG  1 
ATOM   255  S SD  A MET A 1 36  ? -4.883  -7.367  7.194   0.50 25.23 ? 34   MET B SD  1 
ATOM   256  S SD  B MET A 1 36  ? -4.665  -8.047  6.550   0.50 29.96 ? 34   MET B SD  1 
ATOM   257  C CE  A MET A 1 36  ? -4.714  -9.071  6.580   0.50 22.74 ? 34   MET B CE  1 
ATOM   258  C CE  B MET A 1 36  ? -3.278  -7.279  6.944   0.50 24.92 ? 34   MET B CE  1 
ATOM   259  N N   . ALA A 1 37  ? -4.374  -4.801  1.423   1.00 17.33 ? 35   ALA B N   1 
ATOM   260  C CA  . ALA A 1 37  ? -3.500  -4.549  0.309   1.00 18.06 ? 35   ALA B CA  1 
ATOM   261  C C   . ALA A 1 37  ? -3.194  -3.124  -0.057  1.00 20.96 ? 35   ALA B C   1 
ATOM   262  O O   . ALA A 1 37  ? -3.909  -2.203  0.336   1.00 20.13 ? 35   ALA B O   1 
ATOM   263  C CB  . ALA A 1 37  ? -4.148  -5.206  -0.911  1.00 19.21 ? 35   ALA B CB  1 
ATOM   264  N N   . TRP A 1 38  ? -2.183  -2.994  -0.923  1.00 18.01 ? 36   TRP B N   1 
ATOM   265  C CA  . TRP A 1 38  ? -1.806  -1.747  -1.591  1.00 18.00 ? 36   TRP B CA  1 
ATOM   266  C C   . TRP A 1 38  ? -1.998  -1.948  -3.072  1.00 20.05 ? 36   TRP B C   1 
ATOM   267  O O   . TRP A 1 38  ? -1.599  -2.972  -3.635  1.00 19.89 ? 36   TRP B O   1 
ATOM   268  C CB  . TRP A 1 38  ? -0.362  -1.337  -1.316  1.00 17.23 ? 36   TRP B CB  1 
ATOM   269  C CG  . TRP A 1 38  ? -0.161  -0.876  0.095   1.00 17.63 ? 36   TRP B CG  1 
ATOM   270  C CD1 . TRP A 1 38  ? 0.165   -1.648  1.173   1.00 20.42 ? 36   TRP B CD1 1 
ATOM   271  C CD2 . TRP A 1 38  ? -0.424  0.440   0.604   1.00 17.49 ? 36   TRP B CD2 1 
ATOM   272  N NE1 . TRP A 1 38  ? 0.206   -0.870  2.316   1.00 19.06 ? 36   TRP B NE1 1 
ATOM   273  C CE2 . TRP A 1 38  ? -0.213  0.399   2.003   1.00 20.28 ? 36   TRP B CE2 1 
ATOM   274  C CE3 . TRP A 1 38  ? -0.858  1.643   0.015   1.00 18.95 ? 36   TRP B CE3 1 
ATOM   275  C CZ2 . TRP A 1 38  ? -0.311  1.543   2.804   1.00 19.54 ? 36   TRP B CZ2 1 
ATOM   276  C CZ3 . TRP A 1 38  ? -0.946  2.781   0.812   1.00 20.39 ? 36   TRP B CZ3 1 
ATOM   277  C CH2 . TRP A 1 38  ? -0.719  2.710   2.194   1.00 20.77 ? 36   TRP B CH2 1 
ATOM   278  N N   . TYR A 1 39  ? -2.575  -0.941  -3.702  1.00 17.29 ? 37   TYR B N   1 
ATOM   279  C CA  . TYR A 1 39  ? -2.844  -0.873  -5.139  1.00 17.40 ? 37   TYR B CA  1 
ATOM   280  C C   . TYR A 1 39  ? -2.140  0.353   -5.719  1.00 21.37 ? 37   TYR B C   1 
ATOM   281  O O   . TYR A 1 39  ? -1.919  1.346   -5.000  1.00 20.14 ? 37   TYR B O   1 
ATOM   282  C CB  . TYR A 1 39  ? -4.346  -0.663  -5.375  1.00 17.66 ? 37   TYR B CB  1 
ATOM   283  C CG  . TYR A 1 39  ? -5.221  -1.868  -5.095  1.00 18.40 ? 37   TYR B CG  1 
ATOM   284  C CD1 . TYR A 1 39  ? -5.582  -2.204  -3.791  1.00 17.48 ? 37   TYR B CD1 1 
ATOM   285  C CD2 . TYR A 1 39  ? -5.808  -2.582  -6.140  1.00 20.29 ? 37   TYR B CD2 1 
ATOM   286  C CE1 . TYR A 1 39  ? -6.463  -3.246  -3.532  1.00 17.43 ? 37   TYR B CE1 1 
ATOM   287  C CE2 . TYR A 1 39  ? -6.670  -3.646  -5.893  1.00 20.25 ? 37   TYR B CE2 1 
ATOM   288  C CZ  . TYR A 1 39  ? -7.000  -3.968  -4.591  1.00 22.09 ? 37   TYR B CZ  1 
ATOM   289  O OH  . TYR A 1 39  ? -7.884  -4.982  -4.361  1.00 21.61 ? 37   TYR B OH  1 
ATOM   290  N N   A ARG A 1 40  ? -1.788  0.267   -7.025  0.50 18.96 ? 38   ARG B N   1 
ATOM   291  N N   B ARG A 1 40  ? -1.829  0.311   -7.001  0.50 19.00 ? 38   ARG B N   1 
ATOM   292  C CA  A ARG A 1 40  ? -1.042  1.239   -7.838  0.50 19.76 ? 38   ARG B CA  1 
ATOM   293  C CA  B ARG A 1 40  ? -1.238  1.455   -7.668  0.50 19.79 ? 38   ARG B CA  1 
ATOM   294  C C   A ARG A 1 40  ? -1.862  1.636   -9.077  0.50 23.08 ? 38   ARG B C   1 
ATOM   295  C C   B ARG A 1 40  ? -2.056  1.722   -8.911  0.50 23.07 ? 38   ARG B C   1 
ATOM   296  O O   A ARG A 1 40  ? -2.318  0.737   -9.791  0.50 21.78 ? 38   ARG B O   1 
ATOM   297  O O   B ARG A 1 40  ? -2.721  0.827   -9.441  0.50 21.77 ? 38   ARG B O   1 
ATOM   298  C CB  A ARG A 1 40  ? 0.245   0.521   -8.332  0.50 18.00 ? 38   ARG B CB  1 
ATOM   299  C CB  B ARG A 1 40  ? 0.260   1.214   -7.983  0.50 21.42 ? 38   ARG B CB  1 
ATOM   300  C CG  A ARG A 1 40  ? 1.349   1.385   -8.940  0.50 25.56 ? 38   ARG B CG  1 
ATOM   301  C CG  B ARG A 1 40  ? 0.639   1.158   -9.473  0.50 29.77 ? 38   ARG B CG  1 
ATOM   302  C CD  A ARG A 1 40  ? 2.576   0.570   -9.358  0.50 23.21 ? 38   ARG B CD  1 
ATOM   303  C CD  B ARG A 1 40  ? 1.830   0.262   -9.793  0.50 38.95 ? 38   ARG B CD  1 
ATOM   304  N NE  A ARG A 1 40  ? 2.261   -0.491  -10.320 0.50 31.67 ? 38   ARG B NE  1 
ATOM   305  N NE  B ARG A 1 40  ? 3.008   0.601   -9.002  0.50 37.78 ? 38   ARG B NE  1 
ATOM   306  C CZ  A ARG A 1 40  ? 3.066   -1.507  -10.624 0.50 39.67 ? 38   ARG B CZ  1 
ATOM   307  C CZ  B ARG A 1 40  ? 4.209   0.053   -9.155  0.50 38.54 ? 38   ARG B CZ  1 
ATOM   308  N NH1 A ARG A 1 40  ? 4.267   -1.602  -10.064 0.50 26.08 ? 38   ARG B NH1 1 
ATOM   309  N NH1 B ARG A 1 40  ? 4.415   -0.865  -10.094 0.50 28.46 ? 38   ARG B NH1 1 
ATOM   310  N NH2 A ARG A 1 40  ? 2.679   -2.429  -11.498 0.50 19.50 ? 38   ARG B NH2 1 
ATOM   311  N NH2 B ARG A 1 40  ? 5.214   0.423   -8.378  0.50 12.09 ? 38   ARG B NH2 1 
ATOM   312  N N   . GLN A 1 41  ? -2.015  2.959   -9.360  1.00 20.03 ? 39   GLN B N   1 
ATOM   313  C CA  . GLN A 1 41  ? -2.693  3.386   -10.568 1.00 19.72 ? 39   GLN B CA  1 
ATOM   314  C C   . GLN A 1 41  ? -1.835  4.453   -11.270 1.00 27.72 ? 39   GLN B C   1 
ATOM   315  O O   . GLN A 1 41  ? -1.700  5.566   -10.756 1.00 26.93 ? 39   GLN B O   1 
ATOM   316  C CB  . GLN A 1 41  ? -4.121  3.858   -10.273 1.00 21.30 ? 39   GLN B CB  1 
ATOM   317  C CG  . GLN A 1 41  ? -4.906  4.171   -11.561 1.00 25.42 ? 39   GLN B CG  1 
ATOM   318  C CD  . GLN A 1 41  ? -6.399  4.195   -11.358 1.00 47.81 ? 39   GLN B CD  1 
ATOM   319  O OE1 . GLN A 1 41  ? -6.908  4.342   -10.244 1.00 38.99 ? 39   GLN B OE1 1 
ATOM   320  N NE2 . GLN A 1 41  ? -7.139  4.035   -12.449 1.00 50.70 ? 39   GLN B NE2 1 
ATOM   321  N N   . ALA A 1 42  ? -1.178  4.072   -12.380 1.00 28.96 ? 40   ALA B N   1 
ATOM   322  C CA  . ALA A 1 42  ? -0.388  5.011   -13.197 1.00 32.40 ? 40   ALA B CA  1 
ATOM   323  C C   . ALA A 1 42  ? -1.379  5.868   -14.053 1.00 40.45 ? 40   ALA B C   1 
ATOM   324  O O   . ALA A 1 42  ? -2.536  5.451   -14.240 1.00 38.25 ? 40   ALA B O   1 
ATOM   325  C CB  . ALA A 1 42  ? 0.605   4.265   -14.074 1.00 33.37 ? 40   ALA B CB  1 
ATOM   326  N N   . PRO A 1 43  ? -0.979  7.088   -14.522 1.00 41.54 ? 41   PRO B N   1 
ATOM   327  C CA  . PRO A 1 43  ? -1.939  7.982   -15.209 1.00 42.38 ? 41   PRO B CA  1 
ATOM   328  C C   . PRO A 1 43  ? -2.980  7.455   -16.204 1.00 46.92 ? 41   PRO B C   1 
ATOM   329  O O   . PRO A 1 43  ? -4.173  7.728   -16.022 1.00 48.61 ? 41   PRO B O   1 
ATOM   330  C CB  . PRO A 1 43  ? -1.053  9.093   -15.777 1.00 44.10 ? 41   PRO B CB  1 
ATOM   331  C CG  . PRO A 1 43  ? 0.079   9.164   -14.833 1.00 48.30 ? 41   PRO B CG  1 
ATOM   332  C CD  . PRO A 1 43  ? 0.331   7.758   -14.353 1.00 43.92 ? 41   PRO B CD  1 
ATOM   333  N N   . GLY A 1 44  ? -2.553  6.738   -17.236 1.00 41.39 ? 42   GLY B N   1 
ATOM   334  C CA  . GLY A 1 44  ? -3.508  6.223   -18.220 1.00 41.15 ? 42   GLY B CA  1 
ATOM   335  C C   . GLY A 1 44  ? -3.734  4.730   -18.109 1.00 43.76 ? 42   GLY B C   1 
ATOM   336  O O   . GLY A 1 44  ? -4.051  4.072   -19.107 1.00 44.14 ? 42   GLY B O   1 
ATOM   337  N N   . LYS A 1 45  ? -3.569  4.177   -16.886 1.00 36.47 ? 43   LYS B N   1 
ATOM   338  C CA  . LYS A 1 45  ? -3.660  2.744   -16.651 1.00 34.23 ? 43   LYS B CA  1 
ATOM   339  C C   . LYS A 1 45  ? -4.690  2.321   -15.606 1.00 34.24 ? 43   LYS B C   1 
ATOM   340  O O   . LYS A 1 45  ? -5.122  3.119   -14.767 1.00 32.65 ? 43   LYS B O   1 
ATOM   341  C CB  . LYS A 1 45  ? -2.273  2.183   -16.300 1.00 37.47 ? 43   LYS B CB  1 
ATOM   342  C CG  . LYS A 1 45  ? -1.231  2.328   -17.407 1.00 50.52 ? 43   LYS B CG  1 
ATOM   343  C CD  . LYS A 1 45  ? 0.102   1.723   -16.997 1.00 59.40 ? 43   LYS B CD  1 
ATOM   344  C CE  . LYS A 1 45  ? 1.101   1.699   -18.130 1.00 72.13 ? 43   LYS B CE  1 
ATOM   345  N NZ  . LYS A 1 45  ? 1.676   3.045   -18.399 1.00 81.22 ? 43   LYS B NZ  1 
ATOM   346  N N   . ALA A 1 46  ? -5.089  1.034   -15.661 1.00 27.83 ? 44   ALA B N   1 
ATOM   347  C CA  . ALA A 1 46  ? -6.028  0.481   -14.695 1.00 25.33 ? 44   ALA B CA  1 
ATOM   348  C C   . ALA A 1 46  ? -5.305  0.314   -13.348 1.00 24.71 ? 44   ALA B C   1 
ATOM   349  O O   . ALA A 1 46  ? -4.094  0.105   -13.323 1.00 24.65 ? 44   ALA B O   1 
ATOM   350  C CB  . ALA A 1 46  ? -6.529  -0.874  -15.182 1.00 25.63 ? 44   ALA B CB  1 
ATOM   351  N N   . ARG A 1 47  ? -6.056  0.396   -12.252 1.00 21.11 ? 45   ARG B N   1 
ATOM   352  C CA  . ARG A 1 47  ? -5.559  0.192   -10.889 1.00 20.86 ? 45   ARG B CA  1 
ATOM   353  C C   . ARG A 1 47  ? -5.213  -1.303  -10.759 1.00 24.26 ? 45   ARG B C   1 
ATOM   354  O O   . ARG A 1 47  ? -5.965  -2.166  -11.239 1.00 23.70 ? 45   ARG B O   1 
ATOM   355  C CB  . ARG A 1 47  ? -6.668  0.530   -9.894  1.00 22.39 ? 45   ARG B CB  1 
ATOM   356  C CG  . ARG A 1 47  ? -6.244  0.568   -8.445  1.00 25.41 ? 45   ARG B CG  1 
ATOM   357  C CD  . ARG A 1 47  ? -7.378  1.016   -7.551  1.00 26.66 ? 45   ARG B CD  1 
ATOM   358  N NE  . ARG A 1 47  ? -7.855  2.358   -7.907  1.00 27.47 ? 45   ARG B NE  1 
ATOM   359  C CZ  . ARG A 1 47  ? -8.556  3.144   -7.100  1.00 25.02 ? 45   ARG B CZ  1 
ATOM   360  N NH1 . ARG A 1 47  ? -8.845  2.749   -5.865  1.00 21.60 ? 45   ARG B NH1 1 
ATOM   361  N NH2 . ARG A 1 47  ? -8.996  4.323   -7.527  1.00 26.78 ? 45   ARG B NH2 1 
ATOM   362  N N   . GLU A 1 48  ? -4.243  -1.565  -10.052 1.00 21.53 ? 46   GLU B N   1 
ATOM   363  C CA  . GLU A 1 48  ? -3.756  -2.907  -10.003 1.00 21.13 ? 46   GLU B CA  1 
ATOM   364  C C   . GLU A 1 48  ? -3.187  -3.242  -8.599  1.00 22.16 ? 46   GLU B C   1 
ATOM   365  O O   . GLU A 1 48  ? -2.578  -2.414  -8.016  1.00 19.76 ? 46   GLU B O   1 
ATOM   366  C CB  . GLU A 1 48  ? -2.652  -2.972  -11.005 1.00 23.44 ? 46   GLU B CB  1 
ATOM   367  C CG  . GLU A 1 48  ? -2.090  -4.219  -11.154 1.00 40.57 ? 46   GLU B CG  1 
ATOM   368  C CD  . GLU A 1 48  ? -1.017  -4.236  -12.209 1.00 58.14 ? 46   GLU B CD  1 
ATOM   369  O OE1 . GLU A 1 48  ? -0.761  -3.195  -12.748 1.00 62.93 ? 46   GLU B OE1 1 
ATOM   370  O OE2 . GLU A 1 48  ? -0.424  -5.275  -12.450 1.00 53.80 ? 46   GLU B OE2 1 
ATOM   371  N N   . LEU A 1 49  ? -3.404  -4.435  -8.006  1.00 19.23 ? 47   LEU B N   1 
ATOM   372  C CA  . LEU A 1 49  ? -2.907  -4.780  -6.670  1.00 18.45 ? 47   LEU B CA  1 
ATOM   373  C C   . LEU A 1 49  ? -1.403  -5.043  -6.809  1.00 22.24 ? 47   LEU B C   1 
ATOM   374  O O   . LEU A 1 49  ? -0.999  -5.761  -7.728  1.00 22.00 ? 47   LEU B O   1 
ATOM   375  C CB  . LEU A 1 49  ? -3.618  -6.043  -6.138  1.00 18.12 ? 47   LEU B CB  1 
ATOM   376  C CG  . LEU A 1 49  ? -3.160  -6.474  -4.724  1.00 21.17 ? 47   LEU B CG  1 
ATOM   377  C CD1 . LEU A 1 49  ? -4.351  -6.937  -3.901  1.00 20.74 ? 47   LEU B CD1 1 
ATOM   378  C CD2 . LEU A 1 49  ? -2.090  -7.579  -4.806  1.00 22.36 ? 47   LEU B CD2 1 
ATOM   379  N N   . ILE A 1 50  ? -0.571  -4.475  -5.889  1.00 19.35 ? 48   ILE B N   1 
ATOM   380  C CA  . ILE A 1 50  ? 0.885   -4.714  -5.929  1.00 18.79 ? 48   ILE B CA  1 
ATOM   381  C C   . ILE A 1 50  ? 1.428   -5.470  -4.728  1.00 18.86 ? 48   ILE B C   1 
ATOM   382  O O   . ILE A 1 50  ? 2.500   -6.051  -4.813  1.00 18.57 ? 48   ILE B O   1 
ATOM   383  C CB  . ILE A 1 50  ? 1.700   -3.406  -6.184  1.00 22.40 ? 48   ILE B CB  1 
ATOM   384  C CG1 . ILE A 1 50  ? 1.386   -2.342  -5.088  1.00 22.90 ? 48   ILE B CG1 1 
ATOM   385  C CG2 . ILE A 1 50  ? 1.410   -2.904  -7.627  1.00 24.48 ? 48   ILE B CG2 1 
ATOM   386  C CD1 . ILE A 1 50  ? 2.380   -1.184  -4.971  1.00 24.98 ? 48   ILE B CD1 1 
ATOM   387  N N   . ALA A 1 51  ? 0.738   -5.416  -3.590  1.00 17.01 ? 49   ALA B N   1 
ATOM   388  C CA  . ALA A 1 51  ? 1.203   -6.083  -2.364  1.00 16.98 ? 49   ALA B CA  1 
ATOM   389  C C   . ALA A 1 51  ? 0.020   -6.378  -1.492  1.00 19.69 ? 49   ALA B C   1 
ATOM   390  O O   . ALA A 1 51  ? -0.864  -5.554  -1.387  1.00 18.80 ? 49   ALA B O   1 
ATOM   391  C CB  . ALA A 1 51  ? 2.177   -5.172  -1.606  1.00 18.01 ? 49   ALA B CB  1 
ATOM   392  N N   . ALA A 1 52  ? 0.021   -7.509  -0.804  1.00 18.11 ? 50   ALA B N   1 
ATOM   393  C CA  . ALA A 1 52  ? -1.070  -7.841  0.095   1.00 17.37 ? 50   ALA B CA  1 
ATOM   394  C C   . ALA A 1 52  ? -0.610  -8.747  1.201   1.00 19.28 ? 50   ALA B C   1 
ATOM   395  O O   . ALA A 1 52  ? 0.317   -9.522  1.033   1.00 19.65 ? 50   ALA B O   1 
ATOM   396  C CB  . ALA A 1 52  ? -2.212  -8.518  -0.674  1.00 18.82 ? 50   ALA B CB  1 
ATOM   397  N N   . ILE A 1 53  ? -1.286  -8.651  2.311   1.00 17.25 ? 51   ILE B N   1 
ATOM   398  C CA  . ILE A 1 53  ? -1.190  -9.586  3.398   1.00 17.00 ? 51   ILE B CA  1 
ATOM   399  C C   . ILE A 1 53  ? -2.493  -10.383 3.326   1.00 22.62 ? 51   ILE B C   1 
ATOM   400  O O   . ILE A 1 53  ? -3.532  -9.844  3.176   1.00 21.21 ? 51   ILE B O   1 
ATOM   401  C CB  . ILE A 1 53  ? -1.076  -8.904  4.789   1.00 19.93 ? 51   ILE B CB  1 
ATOM   402  C CG1 . ILE A 1 53  ? 0.114   -7.972  4.845   1.00 20.77 ? 51   ILE B CG1 1 
ATOM   403  C CG2 . ILE A 1 53  ? -0.889  -9.914  5.839   1.00 20.73 ? 51   ILE B CG2 1 
ATOM   404  C CD1 . ILE A 1 53  ? 0.171   -7.095  6.040   1.00 23.46 ? 51   ILE B CD1 1 
ATOM   405  N N   . ARG A 1 54  ? -2.355  -11.744 3.455   1.00 20.66 ? 52   ARG B N   1 
ATOM   406  C CA  . ARG A 1 54  ? -3.529  -12.572 3.381   1.00 22.19 ? 52   ARG B CA  1 
ATOM   407  C C   . ARG A 1 54  ? -3.950  -12.809 4.933   1.00 29.94 ? 52   ARG B C   1 
ATOM   408  O O   . ARG A 1 54  ? -3.160  -13.393 5.648   1.00 30.69 ? 52   ARG B O   1 
ATOM   409  C CB  . ARG A 1 54  ? -3.163  -13.855 2.746   1.00 20.97 ? 52   ARG B CB  1 
ATOM   410  C CG  . ARG A 1 54  ? -3.532  -15.016 3.599   1.00 21.86 ? 52   ARG B CG  1 
ATOM   411  C CD  . ARG A 1 54  ? -4.599  -15.905 3.056   1.00 37.05 ? 52   ARG B CD  1 
ATOM   412  N NE  . ARG A 1 54  ? -4.114  -16.917 2.159   1.00 51.62 ? 52   ARG B NE  1 
ATOM   413  C CZ  . ARG A 1 54  ? -4.172  -18.195 2.390   1.00 68.74 ? 52   ARG B CZ  1 
ATOM   414  N NH1 . ARG A 1 54  ? -4.650  -18.689 3.600   1.00 57.42 ? 52   ARG B NH1 1 
ATOM   415  N NH2 . ARG A 1 54  ? -3.766  -19.109 1.498   1.00 57.48 ? 52   ARG B NH2 1 
ATOM   416  N N   . GLY A 1 55  A -5.265  -12.136 5.034   1.00 28.29 ? 52   GLY B N   1 
ATOM   417  C CA  . GLY A 1 55  A -5.935  -12.244 6.317   1.00 29.93 ? 52   GLY B CA  1 
ATOM   418  C C   . GLY A 1 55  A -6.037  -13.677 6.800   1.00 36.96 ? 52   GLY B C   1 
ATOM   419  O O   . GLY A 1 55  A -6.758  -14.488 6.219   1.00 37.61 ? 52   GLY B O   1 
ATOM   420  N N   . GLY A 1 56  ? -5.310  -13.991 7.867   1.00 34.99 ? 53   GLY B N   1 
ATOM   421  C CA  . GLY A 1 56  ? -5.317  -15.328 8.429   1.00 37.09 ? 53   GLY B CA  1 
ATOM   422  C C   . GLY A 1 56  ? -3.927  -15.811 8.793   1.00 44.60 ? 53   GLY B C   1 
ATOM   423  O O   . GLY A 1 56  ? -3.481  -15.649 9.928   1.00 47.65 ? 53   GLY B O   1 
ATOM   424  N N   . ASP A 1 57  ? -3.241  -16.408 7.824   1.00 39.04 ? 54   ASP B N   1 
ATOM   425  C CA  . ASP A 1 57  ? -1.870  -16.927 8.046   1.00 36.14 ? 54   ASP B CA  1 
ATOM   426  C C   . ASP A 1 57  ? -0.795  -15.875 7.985   1.00 35.55 ? 54   ASP B C   1 
ATOM   427  O O   . ASP A 1 57  ? 0.346   -16.133 8.185   1.00 33.46 ? 54   ASP B O   1 
ATOM   428  C CB  . ASP A 1 57  ? -1.502  -18.147 7.212   1.00 37.13 ? 54   ASP B CB  1 
ATOM   429  C CG  . ASP A 1 57  ? -1.258  -17.854 5.764   1.00 41.85 ? 54   ASP B CG  1 
ATOM   430  O OD1 . ASP A 1 57  ? -1.556  -16.781 5.254   1.00 38.46 ? 54   ASP B OD1 1 
ATOM   431  O OD2 . ASP A 1 57  ? -0.754  -18.753 5.115   1.00 49.12 ? 54   ASP B OD2 1 
ATOM   432  N N   . MET A 1 58  ? -1.212  -14.654 7.728   1.00 30.24 ? 55   MET B N   1 
ATOM   433  C CA  A MET A 1 58  ? -0.310  -13.562 7.590   0.50 28.98 ? 55   MET B CA  1 
ATOM   434  C CA  B MET A 1 58  ? -0.303  -13.535 7.627   0.50 29.76 ? 55   MET B CA  1 
ATOM   435  C C   . MET A 1 58  ? 0.799   -13.628 6.540   1.00 31.15 ? 55   MET B C   1 
ATOM   436  O O   . MET A 1 58  ? 1.808   -13.011 6.627   1.00 31.32 ? 55   MET B O   1 
ATOM   437  C CB  A MET A 1 58  ? 0.254   -13.235 8.959   0.50 31.12 ? 55   MET B CB  1 
ATOM   438  C CB  B MET A 1 58  ? 0.278   -13.180 9.008   0.50 32.50 ? 55   MET B CB  1 
ATOM   439  C CG  A MET A 1 58  ? -0.763  -12.546 9.863   0.50 34.23 ? 55   MET B CG  1 
ATOM   440  C CG  B MET A 1 58  ? -0.264  -11.850 9.702   0.50 36.44 ? 55   MET B CG  1 
ATOM   441  S SD  A MET A 1 58  ? -0.055  -11.097 10.639  0.50 36.33 ? 55   MET B SD  1 
ATOM   442  S SD  B MET A 1 58  ? -2.033  -11.598 9.519   0.50 40.07 ? 55   MET B SD  1 
ATOM   443  C CE  A MET A 1 58  ? 1.046   -11.774 11.860  0.50 31.92 ? 55   MET B CE  1 
ATOM   444  C CE  B MET A 1 58  ? -2.353  -11.797 7.814   0.50 36.94 ? 55   MET B CE  1 
ATOM   445  N N   . SER A 1 59  ? 0.559   -14.412 5.506   1.00 24.95 ? 56   SER B N   1 
ATOM   446  C CA  . SER A 1 59  ? 1.538   -14.547 4.432   1.00 23.19 ? 56   SER B CA  1 
ATOM   447  C C   . SER A 1 59  ? 1.369   -13.355 3.491   1.00 23.98 ? 56   SER B C   1 
ATOM   448  O O   . SER A 1 59  ? 0.327   -12.717 3.482   1.00 23.92 ? 56   SER B O   1 
ATOM   449  C CB  . SER A 1 59  ? 1.363   -15.858 3.679   1.00 26.07 ? 56   SER B CB  1 
ATOM   450  O OG  . SER A 1 59  ? 0.018   -15.998 3.270   1.00 29.03 ? 56   SER B OG  1 
ATOM   451  N N   . THR A 1 60  ? 2.397   -13.055 2.738   1.00 20.27 ? 57   THR B N   1 
ATOM   452  C CA  . THR A 1 60  ? 2.358   -11.915 1.829   1.00 19.91 ? 57   THR B CA  1 
ATOM   453  C C   . THR A 1 60  ? 2.421   -12.351 0.384   1.00 24.61 ? 57   THR B C   1 
ATOM   454  O O   . THR A 1 60  ? 2.873   -13.449 0.060   1.00 24.01 ? 57   THR B O   1 
ATOM   455  C CB  . THR A 1 60  ? 3.515   -10.964 2.146   1.00 24.73 ? 57   THR B CB  1 
ATOM   456  O OG1 . THR A 1 60  ? 4.741   -11.688 2.039   1.00 26.34 ? 57   THR B OG1 1 
ATOM   457  C CG2 . THR A 1 60  ? 3.390   -10.338 3.529   1.00 25.44 ? 57   THR B CG2 1 
ATOM   458  N N   . VAL A 1 61  ? 2.023   -11.442 -0.491  1.00 21.13 ? 58   VAL B N   1 
ATOM   459  C CA  . VAL A 1 61  ? 2.147   -11.630 -1.918  1.00 22.47 ? 58   VAL B CA  1 
ATOM   460  C C   . VAL A 1 61  ? 2.517   -10.287 -2.511  1.00 23.28 ? 58   VAL B C   1 
ATOM   461  O O   . VAL A 1 61  ? 2.019   -9.247  -2.063  1.00 22.35 ? 58   VAL B O   1 
ATOM   462  C CB  . VAL A 1 61  ? 0.952   -12.312 -2.606  1.00 28.65 ? 58   VAL B CB  1 
ATOM   463  C CG1 . VAL A 1 61  ? -0.291  -11.436 -2.598  1.00 28.80 ? 58   VAL B CG1 1 
ATOM   464  C CG2 . VAL A 1 61  ? 1.318   -12.752 -4.031  1.00 29.26 ? 58   VAL B CG2 1 
ATOM   465  N N   . TYR A 1 62  ? 3.408   -10.318 -3.486  1.00 19.53 ? 59   TYR B N   1 
ATOM   466  C CA  . TYR A 1 62  ? 3.869   -9.129  -4.186  1.00 19.18 ? 59   TYR B CA  1 
ATOM   467  C C   . TYR A 1 62  ? 3.790   -9.342  -5.666  1.00 23.62 ? 59   TYR B C   1 
ATOM   468  O O   . TYR A 1 62  ? 4.202   -10.391 -6.152  1.00 21.75 ? 59   TYR B O   1 
ATOM   469  C CB  . TYR A 1 62  ? 5.324   -8.823  -3.815  1.00 21.31 ? 59   TYR B CB  1 
ATOM   470  C CG  . TYR A 1 62  ? 5.500   -8.509  -2.348  1.00 20.67 ? 59   TYR B CG  1 
ATOM   471  C CD1 . TYR A 1 62  ? 5.294   -7.225  -1.865  1.00 21.89 ? 59   TYR B CD1 1 
ATOM   472  C CD2 . TYR A 1 62  ? 5.918   -9.492  -1.449  1.00 21.47 ? 59   TYR B CD2 1 
ATOM   473  C CE1 . TYR A 1 62  ? 5.426   -6.930  -0.513  1.00 20.91 ? 59   TYR B CE1 1 
ATOM   474  C CE2 . TYR A 1 62  ? 6.082   -9.204  -0.090  1.00 21.88 ? 59   TYR B CE2 1 
ATOM   475  C CZ  . TYR A 1 62  ? 5.828   -7.921  0.374   1.00 22.85 ? 59   TYR B CZ  1 
ATOM   476  O OH  . TYR A 1 62  ? 6.048   -7.586  1.696   1.00 18.78 ? 59   TYR B OH  1 
ATOM   477  N N   . ASP A 1 63  ? 3.369   -8.307  -6.398  1.00 21.50 ? 60   ASP B N   1 
ATOM   478  C CA  . ASP A 1 63  ? 3.381   -8.411  -7.857  1.00 19.72 ? 60   ASP B CA  1 
ATOM   479  C C   . ASP A 1 63  ? 4.849   -8.458  -8.275  1.00 22.53 ? 60   ASP B C   1 
ATOM   480  O O   . ASP A 1 63  ? 5.682   -7.876  -7.584  1.00 21.50 ? 60   ASP B O   1 
ATOM   481  C CB  . ASP A 1 63  ? 2.708   -7.198  -8.473  1.00 20.40 ? 60   ASP B CB  1 
ATOM   482  C CG  . ASP A 1 63  ? 2.572   -7.361  -9.973  1.00 26.37 ? 60   ASP B CG  1 
ATOM   483  O OD1 . ASP A 1 63  ? 1.699   -8.154  -10.406 1.00 25.35 ? 60   ASP B OD1 1 
ATOM   484  O OD2 . ASP A 1 63  ? 3.387   -6.764  -10.703 1.00 24.08 ? 60   ASP B OD2 1 
ATOM   485  N N   . ASP A 1 64  ? 5.179   -9.177  -9.376  1.00 21.47 ? 61   ASP B N   1 
ATOM   486  C CA  . ASP A 1 64  ? 6.575   -9.254  -9.856  1.00 21.79 ? 61   ASP B CA  1 
ATOM   487  C C   . ASP A 1 64  ? 7.227   -7.877  -9.967  1.00 25.78 ? 61   ASP B C   1 
ATOM   488  O O   . ASP A 1 64  ? 8.424   -7.770  -9.756  1.00 26.93 ? 61   ASP B O   1 
ATOM   489  C CB  . ASP A 1 64  ? 6.634   -9.872  -11.274 1.00 23.00 ? 61   ASP B CB  1 
ATOM   490  C CG  . ASP A 1 64  ? 6.183   -11.311 -11.407 1.00 29.65 ? 61   ASP B CG  1 
ATOM   491  O OD1 . ASP A 1 64  ? 5.645   -11.853 -10.432 1.00 28.20 ? 61   ASP B OD1 1 
ATOM   492  O OD2 . ASP A 1 64  ? 6.242   -11.851 -12.537 1.00 35.73 ? 61   ASP B OD2 1 
ATOM   493  N N   . SER A 1 65  ? 6.466   -6.844  -10.386 1.00 23.21 ? 62   SER B N   1 
ATOM   494  C CA  . SER A 1 65  ? 7.018   -5.505  -10.615 1.00 22.03 ? 62   SER B CA  1 
ATOM   495  C C   . SER A 1 65  ? 7.627   -4.855  -9.370  1.00 25.42 ? 62   SER B C   1 
ATOM   496  O O   . SER A 1 65  ? 8.453   -3.956  -9.513  1.00 26.61 ? 62   SER B O   1 
ATOM   497  C CB  . SER A 1 65  ? 5.971   -4.572  -11.220 1.00 23.66 ? 62   SER B CB  1 
ATOM   498  O OG  . SER A 1 65  ? 4.843   -4.404  -10.381 1.00 26.52 ? 62   SER B OG  1 
ATOM   499  N N   . VAL A 1 66  ? 7.207   -5.288  -8.167  1.00 21.03 ? 63   VAL B N   1 
ATOM   500  C CA  . VAL A 1 66  ? 7.685   -4.664  -6.917  1.00 20.98 ? 63   VAL B CA  1 
ATOM   501  C C   . VAL A 1 66  ? 8.371   -5.653  -5.957  1.00 24.54 ? 63   VAL B C   1 
ATOM   502  O O   . VAL A 1 66  ? 8.922   -5.219  -4.952  1.00 22.62 ? 63   VAL B O   1 
ATOM   503  C CB  . VAL A 1 66  ? 6.546   -3.890  -6.203  1.00 23.51 ? 63   VAL B CB  1 
ATOM   504  C CG1 . VAL A 1 66  ? 5.850   -2.884  -7.139  1.00 22.86 ? 63   VAL B CG1 1 
ATOM   505  C CG2 . VAL A 1 66  ? 5.531   -4.834  -5.551  1.00 22.73 ? 63   VAL B CG2 1 
ATOM   506  N N   . LYS A 1 67  ? 8.286   -6.943  -6.214  1.00 21.97 ? 64   LYS B N   1 
ATOM   507  C CA  . LYS A 1 67  ? 8.841   -7.905  -5.300  1.00 22.92 ? 64   LYS B CA  1 
ATOM   508  C C   . LYS A 1 67  ? 10.340  -7.671  -5.066  1.00 28.19 ? 64   LYS B C   1 
ATOM   509  O O   . LYS A 1 67  ? 11.044  -7.376  -5.984  1.00 27.75 ? 64   LYS B O   1 
ATOM   510  C CB  . LYS A 1 67  ? 8.561   -9.322  -5.785  1.00 26.34 ? 64   LYS B CB  1 
ATOM   511  C CG  . LYS A 1 67  ? 8.835   -10.429 -4.794  1.00 36.27 ? 64   LYS B CG  1 
ATOM   512  C CD  . LYS A 1 67  ? 8.461   -11.725 -5.418  1.00 43.51 ? 64   LYS B CD  1 
ATOM   513  C CE  . LYS A 1 67  ? 8.698   -12.884 -4.524  1.00 49.62 ? 64   LYS B CE  1 
ATOM   514  N NZ  . LYS A 1 67  ? 8.257   -12.521 -3.220  1.00 61.85 ? 64   LYS B NZ  1 
ATOM   515  N N   . GLY A 1 68  ? 10.780  -7.800  -3.822  1.00 25.88 ? 65   GLY B N   1 
ATOM   516  C CA  . GLY A 1 68  ? 12.172  -7.563  -3.437  1.00 25.28 ? 65   GLY B CA  1 
ATOM   517  C C   . GLY A 1 68  ? 12.525  -6.096  -3.193  1.00 28.03 ? 65   GLY B C   1 
ATOM   518  O O   . GLY A 1 68  ? 13.597  -5.809  -2.658  1.00 29.59 ? 65   GLY B O   1 
ATOM   519  N N   . ARG A 1 69  ? 11.636  -5.148  -3.576  1.00 21.50 ? 66   ARG B N   1 
ATOM   520  C CA  . ARG A 1 69  ? 11.870  -3.709  -3.388  1.00 19.42 ? 66   ARG B CA  1 
ATOM   521  C C   . ARG A 1 69  ? 10.866  -3.132  -2.388  1.00 22.53 ? 66   ARG B C   1 
ATOM   522  O O   . ARG A 1 69  ? 11.211  -2.239  -1.614  1.00 23.36 ? 66   ARG B O   1 
ATOM   523  C CB  . ARG A 1 69  ? 11.750  -2.940  -4.735  1.00 20.55 ? 66   ARG B CB  1 
ATOM   524  C CG  . ARG A 1 69  ? 12.767  -3.402  -5.809  1.00 24.16 ? 66   ARG B CG  1 
ATOM   525  C CD  . ARG A 1 69  ? 12.741  -2.527  -7.063  1.00 26.17 ? 66   ARG B CD  1 
ATOM   526  N NE  . ARG A 1 69  ? 11.432  -2.520  -7.729  1.00 25.27 ? 66   ARG B NE  1 
ATOM   527  C CZ  . ARG A 1 69  ? 10.672  -1.438  -7.884  1.00 30.17 ? 66   ARG B CZ  1 
ATOM   528  N NH1 . ARG A 1 69  ? 11.067  -0.262  -7.420  1.00 24.53 ? 66   ARG B NH1 1 
ATOM   529  N NH2 . ARG A 1 69  ? 9.499   -1.531  -8.502  1.00 25.66 ? 66   ARG B NH2 1 
ATOM   530  N N   . PHE A 1 70  ? 9.612   -3.600  -2.446  1.00 18.61 ? 67   PHE B N   1 
ATOM   531  C CA  . PHE A 1 70  ? 8.550   -3.122  -1.551  1.00 18.21 ? 67   PHE B CA  1 
ATOM   532  C C   . PHE A 1 70  ? 8.212   -4.152  -0.498  1.00 22.68 ? 67   PHE B C   1 
ATOM   533  O O   . PHE A 1 70  ? 8.272   -5.362  -0.756  1.00 22.85 ? 67   PHE B O   1 
ATOM   534  C CB  . PHE A 1 70  ? 7.270   -2.778  -2.324  1.00 19.16 ? 67   PHE B CB  1 
ATOM   535  C CG  . PHE A 1 70  ? 7.295   -1.630  -3.311  1.00 19.84 ? 67   PHE B CG  1 
ATOM   536  C CD1 . PHE A 1 70  ? 8.496   -1.025  -3.684  1.00 20.90 ? 67   PHE B CD1 1 
ATOM   537  C CD2 . PHE A 1 70  ? 6.117   -1.180  -3.905  1.00 20.70 ? 67   PHE B CD2 1 
ATOM   538  C CE1 . PHE A 1 70  ? 8.507   0.016   -4.624  1.00 21.61 ? 67   PHE B CE1 1 
ATOM   539  C CE2 . PHE A 1 70  ? 6.133   -0.138  -4.836  1.00 22.85 ? 67   PHE B CE2 1 
ATOM   540  C CZ  . PHE A 1 70  ? 7.329   0.431   -5.207  1.00 22.13 ? 67   PHE B CZ  1 
ATOM   541  N N   . THR A 1 71  ? 7.814   -3.668  0.685   1.00 17.72 ? 68   THR B N   1 
ATOM   542  C CA  . THR A 1 71  ? 7.446   -4.540  1.805   1.00 17.20 ? 68   THR B CA  1 
ATOM   543  C C   . THR A 1 71  ? 6.173   -4.041  2.455   1.00 19.85 ? 68   THR B C   1 
ATOM   544  O O   . THR A 1 71  ? 6.072   -2.857  2.791   1.00 21.03 ? 68   THR B O   1 
ATOM   545  C CB  . THR A 1 71  ? 8.584   -4.587  2.868   1.00 25.23 ? 68   THR B CB  1 
ATOM   546  O OG1 . THR A 1 71  ? 9.818   -4.936  2.223   1.00 26.53 ? 68   THR B OG1 1 
ATOM   547  C CG2 . THR A 1 71  ? 8.286   -5.610  3.988   1.00 24.34 ? 68   THR B CG2 1 
ATOM   548  N N   . ILE A 1 72  ? 5.215   -4.948  2.656   1.00 15.89 ? 69   ILE B N   1 
ATOM   549  C CA  . ILE A 1 72  ? 3.947   -4.615  3.299   1.00 14.90 ? 69   ILE B CA  1 
ATOM   550  C C   . ILE A 1 72  ? 4.008   -5.146  4.744   1.00 18.86 ? 69   ILE B C   1 
ATOM   551  O O   . ILE A 1 72  ? 4.503   -6.252  4.969   1.00 19.31 ? 69   ILE B O   1 
ATOM   552  C CB  . ILE A 1 72  ? 2.756   -5.173  2.480   1.00 18.04 ? 69   ILE B CB  1 
ATOM   553  C CG1 . ILE A 1 72  ? 1.423   -4.644  3.039   1.00 17.66 ? 69   ILE B CG1 1 
ATOM   554  C CG2 . ILE A 1 72  ? 2.783   -6.738  2.386   1.00 17.76 ? 69   ILE B CG2 1 
ATOM   555  C CD1 . ILE A 1 72  ? 0.181   -5.003  2.150   1.00 19.06 ? 69   ILE B CD1 1 
ATOM   556  N N   . THR A 1 73  ? 3.574   -4.325  5.714   1.00 17.55 ? 70   THR B N   1 
ATOM   557  C CA  . THR A 1 73  ? 3.577   -4.676  7.146   1.00 17.05 ? 70   THR B CA  1 
ATOM   558  C C   . THR A 1 73  ? 2.309   -4.122  7.778   1.00 20.31 ? 70   THR B C   1 
ATOM   559  O O   . THR A 1 73  ? 1.606   -3.311  7.160   1.00 19.52 ? 70   THR B O   1 
ATOM   560  C CB  . THR A 1 73  ? 4.842   -4.107  7.835   1.00 20.97 ? 70   THR B CB  1 
ATOM   561  O OG1 . THR A 1 73  ? 4.945   -2.698  7.576   1.00 21.14 ? 70   THR B OG1 1 
ATOM   562  C CG2 . THR A 1 73  ? 6.135   -4.837  7.395   1.00 18.92 ? 70   THR B CG2 1 
ATOM   563  N N   . ARG A 1 74  ? 2.014   -4.535  9.007   1.00 18.51 ? 71   ARG B N   1 
ATOM   564  C CA  . ARG A 1 74  ? 0.792   -4.098  9.678   1.00 18.35 ? 71   ARG B CA  1 
ATOM   565  C C   . ARG A 1 74  ? 0.992   -4.152  11.169  1.00 22.64 ? 71   ARG B C   1 
ATOM   566  O O   . ARG A 1 74  ? 1.519   -5.138  11.689  1.00 22.60 ? 71   ARG B O   1 
ATOM   567  C CB  . ARG A 1 74  ? -0.386  -5.002  9.274   1.00 19.31 ? 71   ARG B CB  1 
ATOM   568  C CG  . ARG A 1 74  ? -1.759  -4.459  9.698   1.00 20.96 ? 71   ARG B CG  1 
ATOM   569  C CD  . ARG A 1 74  ? -2.841  -5.523  9.553   1.00 21.19 ? 71   ARG B CD  1 
ATOM   570  N NE  . ARG A 1 74  ? -2.760  -6.569  10.588  1.00 22.05 ? 71   ARG B NE  1 
ATOM   571  C CZ  . ARG A 1 74  ? -2.304  -7.805  10.403  1.00 30.48 ? 71   ARG B CZ  1 
ATOM   572  N NH1 . ARG A 1 74  ? -1.954  -8.220  9.193   1.00 24.59 ? 71   ARG B NH1 1 
ATOM   573  N NH2 . ARG A 1 74  ? -2.255  -8.659  11.420  1.00 27.94 ? 71   ARG B NH2 1 
ATOM   574  N N   . ASP A 1 75  ? 0.584   -3.084  11.844  1.00 19.39 ? 72   ASP B N   1 
ATOM   575  C CA  . ASP A 1 75  ? 0.695   -2.959  13.295  1.00 18.70 ? 72   ASP B CA  1 
ATOM   576  C C   . ASP A 1 75  ? -0.706  -2.932  13.865  1.00 22.24 ? 72   ASP B C   1 
ATOM   577  O O   . ASP A 1 75  ? -1.441  -1.973  13.631  1.00 21.91 ? 72   ASP B O   1 
ATOM   578  C CB  . ASP A 1 75  ? 1.506   -1.709  13.661  1.00 19.54 ? 72   ASP B CB  1 
ATOM   579  C CG  . ASP A 1 75  ? 1.692   -1.477  15.162  1.00 24.81 ? 72   ASP B CG  1 
ATOM   580  O OD1 . ASP A 1 75  ? 0.938   -2.076  15.954  1.00 26.98 ? 72   ASP B OD1 1 
ATOM   581  O OD2 . ASP A 1 75  ? 2.560   -0.673  15.528  1.00 25.54 ? 72   ASP B OD2 1 
ATOM   582  N N   . ASP A 1 76  ? -1.098  -4.010  14.576  1.00 20.41 ? 73   ASP B N   1 
ATOM   583  C CA  . ASP A 1 76  ? -2.446  -4.133  15.142  1.00 20.22 ? 73   ASP B CA  1 
ATOM   584  C C   . ASP A 1 76  ? -2.657  -3.355  16.443  1.00 25.71 ? 73   ASP B C   1 
ATOM   585  O O   . ASP A 1 76  ? -3.795  -3.243  16.899  1.00 26.34 ? 73   ASP B O   1 
ATOM   586  C CB  . ASP A 1 76  ? -2.868  -5.587  15.292  1.00 21.88 ? 73   ASP B CB  1 
ATOM   587  C CG  . ASP A 1 76  ? -2.991  -6.295  13.948  1.00 25.06 ? 73   ASP B CG  1 
ATOM   588  O OD1 . ASP A 1 76  ? -3.473  -5.656  12.973  1.00 24.33 ? 73   ASP B OD1 1 
ATOM   589  O OD2 . ASP A 1 76  ? -2.598  -7.471  13.868  1.00 27.03 ? 73   ASP B OD2 1 
ATOM   590  N N   . ASP A 1 77  ? -1.581  -2.818  17.022  1.00 21.82 ? 74   ASP B N   1 
ATOM   591  C CA  . ASP A 1 77  ? -1.673  -1.952  18.210  1.00 21.54 ? 74   ASP B CA  1 
ATOM   592  C C   . ASP A 1 77  ? -2.205  -0.599  17.691  1.00 26.86 ? 74   ASP B C   1 
ATOM   593  O O   . ASP A 1 77  ? -3.182  -0.065  18.214  1.00 29.40 ? 74   ASP B O   1 
ATOM   594  C CB  . ASP A 1 77  ? -0.280  -1.766  18.869  1.00 22.69 ? 74   ASP B CB  1 
ATOM   595  C CG  . ASP A 1 77  ? -0.139  -0.554  19.792  1.00 33.38 ? 74   ASP B CG  1 
ATOM   596  O OD1 . ASP A 1 77  ? -1.128  -0.209  20.480  1.00 40.51 ? 74   ASP B OD1 1 
ATOM   597  O OD2 . ASP A 1 77  ? 0.930   0.100   19.758  1.00 34.09 ? 74   ASP B OD2 1 
ATOM   598  N N   . LYS A 1 78  ? -1.562  -0.059  16.659  1.00 21.81 ? 75   LYS B N   1 
ATOM   599  C CA  . LYS A 1 78  ? -1.927  1.233   16.076  1.00 22.51 ? 75   LYS B CA  1 
ATOM   600  C C   . LYS A 1 78  ? -3.006  1.117   14.993  1.00 24.59 ? 75   LYS B C   1 
ATOM   601  O O   . LYS A 1 78  ? -3.615  2.136   14.644  1.00 23.44 ? 75   LYS B O   1 
ATOM   602  C CB  . LYS A 1 78  ? -0.680  1.902   15.479  1.00 24.74 ? 75   LYS B CB  1 
ATOM   603  C CG  . LYS A 1 78  ? 0.383   2.255   16.520  1.00 30.41 ? 75   LYS B CG  1 
ATOM   604  C CD  . LYS A 1 78  ? 1.708   2.641   15.873  1.00 32.31 ? 75   LYS B CD  1 
ATOM   605  C CE  . LYS A 1 78  ? 2.710   3.077   16.910  1.00 38.89 ? 75   LYS B CE  1 
ATOM   606  N NZ  . LYS A 1 78  ? 3.983   3.501   16.274  1.00 50.74 ? 75   LYS B NZ  1 
ATOM   607  N N   . ASN A 1 79  ? -3.249  -0.117  14.470  1.00 22.04 ? 76   ASN B N   1 
ATOM   608  C CA  . ASN A 1 79  ? -4.176  -0.427  13.368  1.00 20.72 ? 76   ASN B CA  1 
ATOM   609  C C   . ASN A 1 79  ? -3.722  0.339   12.130  1.00 22.85 ? 76   ASN B C   1 
ATOM   610  O O   . ASN A 1 79  ? -4.461  1.123   11.542  1.00 22.02 ? 76   ASN B O   1 
ATOM   611  C CB  . ASN A 1 79  ? -5.647  -0.155  13.738  1.00 21.35 ? 76   ASN B CB  1 
ATOM   612  C CG  . ASN A 1 79  ? -6.198  -1.139  14.724  1.00 30.39 ? 76   ASN B CG  1 
ATOM   613  O OD1 . ASN A 1 79  ? -5.806  -2.320  14.762  1.00 25.44 ? 76   ASN B OD1 1 
ATOM   614  N ND2 . ASN A 1 79  ? -7.106  -0.654  15.566  1.00 29.18 ? 76   ASN B ND2 1 
ATOM   615  N N   . ILE A 1 80  ? -2.448  0.149   11.790  1.00 18.27 ? 77   ILE B N   1 
ATOM   616  C CA  . ILE A 1 80  ? -1.856  0.811   10.631  1.00 17.10 ? 77   ILE B CA  1 
ATOM   617  C C   . ILE A 1 80  ? -1.254  -0.226  9.676   1.00 19.80 ? 77   ILE B C   1 
ATOM   618  O O   . ILE A 1 80  ? -0.510  -1.121  10.108  1.00 19.49 ? 77   ILE B O   1 
ATOM   619  C CB  . ILE A 1 80  ? -0.785  1.858   11.016  1.00 19.93 ? 77   ILE B CB  1 
ATOM   620  C CG1 . ILE A 1 80  ? -1.352  2.954   11.945  1.00 20.72 ? 77   ILE B CG1 1 
ATOM   621  C CG2 . ILE A 1 80  ? -0.200  2.480   9.744   1.00 20.69 ? 77   ILE B CG2 1 
ATOM   622  C CD1 . ILE A 1 80  ? -0.300  3.923   12.468  1.00 22.05 ? 77   ILE B CD1 1 
ATOM   623  N N   . LEU A 1 81  ? -1.557  -0.070  8.384   1.00 17.74 ? 78   LEU B N   1 
ATOM   624  C CA  . LEU A 1 81  ? -0.995  -0.878  7.316   1.00 17.43 ? 78   LEU B CA  1 
ATOM   625  C C   . LEU A 1 81  ? 0.083   -0.015  6.652   1.00 21.47 ? 78   LEU B C   1 
ATOM   626  O O   . LEU A 1 81  ? -0.145  1.176   6.415   1.00 19.90 ? 78   LEU B O   1 
ATOM   627  C CB  . LEU A 1 81  ? -2.084  -1.251  6.295   1.00 17.19 ? 78   LEU B CB  1 
ATOM   628  C CG  . LEU A 1 81  ? -1.654  -2.197  5.158   1.00 21.83 ? 78   LEU B CG  1 
ATOM   629  C CD1 . LEU A 1 81  ? -1.470  -3.632  5.675   1.00 21.56 ? 78   LEU B CD1 1 
ATOM   630  C CD2 . LEU A 1 81  ? -2.696  -2.158  4.026   1.00 23.33 ? 78   LEU B CD2 1 
ATOM   631  N N   . TYR A 1 82  ? 1.274   -0.586  6.401   1.00 18.51 ? 79   TYR B N   1 
ATOM   632  C CA  . TYR A 1 82  ? 2.362   0.185   5.801   1.00 17.75 ? 79   TYR B CA  1 
ATOM   633  C C   . TYR A 1 82  ? 2.804   -0.409  4.480   1.00 19.56 ? 79   TYR B C   1 
ATOM   634  O O   . TYR A 1 82  ? 2.723   -1.637  4.273   1.00 18.16 ? 79   TYR B O   1 
ATOM   635  C CB  . TYR A 1 82  ? 3.597   0.147   6.711   1.00 19.02 ? 79   TYR B CB  1 
ATOM   636  C CG  . TYR A 1 82  ? 3.384   0.699   8.093   1.00 20.09 ? 79   TYR B CG  1 
ATOM   637  C CD1 . TYR A 1 82  ? 3.475   2.063   8.338   1.00 21.75 ? 79   TYR B CD1 1 
ATOM   638  C CD2 . TYR A 1 82  ? 3.157   -0.150  9.174   1.00 20.83 ? 79   TYR B CD2 1 
ATOM   639  C CE1 . TYR A 1 82  ? 3.317   2.579   9.622   1.00 21.50 ? 79   TYR B CE1 1 
ATOM   640  C CE2 . TYR A 1 82  ? 2.993   0.352   10.462  1.00 20.65 ? 79   TYR B CE2 1 
ATOM   641  C CZ  . TYR A 1 82  ? 3.082   1.716   10.680  1.00 24.76 ? 79   TYR B CZ  1 
ATOM   642  O OH  . TYR A 1 82  ? 2.929   2.220   11.950  1.00 24.31 ? 79   TYR B OH  1 
ATOM   643  N N   . LEU A 1 83  ? 3.369   0.460   3.628   1.00 16.49 ? 80   LEU B N   1 
ATOM   644  C CA  . LEU A 1 83  ? 4.055   0.024   2.423   1.00 16.26 ? 80   LEU B CA  1 
ATOM   645  C C   . LEU A 1 83  ? 5.414   0.731   2.430   1.00 19.13 ? 80   LEU B C   1 
ATOM   646  O O   . LEU A 1 83  ? 5.481   1.947   2.264   1.00 18.72 ? 80   LEU B O   1 
ATOM   647  C CB  . LEU A 1 83  ? 3.286   0.326   1.109   1.00 16.29 ? 80   LEU B CB  1 
ATOM   648  C CG  . LEU A 1 83  ? 3.936   -0.286  -0.157  1.00 20.46 ? 80   LEU B CG  1 
ATOM   649  C CD1 . LEU A 1 83  ? 3.861   -1.836  -0.169  1.00 19.47 ? 80   LEU B CD1 1 
ATOM   650  C CD2 . LEU A 1 83  ? 3.313   0.279   -1.417  1.00 19.35 ? 80   LEU B CD2 1 
ATOM   651  N N   . GLN A 1 84  ? 6.490   -0.034  2.623   1.00 17.38 ? 81   GLN B N   1 
ATOM   652  C CA  . GLN A 1 84  ? 7.840   0.545   2.609   1.00 17.87 ? 81   GLN B CA  1 
ATOM   653  C C   . GLN A 1 84  ? 8.324   0.340   1.189   1.00 21.45 ? 81   GLN B C   1 
ATOM   654  O O   . GLN A 1 84  ? 8.413   -0.807  0.720   1.00 21.80 ? 81   GLN B O   1 
ATOM   655  C CB  . GLN A 1 84  ? 8.767   -0.180  3.603   1.00 18.49 ? 81   GLN B CB  1 
ATOM   656  C CG  . GLN A 1 84  ? 10.201  0.384   3.590   1.00 22.19 ? 81   GLN B CG  1 
ATOM   657  C CD  . GLN A 1 84  ? 10.236  1.840   3.999   1.00 23.93 ? 81   GLN B CD  1 
ATOM   658  O OE1 . GLN A 1 84  ? 9.739   2.223   5.059   1.00 23.74 ? 81   GLN B OE1 1 
ATOM   659  N NE2 . GLN A 1 84  ? 10.732  2.697   3.128   1.00 24.53 ? 81   GLN B NE2 1 
ATOM   660  N N   A MET A 1 85  ? 8.602   1.433   0.501   0.50 18.22 ? 82   MET B N   1 
ATOM   661  N N   B MET A 1 85  ? 8.584   1.445   0.457   0.50 18.62 ? 82   MET B N   1 
ATOM   662  C CA  A MET A 1 85  ? 9.075   1.338   -0.863  0.50 17.50 ? 82   MET B CA  1 
ATOM   663  C CA  B MET A 1 85  ? 8.995   1.402   -0.956  0.50 18.07 ? 82   MET B CA  1 
ATOM   664  C C   A MET A 1 85  ? 10.545  1.664   -0.849  0.50 22.70 ? 82   MET B C   1 
ATOM   665  C C   B MET A 1 85  ? 10.479  1.753   -1.098  0.50 23.04 ? 82   MET B C   1 
ATOM   666  O O   A MET A 1 85  ? 10.954  2.665   -0.267  0.50 21.96 ? 82   MET B O   1 
ATOM   667  O O   B MET A 1 85  ? 10.823  2.925   -0.965  0.50 22.68 ? 82   MET B O   1 
ATOM   668  C CB  A MET A 1 85  ? 8.290   2.281   -1.790  0.50 19.14 ? 82   MET B CB  1 
ATOM   669  C CB  B MET A 1 85  ? 8.144   2.381   -1.800  0.50 19.82 ? 82   MET B CB  1 
ATOM   670  C CG  A MET A 1 85  ? 6.788   1.994   -1.797  0.50 21.89 ? 82   MET B CG  1 
ATOM   671  C CG  B MET A 1 85  ? 6.632   2.170   -1.672  0.50 22.77 ? 82   MET B CG  1 
ATOM   672  S SD  A MET A 1 85  ? 5.847   3.226   -2.716  0.50 25.02 ? 82   MET B SD  1 
ATOM   673  S SD  B MET A 1 85  ? 5.679   3.616   -2.211  0.50 26.38 ? 82   MET B SD  1 
ATOM   674  C CE  A MET A 1 85  ? 6.083   4.658   -1.687  0.50 22.14 ? 82   MET B CE  1 
ATOM   675  C CE  B MET A 1 85  ? 5.872   3.502   -3.965  0.50 23.70 ? 82   MET B CE  1 
ATOM   676  N N   . ASN A 1 86  A 11.346  0.754   -1.385  1.00 20.83 ? 82   ASN B N   1 
ATOM   677  C CA  . ASN A 1 86  A 12.793  0.943   -1.518  1.00 21.29 ? 82   ASN B CA  1 
ATOM   678  C C   . ASN A 1 86  A 13.190  0.794   -2.973  1.00 24.94 ? 82   ASN B C   1 
ATOM   679  O O   . ASN A 1 86  A 12.414  0.254   -3.771  1.00 23.61 ? 82   ASN B O   1 
ATOM   680  C CB  . ASN A 1 86  A 13.576  -0.063  -0.647  1.00 22.57 ? 82   ASN B CB  1 
ATOM   681  C CG  . ASN A 1 86  A 13.378  0.103   0.842   1.00 39.42 ? 82   ASN B CG  1 
ATOM   682  O OD1 . ASN A 1 86  A 13.157  1.197   1.344   1.00 29.65 ? 82   ASN B OD1 1 
ATOM   683  N ND2 . ASN A 1 86  A 13.439  -0.989  1.587   1.00 37.89 ? 82   ASN B ND2 1 
ATOM   684  N N   . ASP A 1 87  B 14.145  1.220   -3.317  1.00 22.81 ? 82   ASP B N   1 
ATOM   685  C CA  . ASP A 1 87  B 14.801  1.248   -4.635  1.00 23.33 ? 82   ASP B CA  1 
ATOM   686  C C   . ASP A 1 87  B 13.794  1.642   -5.723  1.00 24.87 ? 82   ASP B C   1 
ATOM   687  O O   . ASP A 1 87  B 13.663  0.961   -6.746  1.00 24.51 ? 82   ASP B O   1 
ATOM   688  C CB  . ASP A 1 87  B 15.445  -0.131  -4.949  1.00 26.23 ? 82   ASP B CB  1 
ATOM   689  C CG  . ASP A 1 87  B 16.179  -0.232  -6.280  1.00 52.96 ? 82   ASP B CG  1 
ATOM   690  O OD1 . ASP A 1 87  B 17.209  0.471   -6.447  1.00 58.75 ? 82   ASP B OD1 1 
ATOM   691  O OD2 . ASP A 1 87  B 15.729  -1.013  -7.158  1.00 60.22 ? 82   ASP B OD2 1 
ATOM   692  N N   . LEU A 1 88  C 13.365  2.814   -5.445  1.00 21.38 ? 82   LEU B N   1 
ATOM   693  C CA  . LEU A 1 88  C 12.344  3.364   -6.319  1.00 20.88 ? 82   LEU B CA  1 
ATOM   694  C C   . LEU A 1 88  C 12.840  3.681   -7.712  1.00 26.32 ? 82   LEU B C   1 
ATOM   695  O O   . LEU A 1 88  C 14.014  4.008   -7.897  1.00 24.84 ? 82   LEU B O   1 
ATOM   696  C CB  . LEU A 1 88  C 11.623  4.559   -5.670  1.00 20.17 ? 82   LEU B CB  1 
ATOM   697  C CG  . LEU A 1 88  C 10.572  4.145   -4.617  1.00 24.11 ? 82   LEU B CG  1 
ATOM   698  C CD1 . LEU A 1 88  C 10.313  5.255   -3.606  1.00 23.85 ? 82   LEU B CD1 1 
ATOM   699  C CD2 . LEU A 1 88  C 9.279   3.684   -5.286  1.00 24.80 ? 82   LEU B CD2 1 
ATOM   700  N N   . LYS A 1 89  ? 11.941  3.541   -8.693  1.00 25.14 ? 83   LYS B N   1 
ATOM   701  C CA  . LYS A 1 89  ? 12.232  3.741   -10.111 1.00 25.66 ? 83   LYS B CA  1 
ATOM   702  C C   . LYS A 1 89  ? 11.217  4.684   -10.710 1.00 28.60 ? 83   LYS B C   1 
ATOM   703  O O   . LYS A 1 89  ? 10.077  4.717   -10.235 1.00 27.79 ? 83   LYS B O   1 
ATOM   704  C CB  . LYS A 1 89  ? 12.130  2.387   -10.862 1.00 28.45 ? 83   LYS B CB  1 
ATOM   705  C CG  . LYS A 1 89  ? 13.111  1.309   -10.447 1.00 37.85 ? 83   LYS B CG  1 
ATOM   706  C CD  . LYS A 1 89  ? 12.708  -0.028  -11.063 1.00 47.05 ? 83   LYS B CD  1 
ATOM   707  C CE  . LYS A 1 89  ? 13.763  -1.087  -10.830 1.00 64.30 ? 83   LYS B CE  1 
ATOM   708  N NZ  . LYS A 1 89  ? 13.300  -2.437  -11.255 1.00 75.58 ? 83   LYS B NZ  1 
ATOM   709  N N   . PRO A 1 90  ? 11.559  5.427   -11.799 1.00 27.40 ? 84   PRO B N   1 
ATOM   710  C CA  . PRO A 1 90  ? 10.560  6.313   -12.425 1.00 27.80 ? 84   PRO B CA  1 
ATOM   711  C C   . PRO A 1 90  ? 9.256   5.581   -12.777 1.00 31.16 ? 84   PRO B C   1 
ATOM   712  O O   . PRO A 1 90  ? 8.200   6.185   -12.714 1.00 30.57 ? 84   PRO B O   1 
ATOM   713  C CB  . PRO A 1 90  ? 11.277  6.815   -13.686 1.00 29.95 ? 84   PRO B CB  1 
ATOM   714  C CG  . PRO A 1 90  ? 12.717  6.779   -13.325 1.00 34.01 ? 84   PRO B CG  1 
ATOM   715  C CD  . PRO A 1 90  ? 12.863  5.521   -12.495 1.00 29.71 ? 84   PRO B CD  1 
ATOM   716  N N   . GLU A 1 91  ? 9.335   4.303   -13.078 1.00 28.32 ? 85   GLU B N   1 
ATOM   717  C CA  . GLU A 1 91  ? 8.150   3.547   -13.425 1.00 28.77 ? 85   GLU B CA  1 
ATOM   718  C C   . GLU A 1 91  ? 7.206   3.296   -12.249 1.00 29.66 ? 85   GLU B C   1 
ATOM   719  O O   . GLU A 1 91  ? 6.100   2.897   -12.460 1.00 28.55 ? 85   GLU B O   1 
ATOM   720  C CB  . GLU A 1 91  ? 8.505   2.257   -14.158 1.00 30.90 ? 85   GLU B CB  1 
ATOM   721  C CG  . GLU A 1 91  ? 9.512   1.437   -13.492 1.00 46.82 ? 85   GLU B CG  1 
ATOM   722  C CD  . GLU A 1 91  ? 10.912  1.583   -14.064 1.00 74.57 ? 85   GLU B CD  1 
ATOM   723  O OE1 . GLU A 1 91  ? 11.402  2.714   -14.310 1.00 76.61 ? 85   GLU B OE1 1 
ATOM   724  O OE2 . GLU A 1 91  ? 11.534  0.524   -14.242 1.00 58.53 ? 85   GLU B OE2 1 
ATOM   725  N N   . ASP A 1 92  ? 7.668   3.540   -11.022 1.00 24.15 ? 86   ASP B N   1 
ATOM   726  C CA  . ASP A 1 92  ? 6.826   3.435   -9.839  1.00 22.20 ? 86   ASP B CA  1 
ATOM   727  C C   . ASP A 1 92  ? 5.971   4.689   -9.636  1.00 25.15 ? 86   ASP B C   1 
ATOM   728  O O   . ASP A 1 92  ? 5.140   4.712   -8.729  1.00 24.03 ? 86   ASP B O   1 
ATOM   729  C CB  . ASP A 1 92  ? 7.667   3.156   -8.586  1.00 23.44 ? 86   ASP B CB  1 
ATOM   730  C CG  . ASP A 1 92  ? 8.487   1.886   -8.629  1.00 26.22 ? 86   ASP B CG  1 
ATOM   731  O OD1 . ASP A 1 92  ? 7.925   0.822   -9.007  1.00 24.80 ? 86   ASP B OD1 1 
ATOM   732  O OD2 . ASP A 1 92  ? 9.680   1.939   -8.244  1.00 27.48 ? 86   ASP B OD2 1 
ATOM   733  N N   . THR A 1 93  ? 6.177   5.742   -10.458 1.00 23.57 ? 87   THR B N   1 
ATOM   734  C CA  . THR A 1 93  ? 5.395   6.979   -10.352 1.00 22.28 ? 87   THR B CA  1 
ATOM   735  C C   . THR A 1 93  ? 3.921   6.641   -10.568 1.00 27.68 ? 87   THR B C   1 
ATOM   736  O O   . THR A 1 93  ? 3.575   6.118   -11.623 1.00 27.85 ? 87   THR B O   1 
ATOM   737  C CB  . THR A 1 93  ? 5.901   8.005   -11.374 1.00 27.05 ? 87   THR B CB  1 
ATOM   738  O OG1 . THR A 1 93  ? 7.260   8.337   -11.048 1.00 24.09 ? 87   THR B OG1 1 
ATOM   739  C CG2 . THR A 1 93  ? 5.014   9.252   -11.459 1.00 26.95 ? 87   THR B CG2 1 
ATOM   740  N N   . ALA A 1 94  ? 3.066   6.924   -9.579  1.00 23.44 ? 88   ALA B N   1 
ATOM   741  C CA  . ALA A 1 94  ? 1.644   6.583   -9.658  1.00 23.55 ? 88   ALA B CA  1 
ATOM   742  C C   . ALA A 1 94  ? 0.949   7.051   -8.423  1.00 25.37 ? 88   ALA B C   1 
ATOM   743  O O   . ALA A 1 94  ? 1.599   7.527   -7.481  1.00 23.73 ? 88   ALA B O   1 
ATOM   744  C CB  . ALA A 1 94  ? 1.502   5.040   -9.726  1.00 24.23 ? 88   ALA B CB  1 
ATOM   745  N N   . MET A 1 95  ? -0.387  6.875   -8.413  1.00 20.44 ? 89   MET B N   1 
ATOM   746  C CA  A MET A 1 95  ? -1.207  7.128   -7.238  0.50 19.63 ? 89   MET B CA  1 
ATOM   747  C CA  B MET A 1 95  ? -1.218  7.122   -7.251  0.50 20.66 ? 89   MET B CA  1 
ATOM   748  C C   . MET A 1 95  ? -1.297  5.768   -6.539  1.00 22.99 ? 89   MET B C   1 
ATOM   749  O O   . MET A 1 95  ? -1.463  4.735   -7.212  1.00 22.87 ? 89   MET B O   1 
ATOM   750  C CB  A MET A 1 95  ? -2.610  7.637   -7.591  0.50 22.04 ? 89   MET B CB  1 
ATOM   751  C CB  B MET A 1 95  ? -2.616  7.597   -7.662  0.50 23.86 ? 89   MET B CB  1 
ATOM   752  C CG  A MET A 1 95  ? -2.670  9.142   -7.796  0.50 26.18 ? 89   MET B CG  1 
ATOM   753  C CG  B MET A 1 95  ? -2.642  9.057   -8.053  0.50 29.14 ? 89   MET B CG  1 
ATOM   754  S SD  A MET A 1 95  ? -4.360  9.784   -7.681  0.50 30.03 ? 89   MET B SD  1 
ATOM   755  S SD  B MET A 1 95  ? -2.530  10.111  -6.593  0.50 34.42 ? 89   MET B SD  1 
ATOM   756  C CE  A MET A 1 95  ? -4.419  10.208  -6.004  0.50 27.16 ? 89   MET B CE  1 
ATOM   757  C CE  B MET A 1 95  ? -4.249  10.305  -6.243  0.50 31.27 ? 89   MET B CE  1 
ATOM   758  N N   . TYR A 1 96  ? -1.157  5.760   -5.217  1.00 18.47 ? 90   TYR B N   1 
ATOM   759  C CA  . TYR A 1 96  ? -1.193  4.521   -4.425  1.00 17.68 ? 90   TYR B CA  1 
ATOM   760  C C   . TYR A 1 96  ? -2.374  4.542   -3.503  1.00 20.41 ? 90   TYR B C   1 
ATOM   761  O O   . TYR A 1 96  ? -2.661  5.578   -2.905  1.00 20.17 ? 90   TYR B O   1 
ATOM   762  C CB  . TYR A 1 96  ? 0.118   4.368   -3.633  1.00 19.40 ? 90   TYR B CB  1 
ATOM   763  C CG  . TYR A 1 96  ? 1.282   3.991   -4.521  1.00 20.07 ? 90   TYR B CG  1 
ATOM   764  C CD1 . TYR A 1 96  ? 1.893   4.934   -5.345  1.00 21.20 ? 90   TYR B CD1 1 
ATOM   765  C CD2 . TYR A 1 96  ? 1.738   2.679   -4.579  1.00 21.28 ? 90   TYR B CD2 1 
ATOM   766  C CE1 . TYR A 1 96  ? 2.944   4.582   -6.192  1.00 20.63 ? 90   TYR B CE1 1 
ATOM   767  C CE2 . TYR A 1 96  ? 2.799   2.321   -5.405  1.00 21.86 ? 90   TYR B CE2 1 
ATOM   768  C CZ  . TYR A 1 96  ? 3.379   3.269   -6.230  1.00 26.05 ? 90   TYR B CZ  1 
ATOM   769  O OH  . TYR A 1 96  ? 4.408   2.888   -7.042  1.00 26.34 ? 90   TYR B OH  1 
ATOM   770  N N   . TYR A 1 97  ? -3.044  3.393   -3.360  1.00 17.57 ? 91   TYR B N   1 
ATOM   771  C CA  . TYR A 1 97  ? -4.234  3.259   -2.529  1.00 17.80 ? 91   TYR B CA  1 
ATOM   772  C C   . TYR A 1 97  ? -4.170  2.046   -1.648  1.00 21.44 ? 91   TYR B C   1 
ATOM   773  O O   . TYR A 1 97  ? -3.759  0.986   -2.106  1.00 21.26 ? 91   TYR B O   1 
ATOM   774  C CB  . TYR A 1 97  ? -5.457  3.023   -3.433  1.00 18.60 ? 91   TYR B CB  1 
ATOM   775  C CG  . TYR A 1 97  ? -5.695  4.133   -4.426  1.00 19.88 ? 91   TYR B CG  1 
ATOM   776  C CD1 . TYR A 1 97  ? -5.062  4.132   -5.667  1.00 21.08 ? 91   TYR B CD1 1 
ATOM   777  C CD2 . TYR A 1 97  ? -6.595  5.154   -4.150  1.00 22.53 ? 91   TYR B CD2 1 
ATOM   778  C CE1 . TYR A 1 97  ? -5.283  5.159   -6.593  1.00 22.37 ? 91   TYR B CE1 1 
ATOM   779  C CE2 . TYR A 1 97  ? -6.853  6.161   -5.079  1.00 24.52 ? 91   TYR B CE2 1 
ATOM   780  C CZ  . TYR A 1 97  ? -6.178  6.170   -6.287  1.00 27.72 ? 91   TYR B CZ  1 
ATOM   781  O OH  . TYR A 1 97  ? -6.431  7.186   -7.175  1.00 32.18 ? 91   TYR B OH  1 
ATOM   782  N N   A CYS A 1 98  ? -4.666  2.157   -0.435  0.50 19.13 ? 92   CYS B N   1 
ATOM   783  N N   B CYS A 1 98  ? -4.628  2.184   -0.383  0.50 18.62 ? 92   CYS B N   1 
ATOM   784  C CA  A CYS A 1 98  ? -4.742  0.998   0.438   0.50 19.55 ? 92   CYS B CA  1 
ATOM   785  C CA  B CYS A 1 98  ? -4.741  1.052   0.542   0.50 18.83 ? 92   CYS B CA  1 
ATOM   786  C C   A CYS A 1 98  ? -6.186  0.535   0.436   0.50 22.34 ? 92   CYS B C   1 
ATOM   787  C C   B CYS A 1 98  ? -6.197  0.579   0.625   0.50 22.06 ? 92   CYS B C   1 
ATOM   788  O O   A CYS A 1 98  ? -7.100  1.329   0.174   0.50 20.73 ? 92   CYS B O   1 
ATOM   789  O O   B CYS A 1 98  ? -7.126  1.387   0.497   0.50 20.22 ? 92   CYS B O   1 
ATOM   790  C CB  A CYS A 1 98  ? -4.285  1.356   1.843   0.50 20.76 ? 92   CYS B CB  1 
ATOM   791  C CB  B CYS A 1 98  ? -4.129  1.324   1.920   0.50 19.70 ? 92   CYS B CB  1 
ATOM   792  S SG  A CYS A 1 98  ? -5.206  2.728   2.562   0.50 25.00 ? 92   CYS B SG  1 
ATOM   793  S SG  B CYS A 1 98  ? -4.907  2.662   2.875   0.50 23.58 ? 92   CYS B SG  1 
ATOM   794  N N   . LYS A 1 99  ? -6.398  -0.739  0.779   1.00 19.79 ? 93   LYS B N   1 
ATOM   795  C CA  . LYS A 1 99  ? -7.742  -1.316  0.836   1.00 18.95 ? 93   LYS B CA  1 
ATOM   796  C C   . LYS A 1 99  ? -7.649  -2.608  1.593   1.00 23.91 ? 93   LYS B C   1 
ATOM   797  O O   . LYS A 1 99  ? -6.721  -3.385  1.364   1.00 24.59 ? 93   LYS B O   1 
ATOM   798  C CB  . LYS A 1 99  ? -8.260  -1.613  -0.598  1.00 20.14 ? 93   LYS B CB  1 
ATOM   799  C CG  . LYS A 1 99  ? -9.698  -2.125  -0.704  1.00 23.31 ? 93   LYS B CG  1 
ATOM   800  C CD  . LYS A 1 99  ? -10.794 -1.109  -0.347  1.00 25.39 ? 93   LYS B CD  1 
ATOM   801  C CE  . LYS A 1 99  ? -12.169 -1.632  -0.749  1.00 22.83 ? 93   LYS B CE  1 
ATOM   802  N NZ  . LYS A 1 99  ? -12.609 -2.741  0.165   1.00 22.49 ? 93   LYS B NZ  1 
ATOM   803  N N   . ALA A 1 100 ? -8.658  -2.880  2.415   1.00 20.70 ? 94   ALA B N   1 
ATOM   804  C CA  . ALA A 1 100 ? -8.770  -4.165  3.094   1.00 21.09 ? 94   ALA B CA  1 
ATOM   805  C C   . ALA A 1 100 ? -10.177 -4.689  2.834   1.00 23.69 ? 94   ALA B C   1 
ATOM   806  O O   . ALA A 1 100 ? -11.088 -3.892  2.607   1.00 22.10 ? 94   ALA B O   1 
ATOM   807  C CB  . ALA A 1 100 ? -8.534  -4.008  4.588   1.00 21.56 ? 94   ALA B CB  1 
ATOM   808  N N   . SER A 1 101 ? -10.371 -6.018  2.909   1.00 21.54 ? 95   SER B N   1 
ATOM   809  C CA  . SER A 1 101 ? -11.701 -6.607  2.714   1.00 21.30 ? 95   SER B CA  1 
ATOM   810  C C   . SER A 1 101 ? -12.675 -5.947  3.699   1.00 26.66 ? 95   SER B C   1 
ATOM   811  O O   . SER A 1 101 ? -12.357 -5.800  4.887   1.00 27.00 ? 95   SER B O   1 
ATOM   812  C CB  . SER A 1 101 ? -11.654 -8.109  2.954   1.00 22.79 ? 95   SER B CB  1 
ATOM   813  O OG  . SER A 1 101 ? -10.800 -8.746  2.015   1.00 22.86 ? 95   SER B OG  1 
ATOM   814  N N   . GLY A 1 102 ? -13.793 -5.462  3.184   1.00 25.65 ? 96   GLY B N   1 
ATOM   815  C CA  . GLY A 1 102 ? -14.797 -4.820  4.030   1.00 28.77 ? 96   GLY B CA  1 
ATOM   816  C C   . GLY A 1 102 ? -14.541 -3.371  4.407   1.00 37.02 ? 96   GLY B C   1 
ATOM   817  O O   . GLY A 1 102 ? -15.471 -2.708  4.881   1.00 39.97 ? 96   GLY B O   1 
ATOM   818  N N   . SER A 1 103 ? -13.290 -2.858  4.221   1.00 30.11 ? 101  SER B N   1 
ATOM   819  C CA  . SER A 1 103 ? -12.963 -1.464  4.540   1.00 28.39 ? 101  SER B CA  1 
ATOM   820  C C   . SER A 1 103 ? -13.262 -0.564  3.354   1.00 30.38 ? 101  SER B C   1 
ATOM   821  O O   . SER A 1 103 ? -13.454 -1.039  2.236   1.00 29.79 ? 101  SER B O   1 
ATOM   822  C CB  . SER A 1 103 ? -11.491 -1.320  4.921   1.00 29.96 ? 101  SER B CB  1 
ATOM   823  O OG  . SER A 1 103 ? -10.683 -1.073  3.777   1.00 27.62 ? 101  SER B OG  1 
ATOM   824  N N   . SER A 1 104 ? -13.225 0.745   3.580   1.00 25.89 ? 102  SER B N   1 
ATOM   825  C CA  . SER A 1 104 ? -13.355 1.709   2.497   1.00 25.16 ? 102  SER B CA  1 
ATOM   826  C C   . SER A 1 104 ? -11.928 1.844   1.907   1.00 26.06 ? 102  SER B C   1 
ATOM   827  O O   . SER A 1 104 ? -10.945 1.368   2.503   1.00 25.11 ? 102  SER B O   1 
ATOM   828  C CB  . SER A 1 104 ? -13.823 3.054   3.057   1.00 29.90 ? 102  SER B CB  1 
ATOM   829  O OG  . SER A 1 104 ? -12.841 3.619   3.913   1.00 42.51 ? 102  SER B OG  1 
ATOM   830  N N   . TRP A 1 105 ? -11.812 2.497   0.753   1.00 21.82 ? 103  TRP B N   1 
ATOM   831  C CA  . TRP A 1 105 ? -10.510 2.743   0.127   1.00 20.76 ? 103  TRP B CA  1 
ATOM   832  C C   . TRP A 1 105 ? -9.800  3.889   0.844   1.00 23.51 ? 103  TRP B C   1 
ATOM   833  O O   . TRP A 1 105 ? -10.460 4.850   1.265   1.00 23.02 ? 103  TRP B O   1 
ATOM   834  C CB  . TRP A 1 105 ? -10.730 3.206   -1.314  1.00 20.39 ? 103  TRP B CB  1 
ATOM   835  C CG  . TRP A 1 105 ? -11.024 2.104   -2.273  1.00 21.49 ? 103  TRP B CG  1 
ATOM   836  C CD1 . TRP A 1 105 ? -12.248 1.700   -2.721  1.00 24.63 ? 103  TRP B CD1 1 
ATOM   837  C CD2 . TRP A 1 105 ? -10.060 1.297   -2.947  1.00 21.07 ? 103  TRP B CD2 1 
ATOM   838  N NE1 . TRP A 1 105 ? -12.103 0.656   -3.609  1.00 24.09 ? 103  TRP B NE1 1 
ATOM   839  C CE2 . TRP A 1 105 ? -10.766 0.435   -3.819  1.00 24.61 ? 103  TRP B CE2 1 
ATOM   840  C CE3 . TRP A 1 105 ? -8.654  1.226   -2.912  1.00 21.44 ? 103  TRP B CE3 1 
ATOM   841  C CZ2 . TRP A 1 105 ? -10.117 -0.528  -4.601  1.00 23.78 ? 103  TRP B CZ2 1 
ATOM   842  C CZ3 . TRP A 1 105 ? -8.009  0.305   -3.714  1.00 22.81 ? 103  TRP B CZ3 1 
ATOM   843  C CH2 . TRP A 1 105 ? -8.735  -0.569  -4.544  1.00 23.58 ? 103  TRP B CH2 1 
ATOM   844  N N   . GLY A 1 106 ? -8.464  3.823   0.915   1.00 20.46 ? 104  GLY B N   1 
ATOM   845  C CA  . GLY A 1 106 ? -7.667  4.971   1.358   1.00 20.29 ? 104  GLY B CA  1 
ATOM   846  C C   . GLY A 1 106 ? -7.741  6.041   0.269   1.00 25.86 ? 104  GLY B C   1 
ATOM   847  O O   . GLY A 1 106 ? -8.002  5.711   -0.892  1.00 25.20 ? 104  GLY B O   1 
ATOM   848  N N   . GLN A 1 107 ? -7.536  7.296   0.602   1.00 25.09 ? 105  GLN B N   1 
ATOM   849  C CA  . GLN A 1 107 ? -7.555  8.310   -0.412  1.00 26.55 ? 105  GLN B CA  1 
ATOM   850  C C   . GLN A 1 107 ? -6.252  8.173   -1.219  1.00 34.83 ? 105  GLN B C   1 
ATOM   851  O O   . GLN A 1 107 ? -5.240  7.863   -0.693  1.00 37.95 ? 105  GLN B O   1 
ATOM   852  C CB  . GLN A 1 107 ? -7.781  9.698   0.221   1.00 28.24 ? 105  GLN B CB  1 
ATOM   853  C CG  . GLN A 1 107 ? -6.618  10.632  0.235   1.00 54.25 ? 105  GLN B CG  1 
ATOM   854  C CD  . GLN A 1 107 ? -7.015  12.099  0.484   1.00 89.60 ? 105  GLN B CD  1 
ATOM   855  O OE1 . GLN A 1 107 ? -7.930  12.378  1.239   1.00 88.49 ? 105  GLN B OE1 1 
ATOM   856  N NE2 . GLN A 1 107 ? -6.331  13.021  -0.165  1.00 83.21 ? 105  GLN B NE2 1 
ATOM   857  N N   . GLY A 1 108 ? -6.257  8.380   -2.496  1.00 31.46 ? 106  GLY B N   1 
ATOM   858  C CA  . GLY A 1 108 ? -5.026  8.115   -3.191  1.00 30.10 ? 106  GLY B CA  1 
ATOM   859  C C   . GLY A 1 108 ? -3.864  9.040   -2.819  1.00 33.44 ? 106  GLY B C   1 
ATOM   860  O O   . GLY A 1 108 ? -4.095  10.186  -2.574  1.00 33.59 ? 106  GLY B O   1 
ATOM   861  N N   . THR A 1 109 ? -2.628  8.527   -2.768  1.00 26.04 ? 107  THR B N   1 
ATOM   862  C CA  . THR A 1 109 ? -1.437  9.373   -2.593  1.00 25.02 ? 107  THR B CA  1 
ATOM   863  C C   . THR A 1 109 ? -0.586  9.299   -3.815  1.00 28.47 ? 107  THR B C   1 
ATOM   864  O O   . THR A 1 109 ? -0.512  8.262   -4.463  1.00 29.20 ? 107  THR B O   1 
ATOM   865  C CB  . THR A 1 109 ? -0.524  8.993   -1.390  1.00 35.45 ? 107  THR B CB  1 
ATOM   866  O OG1 . THR A 1 109 ? 0.428   10.050  -1.200  1.00 41.03 ? 107  THR B OG1 1 
ATOM   867  C CG2 . THR A 1 109 ? 0.212   7.738   -1.662  1.00 25.22 ? 107  THR B CG2 1 
ATOM   868  N N   . GLN A 1 110 ? 0.066   10.411  -4.139  1.00 23.32 ? 108  GLN B N   1 
ATOM   869  C CA  . GLN A 1 110 ? 1.012   10.438  -5.228  1.00 22.74 ? 108  GLN B CA  1 
ATOM   870  C C   . GLN A 1 110 ? 2.421   10.127  -4.767  1.00 25.58 ? 108  GLN B C   1 
ATOM   871  O O   . GLN A 1 110 ? 2.891   10.653  -3.746  1.00 25.50 ? 108  GLN B O   1 
ATOM   872  C CB  . GLN A 1 110 ? 0.977   11.828  -5.918  1.00 24.35 ? 108  GLN B CB  1 
ATOM   873  C CG  . GLN A 1 110 ? 1.901   11.912  -7.138  1.00 30.94 ? 108  GLN B CG  1 
ATOM   874  C CD  . GLN A 1 110 ? 1.486   11.031  -8.297  1.00 34.07 ? 108  GLN B CD  1 
ATOM   875  O OE1 . GLN A 1 110 ? 0.211   10.910  -8.521  1.00 29.54 ? 108  GLN B OE1 1 
ATOM   876  N NE2 . GLN A 1 110 ? 2.312   10.521  -9.047  1.00 27.84 ? 108  GLN B NE2 1 
ATOM   877  N N   . VAL A 1 111 ? 3.106   9.297   -5.555  1.00 21.02 ? 109  VAL B N   1 
ATOM   878  C CA  . VAL A 1 111 ? 4.507   8.981   -5.396  1.00 20.72 ? 109  VAL B CA  1 
ATOM   879  C C   . VAL A 1 111 ? 5.117   9.331   -6.747  1.00 25.08 ? 109  VAL B C   1 
ATOM   880  O O   . VAL A 1 111 ? 4.683   8.802   -7.777  1.00 24.84 ? 109  VAL B O   1 
ATOM   881  C CB  . VAL A 1 111 ? 4.776   7.511   -4.997  1.00 23.14 ? 109  VAL B CB  1 
ATOM   882  C CG1 . VAL A 1 111 ? 6.258   7.158   -5.143  1.00 23.12 ? 109  VAL B CG1 1 
ATOM   883  C CG2 . VAL A 1 111 ? 4.269   7.228   -3.581  1.00 22.63 ? 109  VAL B CG2 1 
ATOM   884  N N   . THR A 1 112 ? 6.068   10.259  -6.751  1.00 21.39 ? 110  THR B N   1 
ATOM   885  C CA  . THR A 1 112 ? 6.750   10.651  -7.980  1.00 21.62 ? 110  THR B CA  1 
ATOM   886  C C   . THR A 1 112 ? 8.222   10.361  -7.816  1.00 24.12 ? 110  THR B C   1 
ATOM   887  O O   . THR A 1 112 ? 8.830   10.756  -6.815  1.00 22.46 ? 110  THR B O   1 
ATOM   888  C CB  . THR A 1 112 ? 6.449   12.118  -8.332  1.00 28.08 ? 110  THR B CB  1 
ATOM   889  O OG1 . THR A 1 112 ? 5.031   12.282  -8.399  1.00 29.47 ? 110  THR B OG1 1 
ATOM   890  C CG2 . THR A 1 112 ? 7.083   12.542  -9.664  1.00 26.43 ? 110  THR B CG2 1 
ATOM   891  N N   . VAL A 1 113 ? 8.786   9.636   -8.774  1.00 21.09 ? 111  VAL B N   1 
ATOM   892  C CA  . VAL A 1 113 ? 10.193  9.253   -8.749  1.00 22.24 ? 111  VAL B CA  1 
ATOM   893  C C   . VAL A 1 113 ? 10.906  9.957   -9.907  1.00 28.57 ? 111  VAL B C   1 
ATOM   894  O O   . VAL A 1 113 ? 10.632  9.654   -11.076 1.00 27.95 ? 111  VAL B O   1 
ATOM   895  C CB  . VAL A 1 113 ? 10.376  7.716   -8.813  1.00 25.07 ? 111  VAL B CB  1 
ATOM   896  C CG1 . VAL A 1 113 ? 11.846  7.343   -8.687  1.00 24.52 ? 111  VAL B CG1 1 
ATOM   897  C CG2 . VAL A 1 113 ? 9.538   7.006   -7.743  1.00 25.08 ? 111  VAL B CG2 1 
ATOM   898  N N   . SER A 1 114 ? 11.827  10.879  -9.580  1.00 25.19 ? 112  SER B N   1 
ATOM   899  C CA  . SER A 1 114 ? 12.589  11.613  -10.592 1.00 25.68 ? 112  SER B CA  1 
ATOM   900  C C   . SER A 1 114 ? 13.810  10.793  -11.054 1.00 31.17 ? 112  SER B C   1 
ATOM   901  O O   . SER A 1 114 ? 14.272  9.906   -10.334 1.00 29.11 ? 112  SER B O   1 
ATOM   902  C CB  . SER A 1 114 ? 13.012  12.977  -10.053 1.00 28.81 ? 112  SER B CB  1 
ATOM   903  O OG  . SER A 1 114 ? 13.654  12.877  -8.792  1.00 30.59 ? 112  SER B OG  1 
ATOM   904  N N   . SER A 1 115 ? 14.299  11.090  -12.279 1.00 31.54 ? 113  SER B N   1 
ATOM   905  C CA  . SER A 1 115 ? 15.455  10.506  -12.983 1.00 64.18 ? 113  SER B CA  1 
ATOM   906  C C   . SER A 1 115 ? 16.591  10.036  -12.070 1.00 88.83 ? 113  SER B C   1 
ATOM   907  O O   . SER A 1 115 ? 17.108  10.820  -11.277 1.00 57.72 ? 113  SER B O   1 
ATOM   908  C CB  . SER A 1 115 ? 16.007  11.519  -13.983 1.00 68.17 ? 113  SER B CB  1 
ATOM   909  O OG  . SER A 1 115 ? 16.345  12.732  -13.325 1.00 76.48 ? 113  SER B OG  1 
HETATM 910  O O   . HOH B 2 .   ? -1.918  7.489   12.423  1.00 47.72 ? 2001 HOH B O   1 
HETATM 911  O O   . HOH B 2 .   ? -1.202  11.579  9.733   1.00 54.46 ? 2002 HOH B O   1 
HETATM 912  O O   . HOH B 2 .   ? -14.425 -0.993  13.557  1.00 67.39 ? 2003 HOH B O   1 
HETATM 913  O O   . HOH B 2 .   ? -1.627  13.395  5.542   1.00 49.01 ? 2004 HOH B O   1 
HETATM 914  O O   . HOH B 2 .   ? -4.230  14.159  3.728   1.00 63.44 ? 2005 HOH B O   1 
HETATM 915  O O   . HOH B 2 .   ? -19.299 -4.887  10.181  1.00 64.93 ? 2006 HOH B O   1 
HETATM 916  O O   . HOH B 2 .   ? -0.724  6.594   9.963   1.00 31.75 ? 2007 HOH B O   1 
HETATM 917  O O   . HOH B 2 .   ? -3.142  9.792   9.372   1.00 47.44 ? 2008 HOH B O   1 
HETATM 918  O O   . HOH B 2 .   ? -2.793  11.543  0.595   1.00 55.49 ? 2009 HOH B O   1 
HETATM 919  O O   . HOH B 2 .   ? -10.347 10.742  9.523   1.00 67.28 ? 2010 HOH B O   1 
HETATM 920  O O   . HOH B 2 .   ? -15.518 -19.486 3.654   1.00 60.55 ? 2011 HOH B O   1 
HETATM 921  O O   . HOH B 2 .   ? 17.186  9.109   -2.536  1.00 30.78 ? 2012 HOH B O   1 
HETATM 922  O O   . HOH B 2 .   ? -3.771  11.818  6.099   1.00 70.88 ? 2013 HOH B O   1 
HETATM 923  O O   . HOH B 2 .   ? -7.261  8.426   3.233   1.00 30.53 ? 2014 HOH B O   1 
HETATM 924  O O   . HOH B 2 .   ? 17.458  0.147   -0.736  1.00 65.13 ? 2015 HOH B O   1 
HETATM 925  O O   . HOH B 2 .   ? 6.609   2.787   13.298  1.00 64.28 ? 2016 HOH B O   1 
HETATM 926  O O   . HOH B 2 .   ? -2.178  7.646   7.877   1.00 28.09 ? 2017 HOH B O   1 
HETATM 927  O O   . HOH B 2 .   ? 3.156   8.809   10.391  1.00 64.53 ? 2018 HOH B O   1 
HETATM 928  O O   . HOH B 2 .   ? -8.532  6.991   12.821  1.00 70.03 ? 2019 HOH B O   1 
HETATM 929  O O   . HOH B 2 .   ? -11.156 7.560   9.225   1.00 79.78 ? 2020 HOH B O   1 
HETATM 930  O O   . HOH B 2 .   ? 0.660   12.631  4.093   1.00 28.20 ? 2021 HOH B O   1 
HETATM 931  O O   . HOH B 2 .   ? -0.316  12.678  1.604   1.00 48.30 ? 2022 HOH B O   1 
HETATM 932  O O   . HOH B 2 .   ? -4.569  6.134   14.131  1.00 52.50 ? 2023 HOH B O   1 
HETATM 933  O O   . HOH B 2 .   ? 6.401   8.836   2.151   1.00 27.95 ? 2024 HOH B O   1 
HETATM 934  O O   . HOH B 2 .   ? -12.769 0.423   17.008  1.00 62.22 ? 2025 HOH B O   1 
HETATM 935  O O   . HOH B 2 .   ? 12.100  12.110  -0.500  1.00 26.51 ? 2026 HOH B O   1 
HETATM 936  O O   . HOH B 2 .   ? -14.168 -17.786 5.294   1.00 69.64 ? 2027 HOH B O   1 
HETATM 937  O O   . HOH B 2 .   ? 15.873  11.270  -3.163  1.00 22.17 ? 2028 HOH B O   1 
HETATM 938  O O   . HOH B 2 .   ? 21.437  13.935  -9.425  1.00 67.63 ? 2029 HOH B O   1 
HETATM 939  O O   . HOH B 2 .   ? 18.626  7.682   -4.633  1.00 46.09 ? 2030 HOH B O   1 
HETATM 940  O O   . HOH B 2 .   ? 19.108  8.786   -8.536  1.00 55.95 ? 2031 HOH B O   1 
HETATM 941  O O   . HOH B 2 .   ? -18.171 2.991   -2.893  1.00 70.53 ? 2032 HOH B O   1 
HETATM 942  O O   . HOH B 2 .   ? 19.703  5.888   -2.294  1.00 59.20 ? 2033 HOH B O   1 
HETATM 943  O O   . HOH B 2 .   ? 18.884  1.929   -3.944  1.00 46.13 ? 2034 HOH B O   1 
HETATM 944  O O   . HOH B 2 .   ? 12.754  9.872   0.839   1.00 27.36 ? 2035 HOH B O   1 
HETATM 945  O O   . HOH B 2 .   ? 15.496  8.082   -0.214  1.00 33.58 ? 2036 HOH B O   1 
HETATM 946  O O   . HOH B 2 .   ? 16.082  2.675   -1.402  1.00 27.54 ? 2037 HOH B O   1 
HETATM 947  O O   . HOH B 2 .   ? -6.247  -1.711  -18.975 1.00 45.15 ? 2038 HOH B O   1 
HETATM 948  O O   . HOH B 2 .   ? 6.265   5.809   12.603  1.00 46.17 ? 2039 HOH B O   1 
HETATM 949  O O   . HOH B 2 .   ? 8.313   1.387   11.697  1.00 62.61 ? 2040 HOH B O   1 
HETATM 950  O O   . HOH B 2 .   ? 7.109   0.920   9.313   1.00 33.83 ? 2041 HOH B O   1 
HETATM 951  O O   . HOH B 2 .   ? 7.055   -12.909 6.553   1.00 61.71 ? 2042 HOH B O   1 
HETATM 952  O O   . HOH B 2 .   ? 4.202   6.519   6.160   1.00 39.85 ? 2043 HOH B O   1 
HETATM 953  O O   . HOH B 2 .   ? 2.149   6.292   10.060  1.00 31.37 ? 2044 HOH B O   1 
HETATM 954  O O   . HOH B 2 .   ? 7.126   -11.800 -17.226 1.00 54.22 ? 2045 HOH B O   1 
HETATM 955  O O   . HOH B 2 .   ? 8.576   -4.311  -14.061 1.00 60.46 ? 2046 HOH B O   1 
HETATM 956  O O   . HOH B 2 .   ? -8.696  6.136   10.283  1.00 42.58 ? 2047 HOH B O   1 
HETATM 957  O O   . HOH B 2 .   ? 11.818  -11.232 -2.277  1.00 59.85 ? 2048 HOH B O   1 
HETATM 958  O O   . HOH B 2 .   ? -8.030  2.218   15.156  1.00 34.67 ? 2049 HOH B O   1 
HETATM 959  O O   . HOH B 2 .   ? -5.385  3.758   13.185  1.00 26.60 ? 2050 HOH B O   1 
HETATM 960  O O   . HOH B 2 .   ? -14.657 1.670   12.657  1.00 53.29 ? 2051 HOH B O   1 
HETATM 961  O O   . HOH B 2 .   ? -11.742 -2.320  16.514  1.00 45.65 ? 2052 HOH B O   1 
HETATM 962  O O   . HOH B 2 .   ? -6.338  -4.533  16.304  1.00 34.09 ? 2053 HOH B O   1 
HETATM 963  O O   . HOH B 2 .   ? -13.171 -3.504  13.145  1.00 44.84 ? 2054 HOH B O   1 
HETATM 964  O O   . HOH B 2 .   ? -10.371 -5.816  17.812  1.00 50.64 ? 2055 HOH B O   1 
HETATM 965  O O   . HOH B 2 .   ? -8.825  -1.927  17.656  1.00 45.48 ? 2056 HOH B O   1 
HETATM 966  O O   . HOH B 2 .   ? -0.216  5.862   15.915  1.00 56.99 ? 2057 HOH B O   1 
HETATM 967  O O   . HOH B 2 .   ? -8.997  -13.808 7.635   1.00 50.90 ? 2058 HOH B O   1 
HETATM 968  O O   . HOH B 2 .   ? 11.518  0.501   8.908   1.00 49.80 ? 2059 HOH B O   1 
HETATM 969  O O   . HOH B 2 .   ? 12.816  0.060   6.565   1.00 72.03 ? 2060 HOH B O   1 
HETATM 970  O O   . HOH B 2 .   ? 18.764  3.498   -9.033  1.00 51.64 ? 2061 HOH B O   1 
HETATM 971  O O   . HOH B 2 .   ? 16.000  3.865   -11.948 1.00 64.95 ? 2062 HOH B O   1 
HETATM 972  O O   . HOH B 2 .   ? -14.157 -11.972 9.701   1.00 68.71 ? 2063 HOH B O   1 
HETATM 973  O O   . HOH B 2 .   ? -11.794 -6.671  8.757   1.00 47.06 ? 2064 HOH B O   1 
HETATM 974  O O   . HOH B 2 .   ? 15.273  -6.011  -6.863  1.00 61.68 ? 2065 HOH B O   1 
HETATM 975  O O   . HOH B 2 .   ? -7.238  -15.482 4.078   1.00 56.69 ? 2066 HOH B O   1 
HETATM 976  O O   . HOH B 2 .   ? -12.538 -15.726 6.275   1.00 60.06 ? 2067 HOH B O   1 
HETATM 977  O O   . HOH B 2 .   ? -8.583  -5.398  -1.800  1.00 28.47 ? 2068 HOH B O   1 
HETATM 978  O O   . HOH B 2 .   ? 5.734   -0.756  -13.447 1.00 53.22 ? 2069 HOH B O   1 
HETATM 979  O O   . HOH B 2 .   ? -11.409 9.178   -0.333  1.00 56.82 ? 2070 HOH B O   1 
HETATM 980  O O   . HOH B 2 .   ? -15.917 0.615   -3.578  1.00 66.53 ? 2071 HOH B O   1 
HETATM 981  O O   . HOH B 2 .   ? -15.552 0.672   -0.594  1.00 49.37 ? 2072 HOH B O   1 
HETATM 982  O O   . HOH B 2 .   ? 2.567   11.270  -12.826 1.00 56.29 ? 2073 HOH B O   1 
HETATM 983  O O   . HOH B 2 .   ? 7.014   12.337  -13.480 1.00 66.03 ? 2074 HOH B O   1 
HETATM 984  O O   . HOH B 2 .   ? -2.276  8.112   -11.552 1.00 35.44 ? 2075 HOH B O   1 
HETATM 985  O O   . HOH B 2 .   ? -6.148  5.627   -14.612 1.00 52.21 ? 2076 HOH B O   1 
HETATM 986  O O   . HOH B 2 .   ? 3.510   4.271   -16.006 1.00 64.90 ? 2077 HOH B O   1 
HETATM 987  O O   . HOH B 2 .   ? 1.453   5.575   -17.307 1.00 58.38 ? 2078 HOH B O   1 
HETATM 988  O O   . HOH B 2 .   ? -4.010  -0.508  -17.947 1.00 33.89 ? 2079 HOH B O   1 
HETATM 989  O O   . HOH B 2 .   ? -1.528  1.250   -13.088 1.00 30.05 ? 2080 HOH B O   1 
HETATM 990  O O   . HOH B 2 .   ? -10.446 4.844   -4.746  1.00 30.68 ? 2081 HOH B O   1 
HETATM 991  O O   . HOH B 2 .   ? -10.334 6.782   -7.224  1.00 56.60 ? 2082 HOH B O   1 
HETATM 992  O O   . HOH B 2 .   ? -8.952  0.985   -12.763 1.00 32.31 ? 2083 HOH B O   1 
HETATM 993  O O   . HOH B 2 .   ? -0.425  -7.515  -12.265 1.00 31.29 ? 2084 HOH B O   1 
HETATM 994  O O   . HOH B 2 .   ? -0.677  -8.258  -8.775  1.00 27.18 ? 2085 HOH B O   1 
HETATM 995  O O   . HOH B 2 .   ? -2.238  -14.404 12.349  1.00 64.86 ? 2086 HOH B O   1 
HETATM 996  O O   . HOH B 2 .   ? 0.763   -17.002 11.086  1.00 49.56 ? 2087 HOH B O   1 
HETATM 997  O O   . HOH B 2 .   ? 2.007   -19.300 3.653   1.00 68.17 ? 2088 HOH B O   1 
HETATM 998  O O   . HOH B 2 .   ? 2.414   -17.383 6.780   1.00 54.25 ? 2089 HOH B O   1 
HETATM 999  O O   . HOH B 2 .   ? 1.233   -19.358 9.546   1.00 73.99 ? 2090 HOH B O   1 
HETATM 1000 O O   . HOH B 2 .   ? 4.426   -13.406 6.638   1.00 45.80 ? 2091 HOH B O   1 
HETATM 1001 O O   . HOH B 2 .   ? 4.662   -14.868 3.322   1.00 34.51 ? 2092 HOH B O   1 
HETATM 1002 O O   . HOH B 2 .   ? 6.970   -11.931 3.430   1.00 57.50 ? 2093 HOH B O   1 
HETATM 1003 O O   . HOH B 2 .   ? 5.889   -13.088 -0.403  1.00 39.89 ? 2094 HOH B O   1 
HETATM 1004 O O   . HOH B 2 .   ? 7.188   -9.304  3.238   1.00 26.77 ? 2095 HOH B O   1 
HETATM 1005 O O   . HOH B 2 .   ? 5.135   -12.784 -3.606  1.00 30.08 ? 2096 HOH B O   1 
HETATM 1006 O O   . HOH B 2 .   ? 3.326   -7.015  -13.336 1.00 32.35 ? 2097 HOH B O   1 
HETATM 1007 O O   . HOH B 2 .   ? 6.768   -10.431 -14.684 1.00 41.51 ? 2098 HOH B O   1 
HETATM 1008 O O   . HOH B 2 .   ? 10.170  -11.397 -12.431 1.00 67.16 ? 2099 HOH B O   1 
HETATM 1009 O O   . HOH B 2 .   ? 8.610   -6.916  -13.311 1.00 51.36 ? 2100 HOH B O   1 
HETATM 1010 O O   . HOH B 2 .   ? 9.197   -2.606  -12.023 1.00 42.30 ? 2101 HOH B O   1 
HETATM 1011 O O   . HOH B 2 .   ? 9.066   -15.410 -1.431  1.00 63.47 ? 2102 HOH B O   1 
HETATM 1012 O O   . HOH B 2 .   ? 9.368   -10.432 -1.002  1.00 44.21 ? 2103 HOH B O   1 
HETATM 1013 O O   . HOH B 2 .   ? 8.473   -12.470 0.356   1.00 52.07 ? 2104 HOH B O   1 
HETATM 1014 O O   . HOH B 2 .   ? 14.887  -3.559  -0.552  1.00 53.13 ? 2105 HOH B O   1 
HETATM 1015 O O   . HOH B 2 .   ? 15.747  -7.490  -2.280  1.00 62.20 ? 2106 HOH B O   1 
HETATM 1016 O O   . HOH B 2 .   ? 11.020  -5.409  -8.215  1.00 32.51 ? 2107 HOH B O   1 
HETATM 1017 O O   . HOH B 2 .   ? 9.101   -7.758  -1.581  1.00 27.64 ? 2108 HOH B O   1 
HETATM 1018 O O   . HOH B 2 .   ? 10.550  -7.569  0.840   1.00 53.66 ? 2109 HOH B O   1 
HETATM 1019 O O   . HOH B 2 .   ? 10.970  -2.626  1.197   1.00 36.92 ? 2110 HOH B O   1 
HETATM 1020 O O   . HOH B 2 .   ? 6.279   -1.714  9.758   1.00 23.80 ? 2111 HOH B O   1 
HETATM 1021 O O   . HOH B 2 .   ? 6.469   -1.995  5.468   1.00 23.75 ? 2112 HOH B O   1 
HETATM 1022 O O   . HOH B 2 .   ? 4.198   0.649   13.925  1.00 32.57 ? 2113 HOH B O   1 
HETATM 1023 O O   . HOH B 2 .   ? 3.133   -0.837  18.120  1.00 24.86 ? 2114 HOH B O   1 
HETATM 1024 O O   . HOH B 2 .   ? -3.041  -9.052  15.900  1.00 37.02 ? 2115 HOH B O   1 
HETATM 1025 O O   . HOH B 2 .   ? -5.472  -2.250  18.959  1.00 41.82 ? 2116 HOH B O   1 
HETATM 1026 O O   . HOH B 2 .   ? -5.791  -4.268  12.860  1.00 25.78 ? 2117 HOH B O   1 
HETATM 1027 O O   . HOH B 2 .   ? -5.803  2.302   17.589  1.00 61.01 ? 2118 HOH B O   1 
HETATM 1028 O O   . HOH B 2 .   ? -2.272  2.854   20.031  1.00 53.17 ? 2119 HOH B O   1 
HETATM 1029 O O   . HOH B 2 .   ? -2.734  4.826   15.662  1.00 45.81 ? 2120 HOH B O   1 
HETATM 1030 O O   . HOH B 2 .   ? 6.295   1.370   16.441  1.00 60.07 ? 2121 HOH B O   1 
HETATM 1031 O O   . HOH B 2 .   ? 2.304   6.082   14.573  1.00 48.83 ? 2122 HOH B O   1 
HETATM 1032 O O   . HOH B 2 .   ? 3.228   4.899   12.286  1.00 29.19 ? 2123 HOH B O   1 
HETATM 1033 O O   . HOH B 2 .   ? 10.636  4.178   6.778   1.00 43.02 ? 2124 HOH B O   1 
HETATM 1034 O O   . HOH B 2 .   ? 9.484   0.617   7.069   1.00 29.12 ? 2125 HOH B O   1 
HETATM 1035 O O   . HOH B 2 .   ? 11.111  5.640   3.906   1.00 28.74 ? 2126 HOH B O   1 
HETATM 1036 O O   . HOH B 2 .   ? 13.818  1.413   4.423   1.00 62.61 ? 2127 HOH B O   1 
HETATM 1037 O O   . HOH B 2 .   ? 13.045  -1.432  4.329   1.00 57.96 ? 2128 HOH B O   1 
HETATM 1038 O O   . HOH B 2 .   ? 15.941  2.211   -8.738  1.00 65.63 ? 2129 HOH B O   1 
HETATM 1039 O O   . HOH B 2 .   ? 13.801  -4.970  -9.635  1.00 70.65 ? 2130 HOH B O   1 
HETATM 1040 O O   . HOH B 2 .   ? 7.064   7.387   -15.230 1.00 61.92 ? 2131 HOH B O   1 
HETATM 1041 O O   . HOH B 2 .   ? 7.464   -0.829  -11.209 1.00 33.68 ? 2132 HOH B O   1 
HETATM 1042 O O   . HOH B 2 .   ? 4.561   5.895   -14.126 1.00 45.53 ? 2133 HOH B O   1 
HETATM 1043 O O   . HOH B 2 .   ? -8.018  9.256   -6.380  1.00 54.64 ? 2134 HOH B O   1 
HETATM 1044 O O   . HOH B 2 .   ? -5.694  7.069   -9.839  1.00 56.05 ? 2135 HOH B O   1 
HETATM 1045 O O   . HOH B 2 .   ? -15.328 -3.379  1.072   1.00 53.09 ? 2136 HOH B O   1 
HETATM 1046 O O   . HOH B 2 .   ? -16.701 -7.520  2.601   1.00 45.82 ? 2137 HOH B O   1 
HETATM 1047 O O   . HOH B 2 .   ? -18.021 -3.669  5.602   1.00 55.23 ? 2138 HOH B O   1 
HETATM 1048 O O   . HOH B 2 .   ? -14.290 3.624   -0.489  1.00 33.03 ? 2139 HOH B O   1 
HETATM 1049 O O   . HOH B 2 .   ? -14.036 -0.820  -5.036  1.00 32.13 ? 2140 HOH B O   1 
HETATM 1050 O O   . HOH B 2 .   ? -12.484 6.699   0.322   1.00 61.30 ? 2141 HOH B O   1 
HETATM 1051 O O   . HOH B 2 .   ? -9.842  6.562   -2.785  1.00 26.36 ? 2142 HOH B O   1 
HETATM 1052 O O   . HOH B 2 .   ? -5.144  15.397  1.408   1.00 64.01 ? 2143 HOH B O   1 
HETATM 1053 O O   . HOH B 2 .   ? -2.803  12.632  -4.223  1.00 51.10 ? 2144 HOH B O   1 
HETATM 1054 O O   . HOH B 2 .   ? -6.354  11.687  -3.577  1.00 53.51 ? 2145 HOH B O   1 
HETATM 1055 O O   . HOH B 2 .   ? -9.143  8.863   -3.914  1.00 42.11 ? 2146 HOH B O   1 
HETATM 1056 O O   . HOH B 2 .   ? -3.038  13.065  -1.654  1.00 48.52 ? 2147 HOH B O   1 
HETATM 1057 O O   . HOH B 2 .   ? -0.165  12.924  -2.656  1.00 41.70 ? 2148 HOH B O   1 
HETATM 1058 O O   . HOH B 2 .   ? 1.044   9.446   -11.518 1.00 39.74 ? 2149 HOH B O   1 
HETATM 1059 O O   . HOH B 2 .   ? 3.983   13.441  -10.625 1.00 44.71 ? 2150 HOH B O   1 
HETATM 1060 O O   . HOH B 2 .   ? 8.817   9.933   -13.200 1.00 58.03 ? 2151 HOH B O   1 
HETATM 1061 O O   . HOH B 2 .   ? 13.268  15.436  -7.683  1.00 24.11 ? 2152 HOH B O   1 
HETATM 1062 O O   . HOH B 2 .   ? 16.066  15.461  -11.051 1.00 42.19 ? 2153 HOH B O   1 
HETATM 1063 O O   . HOH B 2 .   ? 12.870  13.397  -13.688 1.00 49.58 ? 2154 HOH B O   1 
HETATM 1064 O O   . HOH B 2 .   ? 16.403  12.982  -9.755  1.00 37.97 ? 2155 HOH B O   1 
# 
